data_4KRI
#
_entry.id   4KRI
#
_cell.length_a   135.987
_cell.length_b   136.838
_cell.length_c   90.867
_cell.angle_alpha   90.00
_cell.angle_beta   118.39
_cell.angle_gamma   90.00
#
_symmetry.space_group_name_H-M   'C 1 2 1'
#
loop_
_entity.id
_entity.type
_entity.pdbx_description
1 polymer 'Phospholethanolamine N-methyltransferase 2'
2 non-polymer S-ADENOSYL-L-HOMOCYSTEINE
3 non-polymer '2-(methylamino)ethyl dihydrogen phosphate'
4 water water
#
_entity_poly.entity_id   1
_entity_poly.type   'polypeptide(L)'
_entity_poly.pdbx_seq_one_letter_code
;ASMPAVERQLIECLHHVIKGAEPQQVGILCPQDDQRKALTEQFGSKTATSFCKEVDSLKNLSNLDALIVNQALDEEINDS
EKLDKFITAALRSLRTDGVLILRQDLSKVKEMKKMAMLTDYFDVFRLEEGNGNVGFQFYAVNEVLDSVYVHQNWLDFIWT
LMKKPFPKDINGVVSFRDFLDRTQYTDTGIFAYEWIFGNNFISPGGWNQNLAILKRFGPMKTGQRMLDIGVGIGGGARQA
ASEFGLQVHGVDLSTNMLAVALERVHKEKDARVTYAVCDACEYEFEPNSFDYVFSRDCIQHIKDTDKLFSRIYRALKPGG
KVLITMYGVGHGTLSESFKEYVSQRQYYLKNLEQIEEIAKKTGFIDIEVENMTPRFKEILLEERERIEQDKETFLAKFSQ
NAYDGLVSGWKSKLQYIADDNHNWNFFAAVKPQ
;
_entity_poly.pdbx_strand_id   A,B,C
#
loop_
_chem_comp.id
_chem_comp.type
_chem_comp.name
_chem_comp.formula
1SH non-polymer '2-(methylamino)ethyl dihydrogen phosphate' 'C3 H10 N O4 P'
#
# COMPACT_ATOMS: atom_id res chain seq x y z
N ALA A 1 -16.88 9.41 2.81
CA ALA A 1 -17.85 8.50 2.21
C ALA A 1 -17.90 7.16 2.96
N SER A 2 -18.49 7.17 4.15
CA SER A 2 -18.46 6.03 5.06
C SER A 2 -19.58 4.99 4.84
N MET A 3 -19.48 3.87 5.53
CA MET A 3 -20.47 2.81 5.45
C MET A 3 -20.95 2.40 6.84
N PRO A 4 -22.09 1.67 6.92
CA PRO A 4 -22.66 1.27 8.22
C PRO A 4 -21.69 0.59 9.19
N ALA A 5 -20.59 0.03 8.67
CA ALA A 5 -19.55 -0.51 9.53
C ALA A 5 -19.01 0.54 10.49
N VAL A 6 -19.03 1.82 10.09
CA VAL A 6 -18.52 2.86 10.97
C VAL A 6 -19.37 3.04 12.23
N GLU A 7 -20.69 3.11 12.05
CA GLU A 7 -21.56 3.28 13.20
C GLU A 7 -21.48 2.08 14.15
N ARG A 8 -21.29 0.89 13.59
CA ARG A 8 -21.14 -0.27 14.45
C ARG A 8 -19.86 -0.16 15.28
N GLN A 9 -18.79 0.37 14.69
CA GLN A 9 -17.56 0.55 15.45
C GLN A 9 -17.71 1.61 16.55
N LEU A 10 -18.47 2.67 16.27
CA LEU A 10 -18.69 3.71 17.29
C LEU A 10 -19.38 3.10 18.52
N ILE A 11 -20.35 2.22 18.28
CA ILE A 11 -21.07 1.59 19.38
C ILE A 11 -20.20 0.55 20.08
N GLU A 12 -19.31 -0.11 19.33
CA GLU A 12 -18.36 -1.03 19.98
C GLU A 12 -17.44 -0.27 20.94
N CYS A 13 -17.00 0.92 20.53
CA CYS A 13 -16.19 1.77 21.41
C CYS A 13 -16.92 2.10 22.71
N LEU A 14 -18.22 2.38 22.60
CA LEU A 14 -19.04 2.65 23.79
C LEU A 14 -19.02 1.44 24.71
N HIS A 15 -19.21 0.25 24.13
CA HIS A 15 -19.23 -0.96 24.94
C HIS A 15 -17.89 -1.38 25.55
N HIS A 16 -16.78 -0.79 25.09
CA HIS A 16 -15.52 -1.01 25.79
C HIS A 16 -15.59 -0.50 27.22
N VAL A 17 -16.35 0.59 27.40
CA VAL A 17 -16.49 1.21 28.70
C VAL A 17 -17.69 0.67 29.47
N ILE A 18 -18.85 0.57 28.82
CA ILE A 18 -20.05 0.18 29.55
C ILE A 18 -20.32 -1.33 29.54
N LYS A 19 -19.51 -2.07 28.80
CA LYS A 19 -19.55 -3.54 28.85
C LYS A 19 -20.90 -4.10 28.38
N GLY A 20 -21.55 -4.87 29.23
CA GLY A 20 -22.81 -5.51 28.84
C GLY A 20 -24.04 -4.63 29.03
N ALA A 21 -23.84 -3.43 29.56
CA ALA A 21 -24.95 -2.50 29.81
C ALA A 21 -25.53 -1.97 28.52
N GLU A 22 -26.84 -1.71 28.52
CA GLU A 22 -27.40 -0.89 27.48
C GLU A 22 -27.66 0.48 28.09
N PRO A 23 -27.20 1.54 27.41
CA PRO A 23 -27.34 2.88 27.98
C PRO A 23 -28.80 3.31 28.03
N GLN A 24 -29.23 3.91 29.14
CA GLN A 24 -30.64 4.27 29.28
C GLN A 24 -30.99 5.49 28.45
N GLN A 25 -30.09 6.48 28.46
CA GLN A 25 -30.31 7.70 27.67
C GLN A 25 -29.10 7.99 26.79
N VAL A 26 -29.34 8.08 25.48
CA VAL A 26 -28.24 8.35 24.54
C VAL A 26 -28.55 9.63 23.77
N GLY A 27 -27.54 10.48 23.61
CA GLY A 27 -27.66 11.65 22.75
C GLY A 27 -26.77 11.44 21.54
N ILE A 28 -27.22 11.91 20.39
CA ILE A 28 -26.46 11.82 19.15
C ILE A 28 -26.38 13.19 18.50
N LEU A 29 -25.16 13.66 18.25
CA LEU A 29 -24.96 14.90 17.51
C LEU A 29 -24.30 14.51 16.20
N CYS A 30 -25.05 14.64 15.11
CA CYS A 30 -24.59 14.16 13.81
C CYS A 30 -25.37 14.88 12.73
N PRO A 31 -24.69 15.73 11.96
CA PRO A 31 -25.40 16.55 10.96
C PRO A 31 -25.88 15.74 9.75
N GLN A 32 -25.31 14.56 9.52
CA GLN A 32 -25.72 13.74 8.38
C GLN A 32 -26.79 12.72 8.77
N ASP A 33 -28.00 12.89 8.24
CA ASP A 33 -29.16 12.13 8.71
C ASP A 33 -29.06 10.61 8.57
N ASP A 34 -28.46 10.16 7.48
CA ASP A 34 -28.32 8.72 7.26
C ASP A 34 -27.40 8.04 8.29
N GLN A 35 -26.26 8.65 8.57
CA GLN A 35 -25.36 8.13 9.61
C GLN A 35 -26.03 8.17 10.99
N ARG A 36 -26.75 9.26 11.26
CA ARG A 36 -27.47 9.42 12.53
C ARG A 36 -28.51 8.31 12.75
N LYS A 37 -29.27 7.99 11.71
CA LYS A 37 -30.27 6.93 11.79
C LYS A 37 -29.64 5.54 11.94
N ALA A 38 -28.50 5.33 11.30
CA ALA A 38 -27.75 4.10 11.45
C ALA A 38 -27.30 3.90 12.90
N LEU A 39 -26.92 4.99 13.56
CA LEU A 39 -26.57 4.94 14.97
C LEU A 39 -27.79 4.61 15.82
N THR A 40 -28.91 5.26 15.52
CA THR A 40 -30.14 5.05 16.30
C THR A 40 -30.62 3.60 16.25
N GLU A 41 -30.54 2.97 15.08
CA GLU A 41 -31.04 1.61 14.91
C GLU A 41 -30.18 0.59 15.64
N GLN A 42 -29.02 1.02 16.13
CA GLN A 42 -28.13 0.17 16.90
C GLN A 42 -28.68 -0.08 18.30
N PHE A 43 -29.64 0.73 18.73
CA PHE A 43 -30.15 0.63 20.10
C PHE A 43 -31.52 -0.03 20.15
N GLY A 44 -31.80 -0.71 21.27
CA GLY A 44 -33.09 -1.36 21.48
C GLY A 44 -33.99 -0.60 22.44
N SER A 45 -35.06 -1.25 22.88
CA SER A 45 -36.13 -0.55 23.61
C SER A 45 -35.74 -0.08 25.01
N LYS A 46 -34.59 -0.53 25.53
CA LYS A 46 -34.15 -0.08 26.84
C LYS A 46 -33.41 1.25 26.75
N THR A 47 -33.26 1.77 25.53
CA THR A 47 -32.54 3.01 25.33
C THR A 47 -33.46 4.07 24.75
N ALA A 48 -33.41 5.27 25.32
CA ALA A 48 -34.11 6.42 24.73
C ALA A 48 -33.08 7.27 24.05
N THR A 49 -33.36 7.69 22.82
CA THR A 49 -32.35 8.43 22.06
C THR A 49 -32.84 9.84 21.71
N SER A 50 -31.96 10.83 21.90
CA SER A 50 -32.24 12.19 21.46
C SER A 50 -31.22 12.54 20.40
N PHE A 51 -31.63 13.20 19.32
CA PHE A 51 -30.63 13.62 18.34
C PHE A 51 -30.66 15.10 17.99
N CYS A 52 -29.50 15.63 17.65
CA CYS A 52 -29.45 16.99 17.14
C CYS A 52 -28.40 17.14 16.05
N LYS A 53 -28.47 18.25 15.33
CA LYS A 53 -27.65 18.43 14.13
C LYS A 53 -26.69 19.61 14.24
N GLU A 54 -26.80 20.37 15.34
CA GLU A 54 -25.87 21.47 15.61
C GLU A 54 -25.53 21.46 17.10
N VAL A 55 -24.37 21.97 17.46
CA VAL A 55 -23.94 21.88 18.85
C VAL A 55 -24.80 22.73 19.79
N ASP A 56 -25.40 23.80 19.29
CA ASP A 56 -26.22 24.64 20.17
C ASP A 56 -27.45 23.89 20.68
N SER A 57 -27.86 22.84 19.97
CA SER A 57 -28.98 22.02 20.42
C SER A 57 -28.58 21.11 21.59
N LEU A 58 -27.31 21.08 21.94
CA LEU A 58 -26.89 20.27 23.10
C LEU A 58 -27.48 20.81 24.40
N LYS A 59 -27.95 22.05 24.36
CA LYS A 59 -28.60 22.67 25.53
C LYS A 59 -29.90 21.94 25.88
N ASN A 60 -30.39 21.13 24.96
CA ASN A 60 -31.67 20.44 25.12
C ASN A 60 -31.48 19.02 25.60
N LEU A 61 -30.22 18.63 25.72
CA LEU A 61 -29.85 17.30 26.20
C LEU A 61 -29.30 17.34 27.62
N SER A 62 -29.71 16.37 28.44
CA SER A 62 -29.20 16.26 29.81
C SER A 62 -29.34 14.84 30.33
N ASN A 63 -28.65 14.55 31.43
CA ASN A 63 -28.74 13.24 32.09
C ASN A 63 -28.42 12.08 31.13
N LEU A 64 -27.48 12.31 30.21
CA LEU A 64 -27.15 11.29 29.21
C LEU A 64 -26.18 10.26 29.78
N ASP A 65 -26.40 9.00 29.44
CA ASP A 65 -25.40 7.97 29.74
C ASP A 65 -24.32 7.90 28.68
N ALA A 66 -24.64 8.33 27.46
CA ALA A 66 -23.66 8.36 26.39
C ALA A 66 -24.05 9.45 25.42
N LEU A 67 -23.03 10.12 24.90
CA LEU A 67 -23.20 11.11 23.87
C LEU A 67 -22.28 10.70 22.73
N ILE A 68 -22.87 10.48 21.56
CA ILE A 68 -22.10 10.10 20.38
C ILE A 68 -22.07 11.28 19.43
N VAL A 69 -20.87 11.75 19.10
CA VAL A 69 -20.72 12.94 18.27
C VAL A 69 -20.00 12.51 17.01
N ASN A 70 -20.67 12.62 15.87
CA ASN A 70 -20.14 12.02 14.65
C ASN A 70 -20.00 13.04 13.50
N GLN A 71 -18.75 13.37 13.18
CA GLN A 71 -18.43 14.31 12.09
C GLN A 71 -19.13 15.65 12.25
N ALA A 72 -19.11 16.18 13.46
CA ALA A 72 -19.87 17.40 13.78
C ALA A 72 -18.98 18.59 14.12
N LEU A 73 -17.67 18.37 14.16
CA LEU A 73 -16.77 19.36 14.72
C LEU A 73 -15.79 20.01 13.73
N ASP A 74 -16.15 20.05 12.45
CA ASP A 74 -15.27 20.65 11.44
C ASP A 74 -14.86 22.08 11.81
N GLU A 75 -15.82 22.86 12.30
CA GLU A 75 -15.54 24.23 12.71
C GLU A 75 -14.75 24.28 14.02
N GLU A 76 -15.18 23.47 14.99
CA GLU A 76 -14.58 23.49 16.33
C GLU A 76 -13.10 23.15 16.35
N ILE A 77 -12.67 22.21 15.51
CA ILE A 77 -11.27 21.80 15.56
C ILE A 77 -10.32 22.88 15.01
N ASN A 78 -10.90 23.93 14.44
CA ASN A 78 -10.10 25.05 13.92
C ASN A 78 -10.31 26.35 14.70
N ASP A 79 -11.07 26.27 15.79
CA ASP A 79 -11.47 27.46 16.54
C ASP A 79 -11.67 27.10 18.02
N SER A 80 -10.75 27.52 18.87
CA SER A 80 -10.75 27.09 20.27
C SER A 80 -11.96 27.60 21.05
N GLU A 81 -12.44 28.79 20.71
CA GLU A 81 -13.62 29.33 21.39
C GLU A 81 -14.85 28.49 21.10
N LYS A 82 -15.02 28.09 19.84
CA LYS A 82 -16.10 27.17 19.48
C LYS A 82 -15.89 25.79 20.09
N LEU A 83 -14.64 25.32 20.13
CA LEU A 83 -14.35 24.03 20.74
C LEU A 83 -14.66 24.06 22.23
N ASP A 84 -14.35 25.18 22.89
CA ASP A 84 -14.65 25.32 24.31
C ASP A 84 -16.15 25.26 24.59
N LYS A 85 -16.94 25.90 23.72
CA LYS A 85 -18.40 25.83 23.85
C LYS A 85 -18.90 24.39 23.73
N PHE A 86 -18.32 23.64 22.80
CA PHE A 86 -18.73 22.25 22.62
C PHE A 86 -18.36 21.40 23.81
N ILE A 87 -17.13 21.50 24.30
CA ILE A 87 -16.71 20.66 25.43
C ILE A 87 -17.57 20.97 26.63
N THR A 88 -17.84 22.25 26.83
CA THR A 88 -18.72 22.70 27.90
C THR A 88 -20.10 22.08 27.78
N ALA A 89 -20.68 22.14 26.59
CA ALA A 89 -22.04 21.64 26.37
C ALA A 89 -22.05 20.12 26.51
N ALA A 90 -21.00 19.46 26.04
CA ALA A 90 -20.92 18.01 26.15
C ALA A 90 -20.88 17.58 27.61
N LEU A 91 -20.05 18.24 28.41
CA LEU A 91 -19.96 17.95 29.85
C LEU A 91 -21.28 18.20 30.56
N ARG A 92 -21.96 19.29 30.23
CA ARG A 92 -23.24 19.56 30.88
C ARG A 92 -24.29 18.51 30.55
N SER A 93 -24.24 17.96 29.34
CA SER A 93 -25.28 17.04 28.90
C SER A 93 -25.14 15.64 29.51
N LEU A 94 -23.92 15.30 29.94
CA LEU A 94 -23.64 13.94 30.42
C LEU A 94 -23.80 13.80 31.92
N ARG A 95 -24.30 12.64 32.35
CA ARG A 95 -24.20 12.26 33.76
C ARG A 95 -22.75 12.02 34.12
N THR A 96 -22.40 12.14 35.41
CA THR A 96 -21.08 11.72 35.82
C THR A 96 -20.92 10.22 35.48
N ASP A 97 -19.74 9.89 34.97
CA ASP A 97 -19.40 8.55 34.42
C ASP A 97 -19.99 8.30 33.04
N GLY A 98 -20.69 9.29 32.50
CA GLY A 98 -21.23 9.18 31.15
C GLY A 98 -20.12 9.17 30.12
N VAL A 99 -20.36 8.55 28.98
CA VAL A 99 -19.30 8.33 28.01
C VAL A 99 -19.50 9.22 26.79
N LEU A 100 -18.43 9.88 26.34
CA LEU A 100 -18.44 10.59 25.07
C LEU A 100 -17.68 9.78 24.05
N ILE A 101 -18.35 9.45 22.94
CA ILE A 101 -17.69 8.83 21.80
C ILE A 101 -17.66 9.89 20.71
N LEU A 102 -16.47 10.34 20.34
CA LEU A 102 -16.35 11.44 19.40
C LEU A 102 -15.59 10.98 18.17
N ARG A 103 -16.24 11.03 17.02
CA ARG A 103 -15.61 10.65 15.77
C ARG A 103 -15.38 11.89 14.94
N GLN A 104 -14.13 12.13 14.55
CA GLN A 104 -13.82 13.25 13.68
C GLN A 104 -12.68 12.85 12.76
N ASP A 105 -12.89 13.05 11.45
CA ASP A 105 -11.85 12.78 10.46
C ASP A 105 -10.84 13.92 10.44
N LEU A 106 -9.56 13.61 10.61
CA LEU A 106 -8.51 14.63 10.61
C LEU A 106 -7.62 14.55 9.36
N SER A 107 -8.06 13.80 8.35
CA SER A 107 -7.25 13.62 7.15
C SER A 107 -7.11 14.90 6.31
N LYS A 108 -8.06 15.82 6.46
CA LYS A 108 -8.00 17.09 5.73
C LYS A 108 -7.38 18.17 6.60
N VAL A 109 -6.95 17.79 7.80
CA VAL A 109 -6.18 18.67 8.65
C VAL A 109 -4.70 18.38 8.46
N LYS A 110 -4.03 19.29 7.74
CA LYS A 110 -2.63 19.12 7.39
C LYS A 110 -1.73 18.89 8.60
N GLU A 111 -1.97 19.64 9.68
CA GLU A 111 -1.20 19.50 10.91
C GLU A 111 -1.26 18.05 11.45
N MET A 112 -0.14 17.35 11.41
CA MET A 112 -0.12 15.94 11.78
C MET A 112 -0.27 15.69 13.26
N LYS A 113 0.11 16.66 14.09
CA LYS A 113 -0.01 16.50 15.53
C LYS A 113 -1.42 16.81 16.01
N LYS A 114 -2.35 17.10 15.09
CA LYS A 114 -3.69 17.51 15.47
C LYS A 114 -4.39 16.53 16.42
N MET A 115 -4.29 15.24 16.14
CA MET A 115 -4.91 14.25 17.02
C MET A 115 -4.35 14.38 18.43
N ALA A 116 -3.05 14.54 18.54
CA ALA A 116 -2.41 14.64 19.85
C ALA A 116 -2.81 15.92 20.58
N MET A 117 -2.86 17.03 19.86
CA MET A 117 -3.21 18.31 20.46
C MET A 117 -4.67 18.33 20.91
N LEU A 118 -5.55 17.73 20.12
CA LEU A 118 -6.95 17.62 20.52
C LEU A 118 -7.08 16.76 21.77
N THR A 119 -6.36 15.64 21.81
CA THR A 119 -6.42 14.74 22.96
C THR A 119 -6.00 15.48 24.22
N ASP A 120 -4.90 16.24 24.13
CA ASP A 120 -4.45 17.00 25.29
C ASP A 120 -5.47 18.06 25.69
N TYR A 121 -6.09 18.69 24.69
CA TYR A 121 -7.06 19.73 24.96
C TYR A 121 -8.26 19.18 25.74
N PHE A 122 -8.77 18.04 25.29
CA PHE A 122 -9.89 17.38 25.97
C PHE A 122 -9.49 16.97 27.39
N ASP A 123 -8.23 16.53 27.54
CA ASP A 123 -7.77 15.98 28.81
C ASP A 123 -7.58 17.05 29.88
N VAL A 124 -7.34 18.29 29.42
CA VAL A 124 -7.01 19.40 30.30
C VAL A 124 -8.23 20.24 30.69
N PHE A 125 -9.23 20.28 29.81
CA PHE A 125 -10.40 21.13 30.03
C PHE A 125 -11.14 20.84 31.33
N ARG A 126 -11.49 21.89 32.07
CA ARG A 126 -12.22 21.75 33.32
C ARG A 126 -13.44 22.66 33.34
N LEU A 127 -14.55 22.16 33.89
CA LEU A 127 -15.76 22.96 34.01
C LEU A 127 -16.23 22.96 35.45
N GLU A 128 -16.58 24.14 35.97
CA GLU A 128 -17.15 24.20 37.31
C GLU A 128 -18.54 23.55 37.35
N GLU A 129 -18.73 22.63 38.28
CA GLU A 129 -20.04 22.00 38.48
C GLU A 129 -20.21 21.70 39.95
N GLY A 130 -21.16 22.39 40.59
CA GLY A 130 -21.31 22.26 42.03
C GLY A 130 -20.12 22.87 42.75
N ASN A 131 -19.62 22.19 43.77
CA ASN A 131 -18.49 22.72 44.54
C ASN A 131 -17.13 22.15 44.13
N GLY A 132 -17.06 21.63 42.91
CA GLY A 132 -15.82 21.14 42.35
C GLY A 132 -15.84 21.27 40.83
N ASN A 133 -14.92 20.59 40.16
CA ASN A 133 -14.88 20.61 38.70
C ASN A 133 -15.29 19.29 38.09
N VAL A 134 -15.67 19.33 36.81
CA VAL A 134 -15.84 18.11 36.03
C VAL A 134 -14.99 18.24 34.78
N GLY A 135 -14.66 17.10 34.19
CA GLY A 135 -13.86 17.09 32.99
C GLY A 135 -13.89 15.70 32.38
N PHE A 136 -13.19 15.51 31.28
CA PHE A 136 -13.14 14.18 30.67
C PHE A 136 -11.90 13.40 31.06
N GLN A 137 -12.10 12.16 31.50
CA GLN A 137 -11.01 11.22 31.71
C GLN A 137 -10.77 10.48 30.40
N PHE A 138 -9.49 10.34 30.03
CA PHE A 138 -9.14 9.68 28.77
C PHE A 138 -9.28 8.16 28.85
N TYR A 139 -9.86 7.56 27.80
CA TYR A 139 -9.86 6.11 27.66
C TYR A 139 -9.08 5.62 26.44
N ALA A 140 -9.41 6.11 25.25
CA ALA A 140 -8.69 5.67 24.06
C ALA A 140 -8.90 6.60 22.88
N VAL A 141 -7.99 6.51 21.92
CA VAL A 141 -8.23 7.04 20.58
C VAL A 141 -8.06 5.87 19.63
N ASN A 142 -9.08 5.59 18.83
CA ASN A 142 -9.00 4.55 17.82
C ASN A 142 -9.10 5.13 16.43
N GLU A 143 -8.68 4.36 15.45
CA GLU A 143 -8.93 4.71 14.06
C GLU A 143 -10.25 4.10 13.61
N VAL A 144 -10.98 4.85 12.77
CA VAL A 144 -12.14 4.29 12.10
C VAL A 144 -11.65 3.30 11.06
N LEU A 145 -11.97 2.01 11.24
CA LEU A 145 -11.35 0.97 10.41
C LEU A 145 -11.89 0.97 8.98
N ASP A 146 -13.16 1.34 8.82
CA ASP A 146 -13.73 1.44 7.49
C ASP A 146 -12.88 2.39 6.66
N SER A 147 -12.40 3.45 7.30
CA SER A 147 -11.67 4.47 6.55
C SER A 147 -10.30 3.96 6.13
N VAL A 148 -9.69 3.11 6.96
CA VAL A 148 -8.42 2.51 6.57
C VAL A 148 -8.60 1.58 5.37
N TYR A 149 -9.60 0.73 5.44
CA TYR A 149 -9.73 -0.35 4.46
C TYR A 149 -10.38 0.05 3.14
N VAL A 150 -11.20 1.10 3.16
CA VAL A 150 -11.94 1.53 1.97
C VAL A 150 -11.36 2.80 1.36
N HIS A 151 -10.82 3.66 2.21
CA HIS A 151 -10.37 4.97 1.75
C HIS A 151 -8.89 5.27 1.95
N GLN A 152 -8.10 4.27 2.33
CA GLN A 152 -6.69 4.47 2.65
C GLN A 152 -6.45 5.69 3.55
N ASN A 153 -7.29 5.81 4.57
CA ASN A 153 -7.25 6.94 5.49
C ASN A 153 -7.06 6.43 6.91
N TRP A 154 -5.89 6.73 7.49
CA TRP A 154 -5.52 6.30 8.84
C TRP A 154 -5.73 7.41 9.87
N LEU A 155 -6.24 8.55 9.42
CA LEU A 155 -6.40 9.71 10.31
C LEU A 155 -7.88 10.04 10.60
N ASP A 156 -8.73 9.04 10.57
CA ASP A 156 -10.14 9.22 10.91
C ASP A 156 -10.24 8.67 12.33
N PHE A 157 -10.46 9.55 13.32
CA PHE A 157 -10.29 9.13 14.73
C PHE A 157 -11.58 9.04 15.54
N ILE A 158 -11.59 8.15 16.53
CA ILE A 158 -12.66 8.04 17.51
C ILE A 158 -12.06 8.20 18.88
N TRP A 159 -12.49 9.22 19.62
CA TRP A 159 -12.07 9.35 21.02
C TRP A 159 -13.11 8.70 21.91
N THR A 160 -12.67 7.97 22.92
CA THR A 160 -13.56 7.48 23.95
C THR A 160 -13.14 8.17 25.23
N LEU A 161 -14.05 8.97 25.81
CA LEU A 161 -13.75 9.76 27.02
C LEU A 161 -14.88 9.58 28.01
N MET A 162 -14.60 9.77 29.30
CA MET A 162 -15.64 9.61 30.33
C MET A 162 -15.69 10.85 31.21
N LYS A 163 -16.89 11.32 31.52
CA LYS A 163 -17.04 12.48 32.41
C LYS A 163 -16.74 12.08 33.85
N LYS A 164 -15.87 12.84 34.51
CA LYS A 164 -15.47 12.54 35.89
C LYS A 164 -15.40 13.82 36.72
N PRO A 165 -15.52 13.67 38.05
CA PRO A 165 -15.35 14.82 38.95
C PRO A 165 -13.86 15.05 39.24
N PHE A 166 -13.45 16.31 39.39
CA PHE A 166 -12.05 16.63 39.69
C PHE A 166 -11.90 17.68 40.80
N PRO A 167 -10.82 17.57 41.59
CA PRO A 167 -10.48 18.62 42.57
C PRO A 167 -10.27 19.98 41.90
N LYS A 168 -10.10 21.03 42.69
CA LYS A 168 -9.99 22.38 42.12
C LYS A 168 -8.54 22.87 42.04
N VAL A 173 -0.48 16.63 40.44
CA VAL A 173 -0.83 15.23 40.16
C VAL A 173 -0.83 14.95 38.65
N VAL A 174 0.33 14.52 38.14
CA VAL A 174 0.50 14.34 36.69
C VAL A 174 0.18 12.91 36.26
N SER A 175 -0.61 12.77 35.20
CA SER A 175 -0.97 11.45 34.69
C SER A 175 0.22 10.71 34.09
N PHE A 176 0.12 9.39 34.04
CA PHE A 176 1.12 8.53 33.41
C PHE A 176 1.35 8.98 31.97
N ARG A 177 0.25 9.20 31.23
CA ARG A 177 0.32 9.63 29.84
C ARG A 177 1.07 10.96 29.74
N ASP A 178 0.73 11.90 30.63
CA ASP A 178 1.35 13.21 30.57
C ASP A 178 2.81 13.15 30.97
N PHE A 179 3.14 12.28 31.92
CA PHE A 179 4.52 12.06 32.31
C PHE A 179 5.37 11.60 31.13
N LEU A 180 4.86 10.63 30.37
CA LEU A 180 5.55 10.12 29.18
C LEU A 180 5.74 11.22 28.14
N ASP A 181 4.67 11.96 27.85
CA ASP A 181 4.68 12.99 26.81
C ASP A 181 5.50 14.22 27.18
N ARG A 182 5.66 14.49 28.47
CA ARG A 182 6.30 15.73 28.91
C ARG A 182 7.76 15.56 29.32
N THR A 183 8.19 14.32 29.49
CA THR A 183 9.54 14.07 29.98
C THR A 183 10.38 13.28 29.00
N GLN A 184 10.28 11.95 29.06
CA GLN A 184 11.13 11.10 28.23
C GLN A 184 10.76 11.16 26.75
N TYR A 185 9.46 11.20 26.48
CA TYR A 185 9.00 11.11 25.10
C TYR A 185 8.35 12.40 24.62
N THR A 186 9.04 13.52 24.85
CA THR A 186 8.75 14.76 24.14
C THR A 186 9.07 14.55 22.67
N ASP A 187 8.55 15.41 21.81
CA ASP A 187 8.85 15.31 20.40
C ASP A 187 10.37 15.32 20.13
N THR A 188 11.09 16.25 20.75
CA THR A 188 12.55 16.30 20.56
C THR A 188 13.24 15.07 21.12
N GLY A 189 12.77 14.58 22.26
CA GLY A 189 13.31 13.36 22.81
C GLY A 189 13.09 12.17 21.89
N ILE A 190 11.89 12.07 21.34
CA ILE A 190 11.56 11.00 20.41
C ILE A 190 12.48 11.04 19.19
N PHE A 191 12.59 12.19 18.54
CA PHE A 191 13.41 12.26 17.34
C PHE A 191 14.91 12.11 17.61
N ALA A 192 15.37 12.54 18.79
CA ALA A 192 16.76 12.31 19.16
C ALA A 192 17.01 10.82 19.37
N TYR A 193 16.06 10.13 20.02
CA TYR A 193 16.15 8.69 20.19
C TYR A 193 16.16 7.97 18.83
N GLU A 194 15.24 8.35 17.93
CA GLU A 194 15.19 7.73 16.61
C GLU A 194 16.53 7.88 15.87
N TRP A 195 17.16 9.03 16.07
CA TRP A 195 18.44 9.28 15.40
C TRP A 195 19.49 8.27 15.82
N ILE A 196 19.57 7.98 17.12
CA ILE A 196 20.55 7.02 17.60
C ILE A 196 20.16 5.56 17.37
N PHE A 197 18.88 5.23 17.56
CA PHE A 197 18.44 3.84 17.42
C PHE A 197 18.32 3.40 15.96
N GLY A 198 17.89 4.31 15.09
CA GLY A 198 17.68 3.98 13.69
C GLY A 198 16.27 4.38 13.26
N ASN A 199 16.10 4.68 11.97
CA ASN A 199 14.80 5.12 11.45
C ASN A 199 13.60 4.30 11.96
N ASN A 200 12.60 4.99 12.48
CA ASN A 200 11.34 4.40 12.96
C ASN A 200 11.43 3.58 14.25
N PHE A 201 12.60 3.53 14.87
CA PHE A 201 12.77 2.74 16.08
C PHE A 201 13.16 3.56 17.29
N ILE A 202 12.67 3.14 18.46
CA ILE A 202 13.05 3.73 19.74
C ILE A 202 13.60 2.62 20.64
N SER A 203 14.15 1.58 20.02
CA SER A 203 14.64 0.42 20.75
C SER A 203 16.04 0.05 20.28
N PRO A 204 16.84 -0.51 21.19
CA PRO A 204 18.23 -0.92 20.93
C PRO A 204 18.37 -1.72 19.64
N GLY A 205 19.29 -1.29 18.79
CA GLY A 205 19.69 -2.07 17.64
C GLY A 205 18.91 -1.81 16.35
N GLY A 206 17.85 -1.02 16.45
CA GLY A 206 17.08 -0.64 15.27
C GLY A 206 16.55 -1.80 14.45
N TRP A 207 16.52 -1.62 13.13
CA TRP A 207 15.84 -2.57 12.23
C TRP A 207 16.44 -3.97 12.31
N ASN A 208 17.76 -4.08 12.21
CA ASN A 208 18.39 -5.39 12.20
C ASN A 208 18.14 -6.15 13.50
N GLN A 209 18.16 -5.44 14.63
CA GLN A 209 17.98 -6.13 15.89
C GLN A 209 16.53 -6.56 16.07
N ASN A 210 15.62 -5.69 15.69
CA ASN A 210 14.21 -6.06 15.81
C ASN A 210 13.87 -7.27 14.94
N LEU A 211 14.52 -7.39 13.79
CA LEU A 211 14.26 -8.54 12.94
C LEU A 211 14.74 -9.83 13.60
N ALA A 212 15.90 -9.75 14.25
CA ALA A 212 16.45 -10.90 14.94
C ALA A 212 15.51 -11.33 16.08
N ILE A 213 14.93 -10.36 16.78
CA ILE A 213 14.00 -10.66 17.86
C ILE A 213 12.70 -11.28 17.32
N LEU A 214 12.17 -10.73 16.23
CA LEU A 214 10.94 -11.28 15.65
C LEU A 214 11.08 -12.73 15.25
N LYS A 215 12.26 -13.10 14.79
CA LYS A 215 12.51 -14.48 14.38
C LYS A 215 12.43 -15.47 15.54
N ARG A 216 12.60 -14.98 16.75
CA ARG A 216 12.55 -15.86 17.92
C ARG A 216 11.13 -16.26 18.31
N PHE A 217 10.14 -15.75 17.58
CA PHE A 217 8.76 -16.24 17.72
C PHE A 217 8.68 -17.64 17.14
N GLY A 218 9.61 -17.95 16.24
CA GLY A 218 9.52 -19.17 15.45
C GLY A 218 8.72 -18.91 14.19
N PRO A 219 8.21 -19.97 13.55
CA PRO A 219 7.45 -19.82 12.30
C PRO A 219 6.22 -18.94 12.49
N MET A 220 6.10 -17.92 11.65
CA MET A 220 4.89 -17.08 11.60
C MET A 220 4.36 -17.10 10.18
N LYS A 221 3.05 -16.96 10.03
CA LYS A 221 2.44 -17.04 8.71
C LYS A 221 1.72 -15.78 8.32
N THR A 222 1.69 -15.51 7.02
CA THR A 222 0.97 -14.37 6.48
C THR A 222 -0.46 -14.32 7.01
N GLY A 223 -0.87 -13.16 7.49
CA GLY A 223 -2.26 -12.97 7.87
C GLY A 223 -2.54 -13.25 9.34
N GLN A 224 -1.59 -13.86 10.04
CA GLN A 224 -1.76 -14.02 11.48
C GLN A 224 -1.82 -12.65 12.17
N ARG A 225 -2.47 -12.60 13.34
CA ARG A 225 -2.73 -11.33 13.98
C ARG A 225 -1.80 -11.08 15.15
N MET A 226 -1.15 -9.92 15.15
CA MET A 226 -0.23 -9.57 16.22
C MET A 226 -0.65 -8.30 16.92
N LEU A 227 -0.58 -8.32 18.26
CA LEU A 227 -0.75 -7.12 19.06
C LEU A 227 0.61 -6.64 19.48
N ASP A 228 0.93 -5.37 19.17
CA ASP A 228 2.22 -4.81 19.60
C ASP A 228 1.95 -3.82 20.72
N ILE A 229 2.47 -4.11 21.91
CA ILE A 229 2.24 -3.26 23.07
C ILE A 229 3.41 -2.29 23.22
N GLY A 230 3.12 -0.99 23.20
CA GLY A 230 4.15 0.02 23.29
C GLY A 230 4.87 0.19 21.97
N VAL A 231 4.09 0.40 20.92
CA VAL A 231 4.57 0.36 19.55
C VAL A 231 5.43 1.57 19.15
N GLY A 232 5.43 2.62 19.98
CA GLY A 232 6.31 3.76 19.76
C GLY A 232 5.98 4.47 18.46
N ILE A 233 7.00 4.77 17.64
CA ILE A 233 6.75 5.43 16.37
C ILE A 233 6.55 4.46 15.22
N GLY A 234 6.43 3.17 15.54
CA GLY A 234 5.81 2.23 14.60
C GLY A 234 6.74 1.31 13.83
N GLY A 235 8.05 1.52 13.95
CA GLY A 235 9.01 0.77 13.15
C GLY A 235 8.88 -0.74 13.26
N GLY A 236 8.68 -1.23 14.46
CA GLY A 236 8.54 -2.66 14.70
C GLY A 236 7.26 -3.23 14.11
N ALA A 237 6.14 -2.53 14.30
CA ALA A 237 4.89 -3.00 13.73
C ALA A 237 4.95 -3.02 12.21
N ARG A 238 5.50 -1.96 11.64
CA ARG A 238 5.61 -1.85 10.20
C ARG A 238 6.51 -2.94 9.63
N GLN A 239 7.55 -3.29 10.38
CA GLN A 239 8.47 -4.36 9.99
C GLN A 239 7.85 -5.75 10.07
N ALA A 240 7.09 -5.99 11.14
CA ALA A 240 6.36 -7.26 11.25
C ALA A 240 5.43 -7.46 10.07
N ALA A 241 4.76 -6.38 9.66
CA ALA A 241 3.85 -6.46 8.54
C ALA A 241 4.63 -6.63 7.24
N SER A 242 5.68 -5.84 7.04
CA SER A 242 6.33 -5.87 5.72
C SER A 242 7.17 -7.11 5.49
N GLU A 243 7.76 -7.65 6.56
CA GLU A 243 8.65 -8.79 6.46
C GLU A 243 7.94 -10.14 6.56
N PHE A 244 6.90 -10.20 7.38
CA PHE A 244 6.21 -11.47 7.61
C PHE A 244 4.77 -11.47 7.14
N GLY A 245 4.24 -10.32 6.73
CA GLY A 245 2.87 -10.27 6.25
C GLY A 245 1.84 -10.42 7.36
N LEU A 246 2.27 -10.10 8.58
CA LEU A 246 1.38 -10.14 9.73
C LEU A 246 0.41 -8.98 9.68
N GLN A 247 -0.79 -9.19 10.21
CA GLN A 247 -1.70 -8.08 10.50
C GLN A 247 -1.38 -7.63 11.91
N VAL A 248 -1.01 -6.36 12.06
CA VAL A 248 -0.47 -5.89 13.33
C VAL A 248 -1.28 -4.72 13.86
N HIS A 249 -1.71 -4.83 15.12
CA HIS A 249 -2.39 -3.72 15.78
C HIS A 249 -1.47 -3.23 16.85
N GLY A 250 -1.06 -1.97 16.75
CA GLY A 250 -0.12 -1.43 17.71
C GLY A 250 -0.78 -0.44 18.65
N VAL A 251 -0.45 -0.55 19.94
CA VAL A 251 -1.00 0.38 20.91
C VAL A 251 0.12 1.11 21.64
N ASP A 252 -0.13 2.37 21.99
CA ASP A 252 0.83 3.12 22.79
C ASP A 252 0.08 4.14 23.60
N LEU A 253 0.60 4.46 24.78
CA LEU A 253 -0.07 5.43 25.64
C LEU A 253 0.33 6.84 25.24
N SER A 254 1.49 6.97 24.61
CA SER A 254 1.97 8.30 24.25
C SER A 254 1.40 8.81 22.93
N THR A 255 0.68 9.94 22.96
CA THR A 255 0.18 10.55 21.73
C THR A 255 1.31 11.13 20.91
N ASN A 256 2.37 11.60 21.56
CA ASN A 256 3.56 12.06 20.83
C ASN A 256 4.15 10.95 19.94
N MET A 257 4.26 9.75 20.50
CA MET A 257 4.76 8.59 19.76
C MET A 257 3.82 8.21 18.63
N LEU A 258 2.55 8.04 18.97
CA LEU A 258 1.62 7.50 17.98
C LEU A 258 1.32 8.52 16.87
N ALA A 259 1.42 9.81 17.18
CA ALA A 259 1.26 10.81 16.14
C ALA A 259 2.23 10.55 14.97
N VAL A 260 3.45 10.15 15.32
CA VAL A 260 4.48 9.86 14.32
C VAL A 260 4.17 8.57 13.57
N ALA A 261 3.82 7.54 14.31
CA ALA A 261 3.46 6.27 13.69
C ALA A 261 2.31 6.45 12.69
N LEU A 262 1.29 7.22 13.10
CA LEU A 262 0.10 7.43 12.31
C LEU A 262 0.40 8.25 11.08
N GLU A 263 1.20 9.30 11.24
CA GLU A 263 1.58 10.14 10.10
C GLU A 263 2.26 9.29 9.05
N ARG A 264 3.14 8.41 9.52
CA ARG A 264 3.96 7.62 8.62
C ARG A 264 3.19 6.52 7.90
N VAL A 265 2.29 5.86 8.60
CA VAL A 265 1.51 4.84 7.91
C VAL A 265 0.47 5.46 6.97
N HIS A 266 -0.07 6.63 7.33
CA HIS A 266 -1.02 7.30 6.47
C HIS A 266 -0.36 7.73 5.16
N LYS A 267 0.90 8.13 5.24
CA LYS A 267 1.61 8.56 4.04
C LYS A 267 2.09 7.40 3.18
N GLU A 268 2.56 6.35 3.84
CA GLU A 268 3.20 5.22 3.16
C GLU A 268 2.21 4.14 2.75
N LYS A 269 1.16 3.98 3.57
CA LYS A 269 0.00 3.11 3.28
C LYS A 269 0.32 1.61 3.36
N ASP A 270 -0.12 0.97 4.45
CA ASP A 270 -0.04 -0.48 4.57
C ASP A 270 -1.24 -0.90 5.41
N ALA A 271 -2.24 -1.50 4.76
CA ALA A 271 -3.48 -1.84 5.45
C ALA A 271 -3.35 -2.97 6.46
N ARG A 272 -2.17 -3.57 6.55
CA ARG A 272 -1.92 -4.58 7.59
C ARG A 272 -1.73 -3.97 8.96
N VAL A 273 -1.52 -2.66 9.01
CA VAL A 273 -1.13 -2.01 10.25
C VAL A 273 -2.15 -0.99 10.72
N THR A 274 -2.58 -1.11 11.96
CA THR A 274 -3.49 -0.13 12.55
C THR A 274 -2.96 0.23 13.95
N TYR A 275 -3.40 1.34 14.51
CA TYR A 275 -2.87 1.85 15.77
C TYR A 275 -3.98 2.36 16.69
N ALA A 276 -3.74 2.35 18.01
CA ALA A 276 -4.69 2.95 18.97
C ALA A 276 -3.89 3.58 20.10
N VAL A 277 -4.34 4.75 20.59
CA VAL A 277 -3.76 5.31 21.81
C VAL A 277 -4.54 4.72 22.97
N CYS A 278 -3.85 4.01 23.87
CA CYS A 278 -4.49 3.48 25.08
C CYS A 278 -3.44 2.92 25.99
N ASP A 279 -3.85 2.68 27.23
CA ASP A 279 -2.98 2.07 28.24
C ASP A 279 -3.23 0.57 28.15
N ALA A 280 -2.20 -0.19 27.79
CA ALA A 280 -2.35 -1.62 27.54
C ALA A 280 -2.76 -2.42 28.78
N CYS A 281 -2.62 -1.80 29.95
CA CYS A 281 -3.07 -2.41 31.19
C CYS A 281 -4.56 -2.24 31.46
N GLU A 282 -5.19 -1.33 30.73
CA GLU A 282 -6.60 -1.00 30.97
C GLU A 282 -7.51 -1.39 29.83
N TYR A 283 -7.02 -1.25 28.61
CA TYR A 283 -7.86 -1.32 27.42
C TYR A 283 -8.49 -2.69 27.20
N GLU A 284 -9.71 -2.66 26.67
CA GLU A 284 -10.49 -3.88 26.46
C GLU A 284 -10.14 -4.53 25.12
N PHE A 285 -9.16 -5.45 25.13
CA PHE A 285 -8.82 -6.19 23.92
C PHE A 285 -9.80 -7.33 23.70
N GLU A 286 -9.98 -7.74 22.45
CA GLU A 286 -10.87 -8.85 22.16
C GLU A 286 -10.21 -10.11 22.70
N PRO A 287 -10.96 -10.89 23.48
CA PRO A 287 -10.30 -12.09 24.03
C PRO A 287 -10.08 -13.16 22.96
N ASN A 288 -9.03 -13.96 23.15
CA ASN A 288 -8.76 -15.13 22.32
C ASN A 288 -8.66 -14.76 20.86
N SER A 289 -8.04 -13.63 20.56
CA SER A 289 -8.11 -13.10 19.21
C SER A 289 -6.75 -12.93 18.55
N PHE A 290 -5.68 -12.85 19.33
CA PHE A 290 -4.36 -12.64 18.76
C PHE A 290 -3.51 -13.90 18.67
N ASP A 291 -2.85 -14.09 17.52
CA ASP A 291 -1.86 -15.15 17.40
C ASP A 291 -0.58 -14.85 18.19
N TYR A 292 -0.21 -13.57 18.26
CA TYR A 292 1.03 -13.15 18.89
C TYR A 292 0.81 -11.87 19.64
N VAL A 293 1.50 -11.73 20.76
CA VAL A 293 1.59 -10.45 21.44
C VAL A 293 3.08 -10.17 21.56
N PHE A 294 3.49 -9.00 21.10
CA PHE A 294 4.88 -8.64 21.05
C PHE A 294 5.05 -7.35 21.82
N SER A 295 6.09 -7.25 22.64
CA SER A 295 6.34 -5.98 23.30
C SER A 295 7.82 -5.75 23.35
N ARG A 296 8.27 -4.69 22.70
CA ARG A 296 9.71 -4.46 22.56
C ARG A 296 10.17 -3.26 23.39
N ASP A 297 10.79 -3.54 24.53
CA ASP A 297 11.41 -2.53 25.38
C ASP A 297 10.43 -1.48 25.86
N CYS A 298 9.26 -1.96 26.28
CA CYS A 298 8.17 -1.13 26.78
C CYS A 298 7.90 -1.39 28.26
N ILE A 299 7.90 -2.65 28.68
CA ILE A 299 7.25 -2.95 29.95
C ILE A 299 8.02 -2.54 31.20
N GLN A 300 9.25 -2.07 31.06
CA GLN A 300 9.92 -1.44 32.20
C GLN A 300 9.18 -0.18 32.66
N HIS A 301 8.29 0.33 31.80
CA HIS A 301 7.43 1.48 32.15
C HIS A 301 6.24 1.08 33.01
N ILE A 302 5.93 -0.21 33.06
CA ILE A 302 4.66 -0.69 33.62
C ILE A 302 4.84 -1.35 34.98
N LYS A 303 4.19 -0.78 35.99
CA LYS A 303 4.34 -1.28 37.36
C LYS A 303 3.67 -2.63 37.55
N ASP A 304 2.40 -2.72 37.18
CA ASP A 304 1.61 -3.92 37.47
C ASP A 304 1.83 -5.02 36.44
N THR A 305 2.96 -5.70 36.51
CA THR A 305 3.26 -6.80 35.58
C THR A 305 2.22 -7.93 35.62
N ASP A 306 1.76 -8.28 36.82
CA ASP A 306 0.70 -9.29 36.97
C ASP A 306 -0.55 -8.95 36.14
N LYS A 307 -1.03 -7.71 36.26
CA LYS A 307 -2.22 -7.31 35.53
C LYS A 307 -1.94 -7.36 34.03
N LEU A 308 -0.77 -6.86 33.62
CA LEU A 308 -0.42 -6.85 32.21
C LEU A 308 -0.38 -8.26 31.65
N PHE A 309 0.27 -9.16 32.38
CA PHE A 309 0.38 -10.54 31.91
C PHE A 309 -0.98 -11.24 31.82
N SER A 310 -1.89 -10.96 32.76
CA SER A 310 -3.22 -11.56 32.70
C SER A 310 -4.01 -11.01 31.50
N ARG A 311 -3.82 -9.72 31.20
CA ARG A 311 -4.46 -9.13 30.03
C ARG A 311 -3.93 -9.69 28.71
N ILE A 312 -2.62 -9.90 28.66
CA ILE A 312 -2.00 -10.55 27.51
C ILE A 312 -2.51 -11.98 27.34
N TYR A 313 -2.53 -12.74 28.42
CA TYR A 313 -3.05 -14.10 28.38
C TYR A 313 -4.48 -14.11 27.84
N ARG A 314 -5.31 -13.18 28.31
CA ARG A 314 -6.71 -13.11 27.90
C ARG A 314 -6.84 -12.84 26.38
N ALA A 315 -5.99 -11.95 25.88
CA ALA A 315 -6.09 -11.52 24.48
C ALA A 315 -5.56 -12.54 23.48
N LEU A 316 -4.65 -13.41 23.93
CA LEU A 316 -4.09 -14.44 23.05
C LEU A 316 -5.10 -15.53 22.75
N LYS A 317 -5.08 -16.04 21.51
CA LYS A 317 -5.75 -17.29 21.18
C LYS A 317 -5.08 -18.43 21.96
N PRO A 318 -5.85 -19.47 22.31
CA PRO A 318 -5.21 -20.69 22.82
C PRO A 318 -4.11 -21.13 21.85
N GLY A 319 -2.93 -21.44 22.36
CA GLY A 319 -1.79 -21.81 21.52
C GLY A 319 -0.98 -20.62 21.04
N GLY A 320 -1.48 -19.42 21.30
CA GLY A 320 -0.79 -18.19 20.89
C GLY A 320 0.47 -17.92 21.69
N LYS A 321 1.31 -17.02 21.19
CA LYS A 321 2.62 -16.80 21.79
C LYS A 321 2.87 -15.35 22.14
N VAL A 322 3.46 -15.13 23.32
CA VAL A 322 3.87 -13.80 23.75
C VAL A 322 5.39 -13.75 23.74
N LEU A 323 5.95 -12.62 23.29
CA LEU A 323 7.39 -12.40 23.29
C LEU A 323 7.63 -10.96 23.70
N ILE A 324 8.47 -10.77 24.72
CA ILE A 324 8.73 -9.44 25.26
C ILE A 324 10.24 -9.28 25.47
N THR A 325 10.78 -8.12 25.11
CA THR A 325 12.11 -7.73 25.60
C THR A 325 11.93 -6.51 26.48
N MET A 326 12.78 -6.36 27.49
CA MET A 326 12.58 -5.26 28.42
C MET A 326 13.88 -4.90 29.11
N TYR A 327 14.02 -3.66 29.58
CA TYR A 327 15.07 -3.35 30.54
C TYR A 327 14.71 -4.09 31.82
N GLY A 328 15.70 -4.69 32.47
CA GLY A 328 15.49 -5.34 33.76
C GLY A 328 16.58 -4.99 34.75
N VAL A 329 16.48 -5.50 35.96
CA VAL A 329 17.52 -5.26 36.95
C VAL A 329 18.35 -6.53 37.14
N GLY A 330 19.66 -6.35 37.28
CA GLY A 330 20.58 -7.45 37.43
C GLY A 330 20.76 -7.82 38.89
N HIS A 331 21.83 -8.57 39.17
CA HIS A 331 22.03 -9.06 40.52
C HIS A 331 23.21 -8.41 41.24
N GLY A 332 23.76 -7.37 40.65
CA GLY A 332 24.86 -6.65 41.28
C GLY A 332 24.39 -5.64 42.30
N THR A 333 25.33 -5.09 43.06
CA THR A 333 25.03 -4.06 44.02
C THR A 333 24.62 -2.78 43.30
N LEU A 334 23.43 -2.30 43.58
CA LEU A 334 22.90 -1.13 42.88
C LEU A 334 23.64 0.15 43.26
N SER A 335 24.05 0.94 42.27
CA SER A 335 24.68 2.23 42.54
C SER A 335 23.65 3.33 42.70
N GLU A 336 24.01 4.39 43.43
CA GLU A 336 23.11 5.52 43.64
C GLU A 336 22.76 6.18 42.30
N SER A 337 23.73 6.17 41.39
CA SER A 337 23.56 6.74 40.07
C SER A 337 22.52 5.95 39.26
N PHE A 338 22.58 4.63 39.35
CA PHE A 338 21.61 3.80 38.64
C PHE A 338 20.23 4.00 39.23
N LYS A 339 20.16 4.07 40.56
CA LYS A 339 18.89 4.25 41.26
C LYS A 339 18.25 5.61 40.93
N GLU A 340 19.07 6.65 40.79
CA GLU A 340 18.57 7.96 40.39
C GLU A 340 18.07 7.93 38.95
N TYR A 341 18.76 7.18 38.09
CA TYR A 341 18.35 6.99 36.71
C TYR A 341 17.00 6.26 36.68
N VAL A 342 16.88 5.22 37.50
CA VAL A 342 15.63 4.45 37.53
C VAL A 342 14.47 5.29 38.05
N SER A 343 14.72 6.09 39.08
CA SER A 343 13.69 6.94 39.66
C SER A 343 13.26 8.06 38.72
N GLN A 344 14.21 8.65 38.00
CA GLN A 344 13.93 9.74 37.08
C GLN A 344 13.15 9.22 35.88
N ARG A 345 13.45 8.01 35.42
CA ARG A 345 12.73 7.40 34.31
C ARG A 345 11.40 6.81 34.77
N GLN A 346 11.26 6.65 36.08
CA GLN A 346 10.16 5.90 36.68
C GLN A 346 10.03 4.48 36.15
N TYR A 347 11.17 3.81 35.95
CA TYR A 347 11.12 2.40 35.55
C TYR A 347 10.77 1.51 36.74
N TYR A 348 9.96 0.50 36.47
CA TYR A 348 9.66 -0.55 37.45
C TYR A 348 10.35 -1.82 36.99
N LEU A 349 11.61 -2.00 37.39
CA LEU A 349 12.41 -3.10 36.89
C LEU A 349 12.24 -4.41 37.65
N LYS A 350 12.26 -5.51 36.91
CA LYS A 350 12.19 -6.85 37.48
C LYS A 350 13.38 -7.66 36.98
N ASN A 351 13.65 -8.78 37.66
CA ASN A 351 14.64 -9.74 37.15
C ASN A 351 13.96 -10.91 36.46
N LEU A 352 14.74 -11.83 35.89
CA LEU A 352 14.13 -12.91 35.11
C LEU A 352 13.34 -13.88 36.00
N GLU A 353 13.82 -14.05 37.22
CA GLU A 353 13.15 -14.94 38.18
C GLU A 353 11.74 -14.42 38.40
N GLN A 354 11.62 -13.10 38.52
CA GLN A 354 10.33 -12.50 38.82
C GLN A 354 9.37 -12.62 37.65
N ILE A 355 9.89 -12.39 36.45
CA ILE A 355 9.09 -12.51 35.24
C ILE A 355 8.58 -13.93 35.08
N GLU A 356 9.45 -14.91 35.32
CA GLU A 356 9.03 -16.30 35.19
C GLU A 356 7.94 -16.68 36.22
N GLU A 357 8.10 -16.20 37.45
CA GLU A 357 7.10 -16.42 38.51
C GLU A 357 5.72 -15.92 38.10
N ILE A 358 5.69 -14.70 37.59
CA ILE A 358 4.45 -14.08 37.17
C ILE A 358 3.83 -14.83 35.99
N ALA A 359 4.68 -15.25 35.06
CA ALA A 359 4.16 -15.94 33.87
C ALA A 359 3.57 -17.29 34.24
N LYS A 360 4.21 -18.00 35.18
CA LYS A 360 3.65 -19.26 35.66
C LYS A 360 2.30 -19.07 36.34
N LYS A 361 2.22 -18.08 37.22
CA LYS A 361 0.97 -17.78 37.94
C LYS A 361 -0.17 -17.44 36.97
N THR A 362 0.18 -16.70 35.92
CA THR A 362 -0.78 -16.30 34.90
C THR A 362 -1.32 -17.49 34.11
N GLY A 363 -0.50 -18.54 33.98
CA GLY A 363 -0.95 -19.74 33.31
C GLY A 363 -0.23 -20.06 32.01
N PHE A 364 0.80 -19.28 31.70
CA PHE A 364 1.62 -19.53 30.51
C PHE A 364 2.43 -20.83 30.65
N ILE A 365 2.65 -21.49 29.53
CA ILE A 365 3.51 -22.68 29.49
C ILE A 365 4.65 -22.46 28.51
N ASP A 366 5.56 -23.42 28.39
CA ASP A 366 6.72 -23.30 27.48
C ASP A 366 7.44 -21.97 27.65
N ILE A 367 7.74 -21.63 28.91
CA ILE A 367 8.39 -20.35 29.22
C ILE A 367 9.87 -20.36 28.89
N GLU A 368 10.30 -19.37 28.10
CA GLU A 368 11.72 -19.15 27.81
C GLU A 368 12.14 -17.80 28.36
N VAL A 369 13.23 -17.77 29.12
CA VAL A 369 13.80 -16.49 29.55
C VAL A 369 15.27 -16.44 29.18
N GLU A 370 15.75 -15.25 28.85
CA GLU A 370 17.17 -15.07 28.54
C GLU A 370 17.73 -13.73 28.97
N ASN A 371 18.94 -13.76 29.54
CA ASN A 371 19.65 -12.53 29.86
C ASN A 371 20.45 -12.11 28.63
N MET A 372 19.96 -11.08 27.93
CA MET A 372 20.61 -10.63 26.69
C MET A 372 21.51 -9.43 26.92
N THR A 373 21.91 -9.23 28.18
CA THR A 373 22.75 -8.09 28.50
C THR A 373 24.06 -8.01 27.68
N PRO A 374 24.70 -9.17 27.38
CA PRO A 374 25.90 -9.02 26.55
C PRO A 374 25.64 -8.45 25.16
N ARG A 375 24.51 -8.79 24.54
CA ARG A 375 24.14 -8.16 23.27
C ARG A 375 23.83 -6.67 23.46
N PHE A 376 23.14 -6.33 24.53
CA PHE A 376 22.81 -4.95 24.86
C PHE A 376 24.09 -4.12 24.92
N LYS A 377 25.12 -4.67 25.56
CA LYS A 377 26.41 -3.98 25.67
C LYS A 377 27.01 -3.70 24.29
N GLU A 378 27.01 -4.70 23.41
CA GLU A 378 27.51 -4.53 22.04
C GLU A 378 26.76 -3.42 21.31
N ILE A 379 25.43 -3.42 21.46
CA ILE A 379 24.58 -2.42 20.81
C ILE A 379 24.91 -1.02 21.30
N LEU A 380 25.07 -0.86 22.62
CA LEU A 380 25.37 0.45 23.17
C LEU A 380 26.69 0.99 22.63
N LEU A 381 27.68 0.10 22.52
CA LEU A 381 28.99 0.49 21.99
C LEU A 381 28.94 0.92 20.53
N GLU A 382 28.20 0.17 19.72
CA GLU A 382 28.04 0.46 18.29
C GLU A 382 27.28 1.76 18.12
N GLU A 383 26.17 1.86 18.82
CA GLU A 383 25.34 3.05 18.77
C GLU A 383 26.17 4.30 19.14
N ARG A 384 26.96 4.20 20.20
CA ARG A 384 27.73 5.36 20.64
C ARG A 384 28.83 5.79 19.66
N GLU A 385 29.47 4.83 19.01
CA GLU A 385 30.49 5.22 18.03
C GLU A 385 29.80 5.97 16.89
N ARG A 386 28.54 5.64 16.66
CA ARG A 386 27.75 6.31 15.61
C ARG A 386 27.39 7.76 15.94
N ILE A 387 26.84 8.03 17.14
CA ILE A 387 26.57 9.41 17.56
C ILE A 387 27.85 10.24 17.63
N GLU A 388 28.91 9.63 18.14
CA GLU A 388 30.21 10.29 18.27
C GLU A 388 30.77 10.61 16.89
N GLN A 389 30.55 9.73 15.93
CA GLN A 389 31.11 9.90 14.59
C GLN A 389 30.29 10.85 13.73
N ASP A 390 28.97 10.88 13.94
CA ASP A 390 28.09 11.71 13.11
C ASP A 390 27.60 12.95 13.86
N LYS A 391 28.36 13.36 14.87
CA LYS A 391 28.13 14.57 15.65
C LYS A 391 27.67 15.77 14.80
N GLU A 392 28.42 16.07 13.74
CA GLU A 392 28.17 17.23 12.89
C GLU A 392 26.80 17.21 12.19
N THR A 393 26.36 16.03 11.77
CA THR A 393 25.05 15.90 11.13
C THR A 393 23.93 15.99 12.16
N PHE A 394 24.22 15.53 13.39
CA PHE A 394 23.26 15.61 14.48
C PHE A 394 22.99 17.06 14.90
N LEU A 395 24.07 17.83 15.04
CA LEU A 395 23.97 19.20 15.52
C LEU A 395 23.29 20.13 14.51
N ALA A 396 23.17 19.66 13.28
CA ALA A 396 22.42 20.40 12.26
C ALA A 396 20.92 20.29 12.51
N LYS A 397 20.51 19.25 13.23
CA LYS A 397 19.10 18.96 13.43
C LYS A 397 18.63 19.23 14.87
N PHE A 398 19.48 18.92 15.84
CA PHE A 398 19.12 19.06 17.25
C PHE A 398 20.11 19.93 18.00
N SER A 399 19.77 20.28 19.24
CA SER A 399 20.60 21.16 20.06
C SER A 399 21.84 20.44 20.61
N GLN A 400 22.78 21.23 21.11
CA GLN A 400 23.96 20.70 21.78
C GLN A 400 23.55 19.98 23.07
N ASN A 401 22.54 20.51 23.76
CA ASN A 401 22.05 19.91 25.00
C ASN A 401 21.50 18.50 24.76
N ALA A 402 20.79 18.35 23.64
CA ALA A 402 20.26 17.04 23.25
C ALA A 402 21.40 16.08 22.94
N TYR A 403 22.40 16.56 22.20
CA TYR A 403 23.56 15.75 21.83
C TYR A 403 24.33 15.21 23.04
N ASP A 404 24.68 16.09 23.97
CA ASP A 404 25.43 15.66 25.15
C ASP A 404 24.63 14.67 26.00
N GLY A 405 23.31 14.85 26.06
CA GLY A 405 22.45 13.95 26.79
C GLY A 405 22.45 12.54 26.23
N LEU A 406 22.57 12.42 24.91
CA LEU A 406 22.67 11.10 24.28
C LEU A 406 24.02 10.47 24.60
N VAL A 407 25.09 11.25 24.45
CA VAL A 407 26.42 10.74 24.72
C VAL A 407 26.58 10.29 26.16
N SER A 408 26.13 11.13 27.09
CA SER A 408 26.26 10.84 28.52
C SER A 408 25.34 9.70 28.94
N GLY A 409 24.20 9.59 28.29
CA GLY A 409 23.27 8.53 28.61
C GLY A 409 23.84 7.18 28.24
N TRP A 410 24.46 7.11 27.07
CA TRP A 410 25.00 5.84 26.60
C TRP A 410 26.24 5.46 27.43
N LYS A 411 27.07 6.44 27.74
CA LYS A 411 28.20 6.22 28.66
C LYS A 411 27.69 5.64 29.98
N SER A 412 26.65 6.25 30.55
CA SER A 412 26.09 5.82 31.82
C SER A 412 25.52 4.39 31.80
N LYS A 413 24.75 4.06 30.77
CA LYS A 413 24.21 2.71 30.65
C LYS A 413 25.30 1.64 30.60
N LEU A 414 26.41 1.95 29.93
CA LEU A 414 27.54 1.05 29.89
C LEU A 414 28.09 0.76 31.30
N GLN A 415 28.20 1.79 32.13
CA GLN A 415 28.61 1.59 33.52
C GLN A 415 27.55 0.85 34.36
N TYR A 416 26.27 1.10 34.08
CA TYR A 416 25.19 0.39 34.77
C TYR A 416 25.26 -1.10 34.46
N ILE A 417 25.63 -1.42 33.23
CA ILE A 417 25.80 -2.82 32.84
C ILE A 417 26.99 -3.41 33.58
N ALA A 418 28.06 -2.63 33.67
CA ALA A 418 29.30 -3.07 34.31
C ALA A 418 29.08 -3.48 35.76
N ASP A 419 28.22 -2.76 36.45
CA ASP A 419 27.92 -3.09 37.84
C ASP A 419 26.86 -4.19 37.96
N ASP A 420 26.41 -4.70 36.81
CA ASP A 420 25.28 -5.64 36.73
C ASP A 420 24.03 -5.08 37.39
N ASN A 421 23.80 -3.80 37.20
CA ASN A 421 22.55 -3.17 37.63
C ASN A 421 21.53 -3.27 36.49
N HIS A 422 21.95 -2.81 35.31
CA HIS A 422 21.08 -2.70 34.13
C HIS A 422 21.20 -3.98 33.31
N ASN A 423 20.08 -4.69 33.11
CA ASN A 423 20.08 -5.86 32.25
C ASN A 423 19.09 -5.70 31.10
N TRP A 424 19.26 -6.50 30.06
CA TRP A 424 18.33 -6.46 28.92
C TRP A 424 17.78 -7.87 28.79
N ASN A 425 16.50 -8.04 29.12
CA ASN A 425 15.92 -9.37 29.28
C ASN A 425 14.93 -9.77 28.18
N PHE A 426 14.89 -11.07 27.90
CA PHE A 426 14.00 -11.67 26.91
C PHE A 426 13.05 -12.64 27.62
N PHE A 427 11.77 -12.61 27.25
CA PHE A 427 10.78 -13.53 27.78
C PHE A 427 9.87 -13.97 26.64
N ALA A 428 9.62 -15.28 26.54
CA ALA A 428 8.60 -15.78 25.62
C ALA A 428 7.83 -16.90 26.27
N ALA A 429 6.58 -17.11 25.87
CA ALA A 429 5.77 -18.19 26.42
C ALA A 429 4.54 -18.38 25.55
N VAL A 430 3.83 -19.47 25.80
CA VAL A 430 2.64 -19.79 25.03
C VAL A 430 1.41 -19.99 25.92
N LYS A 431 0.24 -19.66 25.38
CA LYS A 431 -1.02 -19.91 26.06
C LYS A 431 -1.42 -21.34 25.76
N PRO A 432 -1.77 -22.13 26.79
CA PRO A 432 -2.03 -23.55 26.54
C PRO A 432 -3.12 -23.82 25.53
N GLN A 433 -2.92 -24.91 24.78
CA GLN A 433 -3.87 -25.61 23.87
C GLN A 433 -3.63 -25.51 22.35
N PRO B 4 9.52 -8.72 1.30
CA PRO B 4 9.80 -10.14 1.55
C PRO B 4 8.54 -10.90 1.91
N ALA B 5 7.47 -10.19 2.25
CA ALA B 5 6.21 -10.81 2.60
C ALA B 5 5.67 -11.64 1.43
N VAL B 6 5.94 -11.19 0.21
CA VAL B 6 5.49 -11.91 -0.97
C VAL B 6 6.16 -13.27 -1.09
N GLU B 7 7.48 -13.29 -0.96
CA GLU B 7 8.25 -14.53 -1.11
C GLU B 7 7.87 -15.54 -0.02
N ARG B 8 7.57 -15.03 1.17
CA ARG B 8 7.10 -15.91 2.23
C ARG B 8 5.73 -16.51 1.91
N GLN B 9 4.85 -15.73 1.28
CA GLN B 9 3.54 -16.26 0.90
C GLN B 9 3.67 -17.33 -0.19
N LEU B 10 4.60 -17.14 -1.11
CA LEU B 10 4.82 -18.14 -2.16
C LEU B 10 5.23 -19.47 -1.53
N ILE B 11 6.09 -19.42 -0.52
CA ILE B 11 6.54 -20.62 0.18
C ILE B 11 5.41 -21.26 0.99
N GLU B 12 4.54 -20.42 1.56
CA GLU B 12 3.38 -20.93 2.29
C GLU B 12 2.45 -21.70 1.35
N CYS B 13 2.27 -21.19 0.13
CA CYS B 13 1.43 -21.87 -0.87
C CYS B 13 1.97 -23.26 -1.15
N LEU B 14 3.29 -23.37 -1.23
CA LEU B 14 3.94 -24.67 -1.44
C LEU B 14 3.63 -25.61 -0.29
N HIS B 15 3.65 -25.09 0.93
CA HIS B 15 3.38 -25.92 2.11
C HIS B 15 1.91 -26.28 2.32
N HIS B 16 0.99 -25.62 1.61
CA HIS B 16 -0.40 -26.04 1.63
C HIS B 16 -0.49 -27.45 1.03
N VAL B 17 0.40 -27.71 0.06
CA VAL B 17 0.42 -29.00 -0.60
C VAL B 17 1.33 -30.01 0.13
N ILE B 18 2.59 -29.63 0.35
CA ILE B 18 3.56 -30.58 0.91
C ILE B 18 3.57 -30.61 2.45
N LYS B 19 2.77 -29.75 3.07
CA LYS B 19 2.60 -29.77 4.53
C LYS B 19 3.90 -29.45 5.29
N GLY B 20 4.25 -30.35 6.21
CA GLY B 20 5.41 -30.14 7.06
C GLY B 20 6.72 -30.59 6.44
N ALA B 21 6.63 -31.24 5.28
CA ALA B 21 7.82 -31.67 4.57
C ALA B 21 8.61 -30.47 4.04
N GLU B 22 9.91 -30.68 3.83
CA GLU B 22 10.73 -29.69 3.14
C GLU B 22 11.22 -30.34 1.85
N PRO B 23 11.16 -29.59 0.74
CA PRO B 23 11.46 -30.18 -0.57
C PRO B 23 12.95 -30.48 -0.67
N GLN B 24 13.31 -31.55 -1.39
CA GLN B 24 14.71 -31.90 -1.57
C GLN B 24 15.37 -31.03 -2.64
N GLN B 25 14.69 -30.90 -3.77
CA GLN B 25 15.15 -30.06 -4.88
C GLN B 25 14.15 -28.95 -5.14
N VAL B 26 14.59 -27.70 -5.08
CA VAL B 26 13.72 -26.58 -5.44
C VAL B 26 14.33 -25.80 -6.60
N GLY B 27 13.53 -25.53 -7.62
CA GLY B 27 13.98 -24.71 -8.74
C GLY B 27 13.31 -23.35 -8.67
N ILE B 28 14.06 -22.30 -8.97
CA ILE B 28 13.54 -20.93 -8.91
C ILE B 28 13.76 -20.18 -10.22
N LEU B 29 12.67 -19.73 -10.83
CA LEU B 29 12.73 -18.90 -12.03
C LEU B 29 12.26 -17.51 -11.65
N CYS B 30 13.19 -16.57 -11.53
CA CYS B 30 12.88 -15.25 -11.01
C CYS B 30 13.91 -14.24 -11.52
N PRO B 31 13.52 -13.41 -12.50
CA PRO B 31 14.41 -12.45 -13.17
C PRO B 31 15.01 -11.41 -12.22
N GLN B 32 14.29 -11.07 -11.15
CA GLN B 32 14.75 -10.05 -10.21
C GLN B 32 15.60 -10.65 -9.08
N ASP B 33 16.88 -10.31 -9.07
CA ASP B 33 17.85 -10.93 -8.16
C ASP B 33 17.52 -10.79 -6.68
N ASP B 34 17.02 -9.62 -6.27
CA ASP B 34 16.63 -9.40 -4.88
C ASP B 34 15.50 -10.34 -4.46
N GLN B 35 14.55 -10.55 -5.37
CA GLN B 35 13.45 -11.46 -5.09
C GLN B 35 13.92 -12.92 -5.08
N ARG B 36 14.87 -13.26 -5.95
CA ARG B 36 15.39 -14.63 -5.98
C ARG B 36 16.10 -15.01 -4.69
N LYS B 37 16.97 -14.12 -4.21
CA LYS B 37 17.77 -14.40 -3.04
C LYS B 37 16.90 -14.52 -1.80
N ALA B 38 15.87 -13.70 -1.72
CA ALA B 38 14.91 -13.77 -0.64
C ALA B 38 14.23 -15.14 -0.64
N LEU B 39 13.91 -15.63 -1.83
CA LEU B 39 13.34 -16.97 -1.98
C LEU B 39 14.32 -18.05 -1.51
N THR B 40 15.56 -17.95 -1.97
CA THR B 40 16.58 -18.96 -1.67
C THR B 40 16.83 -19.10 -0.17
N GLU B 41 16.90 -17.98 0.54
CA GLU B 41 17.18 -17.99 1.97
C GLU B 41 15.99 -18.40 2.83
N GLN B 42 14.89 -18.81 2.19
CA GLN B 42 13.74 -19.33 2.90
C GLN B 42 13.90 -20.83 3.15
N PHE B 43 14.81 -21.47 2.41
CA PHE B 43 15.03 -22.90 2.53
C PHE B 43 16.24 -23.27 3.39
N GLY B 44 16.20 -24.45 3.98
CA GLY B 44 17.24 -24.89 4.91
C GLY B 44 18.25 -25.84 4.30
N SER B 45 19.00 -26.53 5.17
CA SER B 45 20.08 -27.43 4.76
C SER B 45 19.58 -28.67 4.02
N LYS B 46 18.34 -29.06 4.29
CA LYS B 46 17.77 -30.27 3.69
C LYS B 46 17.33 -30.06 2.23
N THR B 47 17.44 -28.82 1.77
CA THR B 47 16.98 -28.45 0.43
C THR B 47 18.12 -27.92 -0.42
N ALA B 48 18.30 -28.51 -1.60
CA ALA B 48 19.24 -27.96 -2.59
C ALA B 48 18.46 -27.11 -3.58
N THR B 49 18.93 -25.89 -3.81
CA THR B 49 18.24 -24.95 -4.68
C THR B 49 18.99 -24.66 -5.96
N SER B 50 18.26 -24.53 -7.05
CA SER B 50 18.84 -24.17 -8.35
C SER B 50 18.00 -23.04 -8.94
N PHE B 51 18.63 -22.15 -9.69
CA PHE B 51 17.89 -21.03 -10.25
C PHE B 51 18.25 -20.71 -11.70
N CYS B 52 17.32 -20.08 -12.41
CA CYS B 52 17.58 -19.54 -13.74
C CYS B 52 16.79 -18.23 -13.87
N LYS B 53 17.09 -17.45 -14.91
CA LYS B 53 16.52 -16.11 -15.02
C LYS B 53 15.63 -15.91 -16.24
N GLU B 54 15.67 -16.86 -17.18
CA GLU B 54 14.74 -16.87 -18.31
C GLU B 54 14.04 -18.21 -18.44
N VAL B 55 12.84 -18.19 -19.02
CA VAL B 55 12.09 -19.42 -19.29
C VAL B 55 12.98 -20.41 -20.02
N ASP B 56 13.71 -19.92 -21.02
CA ASP B 56 14.49 -20.80 -21.87
C ASP B 56 15.65 -21.54 -21.18
N SER B 57 16.00 -21.13 -19.97
CA SER B 57 17.00 -21.87 -19.21
C SER B 57 16.37 -22.77 -18.14
N LEU B 58 15.04 -22.92 -18.20
CA LEU B 58 14.32 -23.86 -17.33
C LEU B 58 14.76 -25.28 -17.68
N LYS B 59 15.28 -25.46 -18.89
CA LYS B 59 15.73 -26.77 -19.34
C LYS B 59 16.98 -27.24 -18.61
N ASN B 60 17.64 -26.31 -17.92
CA ASN B 60 18.82 -26.65 -17.12
C ASN B 60 18.43 -27.16 -15.74
N LEU B 61 17.12 -27.11 -15.45
CA LEU B 61 16.60 -27.56 -14.16
C LEU B 61 15.93 -28.91 -14.32
N SER B 62 16.10 -29.79 -13.33
CA SER B 62 15.58 -31.15 -13.42
C SER B 62 15.31 -31.78 -12.04
N ASN B 63 14.42 -32.77 -12.02
CA ASN B 63 14.11 -33.53 -10.81
C ASN B 63 13.72 -32.67 -9.61
N LEU B 64 12.91 -31.64 -9.87
CA LEU B 64 12.47 -30.72 -8.82
C LEU B 64 11.27 -31.25 -8.05
N ASP B 65 11.24 -30.99 -6.74
CA ASP B 65 10.07 -31.27 -5.93
C ASP B 65 9.16 -30.05 -5.96
N ALA B 66 9.76 -28.90 -6.22
CA ALA B 66 9.02 -27.64 -6.29
C ALA B 66 9.69 -26.71 -7.28
N LEU B 67 8.89 -26.00 -8.06
CA LEU B 67 9.38 -24.99 -8.98
C LEU B 67 8.60 -23.72 -8.71
N ILE B 68 9.32 -22.65 -8.40
CA ILE B 68 8.69 -21.38 -8.07
C ILE B 68 9.03 -20.40 -9.18
N VAL B 69 7.98 -19.88 -9.83
CA VAL B 69 8.15 -18.99 -10.98
C VAL B 69 7.54 -17.65 -10.62
N ASN B 70 8.40 -16.64 -10.48
CA ASN B 70 7.97 -15.35 -9.93
C ASN B 70 8.18 -14.19 -10.90
N GLN B 71 7.07 -13.65 -11.40
CA GLN B 71 7.07 -12.50 -12.32
C GLN B 71 7.92 -12.75 -13.56
N ALA B 72 7.83 -13.94 -14.12
CA ALA B 72 8.71 -14.32 -15.21
C ALA B 72 8.00 -14.48 -16.54
N LEU B 73 6.69 -14.26 -16.55
CA LEU B 73 5.88 -14.60 -17.72
C LEU B 73 5.17 -13.41 -18.38
N ASP B 74 5.75 -12.21 -18.26
CA ASP B 74 5.20 -11.01 -18.90
C ASP B 74 4.86 -11.24 -20.37
N GLU B 75 5.76 -11.93 -21.09
CA GLU B 75 5.58 -12.17 -22.52
C GLU B 75 4.66 -13.37 -22.78
N GLU B 76 4.82 -14.41 -21.98
CA GLU B 76 4.13 -15.67 -22.23
C GLU B 76 2.62 -15.57 -22.06
N ILE B 77 2.16 -14.70 -21.14
CA ILE B 77 0.72 -14.54 -20.94
C ILE B 77 0.02 -13.87 -22.12
N ASN B 78 0.81 -13.38 -23.09
CA ASN B 78 0.26 -12.77 -24.28
C ASN B 78 0.72 -13.46 -25.57
N ASP B 79 1.21 -14.69 -25.44
CA ASP B 79 1.69 -15.45 -26.59
C ASP B 79 1.57 -16.95 -26.32
N SER B 80 0.59 -17.58 -26.96
CA SER B 80 0.29 -19.01 -26.77
C SER B 80 1.51 -19.89 -27.03
N GLU B 81 2.28 -19.57 -28.06
CA GLU B 81 3.45 -20.37 -28.41
C GLU B 81 4.56 -20.29 -27.35
N LYS B 82 4.75 -19.11 -26.76
CA LYS B 82 5.73 -18.94 -25.69
C LYS B 82 5.24 -19.57 -24.39
N LEU B 83 3.94 -19.47 -24.14
CA LEU B 83 3.35 -20.06 -22.94
C LEU B 83 3.47 -21.58 -22.99
N ASP B 84 3.27 -22.15 -24.18
CA ASP B 84 3.39 -23.59 -24.36
C ASP B 84 4.79 -24.08 -24.02
N LYS B 85 5.81 -23.35 -24.48
CA LYS B 85 7.19 -23.67 -24.17
C LYS B 85 7.44 -23.67 -22.67
N PHE B 86 6.86 -22.71 -21.97
CA PHE B 86 7.03 -22.63 -20.52
C PHE B 86 6.42 -23.83 -19.83
N ILE B 87 5.16 -24.11 -20.14
CA ILE B 87 4.43 -25.19 -19.46
C ILE B 87 5.15 -26.52 -19.70
N THR B 88 5.59 -26.72 -20.93
CA THR B 88 6.37 -27.90 -21.27
C THR B 88 7.65 -28.01 -20.44
N ALA B 89 8.43 -26.94 -20.38
CA ALA B 89 9.69 -26.96 -19.63
C ALA B 89 9.44 -27.11 -18.13
N ALA B 90 8.35 -26.50 -17.64
CA ALA B 90 7.97 -26.63 -16.25
C ALA B 90 7.64 -28.08 -15.91
N LEU B 91 6.85 -28.72 -16.75
CA LEU B 91 6.47 -30.12 -16.54
C LEU B 91 7.69 -31.03 -16.56
N ARG B 92 8.61 -30.76 -17.49
CA ARG B 92 9.82 -31.56 -17.61
C ARG B 92 10.75 -31.42 -16.42
N SER B 93 10.78 -30.22 -15.84
CA SER B 93 11.67 -29.95 -14.71
C SER B 93 11.20 -30.62 -13.42
N LEU B 94 9.90 -30.90 -13.34
CA LEU B 94 9.33 -31.43 -12.10
C LEU B 94 9.25 -32.96 -12.07
N ARG B 95 9.43 -33.51 -10.87
CA ARG B 95 9.13 -34.91 -10.64
C ARG B 95 7.61 -35.03 -10.56
N THR B 96 7.07 -36.23 -10.74
CA THR B 96 5.63 -36.44 -10.58
C THR B 96 5.27 -36.16 -9.12
N ASP B 97 4.15 -35.48 -8.92
CA ASP B 97 3.70 -34.96 -7.62
C ASP B 97 4.43 -33.68 -7.22
N GLY B 98 5.37 -33.24 -8.06
CA GLY B 98 6.07 -31.98 -7.84
C GLY B 98 5.12 -30.80 -7.97
N VAL B 99 5.45 -29.72 -7.28
CA VAL B 99 4.53 -28.58 -7.20
C VAL B 99 5.06 -27.36 -7.93
N LEU B 100 4.21 -26.75 -8.75
CA LEU B 100 4.52 -25.47 -9.37
C LEU B 100 3.80 -24.32 -8.68
N ILE B 101 4.57 -23.35 -8.20
CA ILE B 101 4.02 -22.12 -7.62
C ILE B 101 4.33 -21.00 -8.60
N LEU B 102 3.29 -20.44 -9.19
CA LEU B 102 3.44 -19.47 -10.26
C LEU B 102 2.82 -18.15 -9.84
N ARG B 103 3.64 -17.12 -9.74
CA ARG B 103 3.16 -15.79 -9.36
C ARG B 103 3.28 -14.89 -10.58
N GLN B 104 2.17 -14.27 -10.97
CA GLN B 104 2.16 -13.33 -12.08
C GLN B 104 1.10 -12.25 -11.84
N ASP B 105 1.50 -10.99 -11.94
CA ASP B 105 0.56 -9.87 -11.73
C ASP B 105 -0.25 -9.62 -13.00
N LEU B 106 -1.58 -9.54 -12.85
CA LEU B 106 -2.45 -9.34 -14.01
C LEU B 106 -3.17 -7.99 -13.95
N SER B 107 -2.71 -7.08 -13.07
CA SER B 107 -3.39 -5.81 -12.88
C SER B 107 -3.31 -4.90 -14.11
N LYS B 108 -2.25 -5.08 -14.90
CA LYS B 108 -2.04 -4.27 -16.10
C LYS B 108 -2.61 -4.92 -17.35
N VAL B 109 -3.15 -6.12 -17.21
CA VAL B 109 -3.82 -6.80 -18.32
C VAL B 109 -5.26 -6.33 -18.39
N LYS B 110 -5.60 -5.65 -19.49
CA LYS B 110 -6.90 -5.02 -19.65
C LYS B 110 -8.04 -6.03 -19.71
N GLU B 111 -7.72 -7.25 -20.16
CA GLU B 111 -8.70 -8.34 -20.22
C GLU B 111 -8.99 -8.91 -18.82
N MET B 112 -10.22 -8.72 -18.35
CA MET B 112 -10.56 -9.08 -16.97
C MET B 112 -10.81 -10.57 -16.72
N LYS B 113 -10.97 -11.35 -17.78
CA LYS B 113 -11.16 -12.79 -17.62
C LYS B 113 -9.82 -13.53 -17.75
N LYS B 114 -8.73 -12.76 -17.73
CA LYS B 114 -7.41 -13.33 -17.97
C LYS B 114 -7.02 -14.41 -16.95
N MET B 115 -7.30 -14.16 -15.67
CA MET B 115 -7.01 -15.15 -14.64
C MET B 115 -7.71 -16.48 -14.96
N ALA B 116 -9.00 -16.41 -15.28
CA ALA B 116 -9.76 -17.60 -15.62
C ALA B 116 -9.24 -18.31 -16.88
N MET B 117 -8.85 -17.53 -17.89
CA MET B 117 -8.38 -18.11 -19.13
C MET B 117 -7.05 -18.84 -18.93
N LEU B 118 -6.16 -18.26 -18.12
CA LEU B 118 -4.88 -18.90 -17.84
C LEU B 118 -5.07 -20.19 -17.05
N THR B 119 -5.99 -20.14 -16.09
CA THR B 119 -6.29 -21.30 -15.26
C THR B 119 -6.78 -22.46 -16.13
N ASP B 120 -7.71 -22.17 -17.04
CA ASP B 120 -8.18 -23.19 -17.98
C ASP B 120 -7.04 -23.67 -18.88
N TYR B 121 -6.16 -22.77 -19.29
CA TYR B 121 -5.07 -23.13 -20.19
C TYR B 121 -4.11 -24.13 -19.54
N PHE B 122 -3.76 -23.87 -18.28
CA PHE B 122 -2.93 -24.76 -17.48
C PHE B 122 -3.63 -26.09 -17.24
N ASP B 123 -4.95 -26.03 -17.00
CA ASP B 123 -5.72 -27.21 -16.66
C ASP B 123 -5.87 -28.16 -17.85
N VAL B 124 -5.78 -27.60 -19.05
CA VAL B 124 -6.02 -28.37 -20.27
C VAL B 124 -4.72 -28.94 -20.87
N PHE B 125 -3.61 -28.20 -20.71
CA PHE B 125 -2.37 -28.56 -21.39
C PHE B 125 -1.90 -29.95 -21.03
N ARG B 126 -1.43 -30.70 -22.03
CA ARG B 126 -0.96 -32.06 -21.81
C ARG B 126 0.36 -32.27 -22.55
N LEU B 127 1.28 -32.99 -21.91
CA LEU B 127 2.59 -33.25 -22.47
C LEU B 127 2.91 -34.74 -22.43
N GLU B 128 3.45 -35.27 -23.53
CA GLU B 128 3.78 -36.69 -23.57
C GLU B 128 5.01 -37.01 -22.72
N GLU B 129 4.83 -37.89 -21.74
CA GLU B 129 5.91 -38.31 -20.84
C GLU B 129 5.49 -39.55 -20.03
N GLY B 130 6.23 -40.64 -20.20
CA GLY B 130 6.05 -41.83 -19.36
C GLY B 130 5.06 -42.86 -19.89
N ASN B 131 4.97 -42.96 -21.21
CA ASN B 131 3.97 -43.80 -21.89
C ASN B 131 2.55 -43.40 -21.55
N GLY B 132 2.38 -42.10 -21.35
CA GLY B 132 1.08 -41.51 -21.07
C GLY B 132 1.28 -40.02 -21.18
N ASN B 133 0.42 -39.26 -20.52
CA ASN B 133 0.60 -37.82 -20.46
C ASN B 133 0.88 -37.37 -19.05
N VAL B 134 1.42 -36.16 -18.93
CA VAL B 134 1.52 -35.49 -17.66
C VAL B 134 0.90 -34.12 -17.87
N GLY B 135 0.49 -33.48 -16.79
CA GLY B 135 -0.12 -32.17 -16.88
C GLY B 135 -0.25 -31.63 -15.48
N PHE B 136 -0.76 -30.41 -15.36
CA PHE B 136 -0.91 -29.83 -14.04
C PHE B 136 -2.31 -30.04 -13.49
N GLN B 137 -2.39 -30.57 -12.28
CA GLN B 137 -3.65 -30.68 -11.57
C GLN B 137 -3.84 -29.37 -10.80
N PHE B 138 -5.04 -28.84 -10.84
CA PHE B 138 -5.35 -27.59 -10.17
C PHE B 138 -5.44 -27.76 -8.64
N TYR B 139 -4.80 -26.87 -7.89
CA TYR B 139 -5.03 -26.82 -6.45
C TYR B 139 -5.70 -25.51 -6.06
N ALA B 140 -5.10 -24.38 -6.45
CA ALA B 140 -5.65 -23.09 -6.05
C ALA B 140 -5.14 -21.92 -6.87
N VAL B 141 -5.91 -20.83 -6.83
CA VAL B 141 -5.38 -19.53 -7.22
C VAL B 141 -5.58 -18.60 -6.04
N ASN B 142 -4.50 -17.98 -5.57
CA ASN B 142 -4.60 -17.03 -4.47
C ASN B 142 -4.21 -15.64 -4.92
N GLU B 143 -4.59 -14.64 -4.13
CA GLU B 143 -4.08 -13.29 -4.34
C GLU B 143 -2.81 -13.08 -3.54
N VAL B 144 -1.86 -12.35 -4.10
CA VAL B 144 -0.71 -11.87 -3.36
C VAL B 144 -1.20 -10.82 -2.38
N LEU B 145 -1.15 -11.12 -1.09
CA LEU B 145 -1.76 -10.25 -0.09
C LEU B 145 -1.02 -8.92 0.08
N ASP B 146 0.29 -8.93 -0.10
CA ASP B 146 1.07 -7.71 0.00
C ASP B 146 0.56 -6.71 -1.03
N SER B 147 0.19 -7.21 -2.19
CA SER B 147 -0.29 -6.34 -3.25
C SER B 147 -1.64 -5.74 -2.88
N VAL B 148 -2.48 -6.51 -2.19
CA VAL B 148 -3.77 -6.00 -1.76
C VAL B 148 -3.58 -4.88 -0.75
N TYR B 149 -2.76 -5.14 0.26
CA TYR B 149 -2.74 -4.25 1.41
C TYR B 149 -1.84 -3.04 1.23
N VAL B 150 -0.85 -3.13 0.33
CA VAL B 150 0.11 -2.05 0.13
C VAL B 150 -0.14 -1.30 -1.20
N HIS B 151 -0.61 -2.01 -2.20
CA HIS B 151 -0.76 -1.40 -3.54
C HIS B 151 -2.17 -1.36 -4.12
N GLN B 152 -3.17 -1.62 -3.28
CA GLN B 152 -4.56 -1.73 -3.71
C GLN B 152 -4.74 -2.52 -5.00
N ASN B 153 -4.09 -3.67 -5.06
CA ASN B 153 -4.08 -4.49 -6.27
C ASN B 153 -4.58 -5.87 -5.87
N TRP B 154 -5.77 -6.22 -6.35
CA TRP B 154 -6.39 -7.51 -6.06
C TRP B 154 -6.13 -8.53 -7.17
N LEU B 155 -5.37 -8.15 -8.19
CA LEU B 155 -5.22 -9.00 -9.37
C LEU B 155 -3.79 -9.50 -9.55
N ASP B 156 -3.07 -9.65 -8.43
CA ASP B 156 -1.72 -10.20 -8.44
C ASP B 156 -1.88 -11.64 -7.96
N PHE B 157 -1.69 -12.60 -8.87
CA PHE B 157 -2.12 -13.97 -8.60
C PHE B 157 -1.01 -14.97 -8.40
N ILE B 158 -1.31 -15.98 -7.59
CA ILE B 158 -0.43 -17.12 -7.38
C ILE B 158 -1.22 -18.37 -7.71
N TRP B 159 -0.72 -19.16 -8.66
CA TRP B 159 -1.34 -20.45 -8.97
C TRP B 159 -0.56 -21.52 -8.22
N THR B 160 -1.28 -22.46 -7.61
CA THR B 160 -0.66 -23.64 -7.02
C THR B 160 -1.13 -24.82 -7.85
N LEU B 161 -0.19 -25.50 -8.49
CA LEU B 161 -0.52 -26.58 -9.43
C LEU B 161 0.36 -27.78 -9.14
N MET B 162 -0.15 -28.98 -9.36
CA MET B 162 0.64 -30.18 -9.09
C MET B 162 0.83 -31.00 -10.37
N LYS B 163 2.06 -31.43 -10.63
CA LYS B 163 2.30 -32.29 -11.79
C LYS B 163 1.71 -33.66 -11.55
N LYS B 164 0.88 -34.12 -12.48
CA LYS B 164 0.19 -35.40 -12.33
C LYS B 164 0.26 -36.21 -13.62
N PRO B 165 0.22 -37.55 -13.49
CA PRO B 165 0.13 -38.41 -14.67
C PRO B 165 -1.30 -38.47 -15.19
N PHE B 166 -1.46 -38.46 -16.51
CA PHE B 166 -2.77 -38.65 -17.11
C PHE B 166 -2.69 -39.73 -18.18
N PRO B 167 -3.79 -40.49 -18.35
CA PRO B 167 -4.06 -41.43 -19.44
C PRO B 167 -3.40 -41.04 -20.76
N VAL B 173 -12.88 -37.70 -19.33
CA VAL B 173 -13.27 -37.50 -17.93
C VAL B 173 -13.37 -36.00 -17.62
N VAL B 174 -14.31 -35.63 -16.75
CA VAL B 174 -14.68 -34.21 -16.58
C VAL B 174 -14.61 -33.74 -15.12
N SER B 175 -13.87 -32.66 -14.89
CA SER B 175 -13.70 -32.13 -13.53
C SER B 175 -14.96 -31.43 -13.03
N PHE B 176 -15.09 -31.36 -11.70
CA PHE B 176 -16.17 -30.65 -11.04
C PHE B 176 -16.08 -29.16 -11.40
N ARG B 177 -14.86 -28.63 -11.38
CA ARG B 177 -14.61 -27.24 -11.76
C ARG B 177 -15.13 -26.92 -13.17
N ASP B 178 -14.81 -27.77 -14.12
CA ASP B 178 -15.24 -27.55 -15.50
C ASP B 178 -16.75 -27.68 -15.67
N PHE B 179 -17.36 -28.61 -14.92
CA PHE B 179 -18.81 -28.79 -14.94
C PHE B 179 -19.53 -27.53 -14.52
N LEU B 180 -19.06 -26.90 -13.44
CA LEU B 180 -19.63 -25.64 -12.97
C LEU B 180 -19.46 -24.54 -14.01
N ASP B 181 -18.25 -24.38 -14.53
CA ASP B 181 -17.93 -23.32 -15.49
C ASP B 181 -18.62 -23.49 -16.84
N ARG B 182 -18.93 -24.72 -17.22
CA ARG B 182 -19.49 -24.97 -18.55
C ARG B 182 -20.99 -25.19 -18.57
N THR B 183 -21.61 -25.33 -17.40
CA THR B 183 -23.03 -25.66 -17.39
C THR B 183 -23.84 -24.60 -16.66
N GLN B 184 -24.00 -24.75 -15.36
CA GLN B 184 -24.85 -23.84 -14.61
C GLN B 184 -24.24 -22.44 -14.51
N TYR B 185 -22.91 -22.39 -14.39
CA TYR B 185 -22.26 -21.11 -14.14
C TYR B 185 -21.35 -20.64 -15.28
N THR B 186 -21.86 -20.75 -16.50
CA THR B 186 -21.26 -20.03 -17.62
C THR B 186 -21.42 -18.54 -17.36
N ASP B 187 -20.67 -17.70 -18.08
CA ASP B 187 -20.79 -16.26 -17.89
C ASP B 187 -22.22 -15.77 -18.11
N THR B 188 -22.87 -16.22 -19.18
CA THR B 188 -24.24 -15.80 -19.47
C THR B 188 -25.20 -16.28 -18.38
N GLY B 189 -25.00 -17.50 -17.91
CA GLY B 189 -25.80 -18.04 -16.83
C GLY B 189 -25.64 -17.25 -15.55
N ILE B 190 -24.40 -16.91 -15.22
CA ILE B 190 -24.12 -16.09 -14.04
C ILE B 190 -24.84 -14.75 -14.12
N PHE B 191 -24.72 -14.06 -15.25
CA PHE B 191 -25.28 -12.72 -15.35
C PHE B 191 -26.82 -12.72 -15.41
N ALA B 192 -27.39 -13.78 -15.98
CA ALA B 192 -28.84 -13.94 -15.97
C ALA B 192 -29.35 -14.17 -14.53
N TYR B 193 -28.64 -15.03 -13.80
CA TYR B 193 -28.96 -15.23 -12.40
C TYR B 193 -28.84 -13.93 -11.61
N GLU B 194 -27.76 -13.19 -11.84
CA GLU B 194 -27.59 -11.92 -11.15
C GLU B 194 -28.75 -10.97 -11.43
N TRP B 195 -29.26 -11.01 -12.66
CA TRP B 195 -30.38 -10.16 -13.03
C TRP B 195 -31.60 -10.46 -12.16
N ILE B 196 -31.92 -11.74 -11.96
CA ILE B 196 -33.14 -12.10 -11.24
C ILE B 196 -32.99 -12.05 -9.71
N PHE B 197 -31.78 -12.34 -9.22
CA PHE B 197 -31.57 -12.39 -7.78
C PHE B 197 -31.27 -11.00 -7.20
N GLY B 198 -30.51 -10.20 -7.95
CA GLY B 198 -30.13 -8.86 -7.53
C GLY B 198 -28.63 -8.60 -7.70
N ASN B 199 -28.25 -7.35 -7.93
CA ASN B 199 -26.83 -7.02 -8.17
C ASN B 199 -25.88 -7.69 -7.18
N ASN B 200 -24.86 -8.35 -7.72
CA ASN B 200 -23.82 -9.03 -6.95
C ASN B 200 -24.24 -10.34 -6.27
N PHE B 201 -25.47 -10.78 -6.47
CA PHE B 201 -25.95 -11.99 -5.79
C PHE B 201 -26.41 -13.08 -6.74
N ILE B 202 -26.14 -14.32 -6.37
CA ILE B 202 -26.62 -15.48 -7.11
C ILE B 202 -27.45 -16.33 -6.14
N SER B 203 -28.07 -15.68 -5.16
CA SER B 203 -28.81 -16.41 -4.13
C SER B 203 -30.16 -15.76 -3.83
N PRO B 204 -31.14 -16.58 -3.44
CA PRO B 204 -32.52 -16.14 -3.17
C PRO B 204 -32.61 -14.85 -2.37
N GLY B 205 -33.32 -13.87 -2.92
CA GLY B 205 -33.69 -12.68 -2.16
C GLY B 205 -32.67 -11.56 -2.15
N GLY B 206 -31.50 -11.82 -2.74
CA GLY B 206 -30.50 -10.77 -2.92
C GLY B 206 -30.06 -10.08 -1.63
N TRP B 207 -29.83 -8.78 -1.72
CA TRP B 207 -29.19 -8.03 -0.63
C TRP B 207 -29.99 -8.10 0.65
N ASN B 208 -31.28 -7.79 0.57
CA ASN B 208 -32.12 -7.78 1.78
C ASN B 208 -32.14 -9.13 2.48
N GLN B 209 -32.24 -10.20 1.70
CA GLN B 209 -32.34 -11.53 2.27
C GLN B 209 -31.01 -11.94 2.91
N ASN B 210 -29.91 -11.65 2.24
CA ASN B 210 -28.63 -12.01 2.82
C ASN B 210 -28.36 -11.27 4.13
N LEU B 211 -28.80 -10.02 4.21
CA LEU B 211 -28.59 -9.26 5.43
C LEU B 211 -29.38 -9.91 6.57
N ALA B 212 -30.59 -10.38 6.26
CA ALA B 212 -31.43 -11.04 7.25
C ALA B 212 -30.75 -12.31 7.73
N ILE B 213 -30.16 -13.07 6.81
CA ILE B 213 -29.46 -14.30 7.20
C ILE B 213 -28.20 -13.99 8.01
N LEU B 214 -27.44 -12.96 7.62
CA LEU B 214 -26.23 -12.60 8.36
C LEU B 214 -26.54 -12.21 9.81
N LYS B 215 -27.70 -11.60 10.03
CA LYS B 215 -28.09 -11.22 11.38
C LYS B 215 -28.30 -12.42 12.29
N ARG B 216 -28.54 -13.58 11.70
CA ARG B 216 -28.77 -14.77 12.51
C ARG B 216 -27.51 -15.39 13.13
N PHE B 217 -26.35 -14.88 12.77
CA PHE B 217 -25.11 -15.25 13.46
C PHE B 217 -25.17 -14.79 14.91
N GLY B 218 -25.96 -13.76 15.16
CA GLY B 218 -25.96 -13.11 16.46
C GLY B 218 -24.98 -11.96 16.39
N PRO B 219 -24.59 -11.40 17.55
CA PRO B 219 -23.63 -10.29 17.59
C PRO B 219 -22.31 -10.65 16.92
N MET B 220 -21.88 -9.79 15.99
CA MET B 220 -20.57 -9.91 15.33
C MET B 220 -19.84 -8.58 15.53
N LYS B 221 -18.50 -8.62 15.57
CA LYS B 221 -17.72 -7.43 15.87
C LYS B 221 -16.79 -7.06 14.74
N THR B 222 -16.51 -5.76 14.59
CA THR B 222 -15.57 -5.28 13.60
C THR B 222 -14.25 -6.04 13.71
N GLY B 223 -13.74 -6.52 12.58
CA GLY B 223 -12.40 -7.07 12.53
C GLY B 223 -12.36 -8.57 12.75
N GLN B 224 -13.48 -9.14 13.16
CA GLN B 224 -13.59 -10.60 13.25
C GLN B 224 -13.46 -11.20 11.86
N ARG B 225 -13.00 -12.44 11.81
CA ARG B 225 -12.65 -13.07 10.54
C ARG B 225 -13.70 -14.10 10.09
N MET B 226 -14.16 -13.94 8.85
CA MET B 226 -15.17 -14.84 8.30
C MET B 226 -14.65 -15.51 7.05
N LEU B 227 -14.88 -16.81 6.94
CA LEU B 227 -14.60 -17.56 5.72
C LEU B 227 -15.93 -17.74 5.03
N ASP B 228 -16.03 -17.35 3.75
CA ASP B 228 -17.28 -17.51 2.98
C ASP B 228 -17.04 -18.59 1.96
N ILE B 229 -17.77 -19.70 2.09
CA ILE B 229 -17.59 -20.84 1.20
C ILE B 229 -18.62 -20.78 0.07
N GLY B 230 -18.14 -20.69 -1.17
CA GLY B 230 -19.00 -20.57 -2.32
C GLY B 230 -19.48 -19.14 -2.48
N VAL B 231 -18.52 -18.23 -2.53
CA VAL B 231 -18.76 -16.80 -2.48
C VAL B 231 -19.36 -16.20 -3.78
N GLY B 232 -19.30 -16.95 -4.88
CA GLY B 232 -19.94 -16.53 -6.11
C GLY B 232 -19.33 -15.26 -6.67
N ILE B 233 -20.17 -14.32 -7.09
CA ILE B 233 -19.63 -13.06 -7.60
C ILE B 233 -19.41 -12.02 -6.49
N GLY B 234 -19.52 -12.45 -5.25
CA GLY B 234 -18.97 -11.68 -4.15
C GLY B 234 -19.89 -10.81 -3.31
N GLY B 235 -21.16 -10.71 -3.68
CA GLY B 235 -22.06 -9.77 -3.01
C GLY B 235 -22.17 -9.98 -1.51
N GLY B 236 -22.22 -11.24 -1.10
CA GLY B 236 -22.39 -11.55 0.32
C GLY B 236 -21.14 -11.20 1.11
N ALA B 237 -19.98 -11.55 0.56
CA ALA B 237 -18.73 -11.23 1.23
C ALA B 237 -18.58 -9.72 1.37
N ARG B 238 -18.87 -9.00 0.28
CA ARG B 238 -18.74 -7.55 0.30
C ARG B 238 -19.72 -6.92 1.29
N GLN B 239 -20.92 -7.50 1.39
CA GLN B 239 -21.92 -7.03 2.36
C GLN B 239 -21.48 -7.30 3.80
N ALA B 240 -20.89 -8.46 4.06
CA ALA B 240 -20.45 -8.75 5.43
C ALA B 240 -19.38 -7.74 5.84
N ALA B 241 -18.53 -7.38 4.89
CA ALA B 241 -17.50 -6.40 5.19
C ALA B 241 -18.10 -5.00 5.39
N SER B 242 -18.96 -4.57 4.48
CA SER B 242 -19.42 -3.19 4.53
C SER B 242 -20.44 -2.94 5.62
N GLU B 243 -21.22 -3.95 5.95
CA GLU B 243 -22.28 -3.80 6.94
C GLU B 243 -21.79 -4.06 8.36
N PHE B 244 -20.87 -5.01 8.51
CA PHE B 244 -20.45 -5.41 9.86
C PHE B 244 -18.97 -5.21 10.15
N GLY B 245 -18.22 -4.81 9.13
CA GLY B 245 -16.80 -4.55 9.33
C GLY B 245 -16.00 -5.81 9.48
N LEU B 246 -16.56 -6.94 9.04
CA LEU B 246 -15.82 -8.20 9.11
C LEU B 246 -14.71 -8.25 8.08
N GLN B 247 -13.63 -8.96 8.42
CA GLN B 247 -12.62 -9.33 7.43
C GLN B 247 -13.08 -10.64 6.83
N VAL B 248 -13.31 -10.66 5.52
CA VAL B 248 -13.91 -11.84 4.91
C VAL B 248 -12.99 -12.42 3.86
N HIS B 249 -12.74 -13.72 3.95
CA HIS B 249 -12.03 -14.41 2.87
C HIS B 249 -13.03 -15.30 2.14
N GLY B 250 -13.24 -15.06 0.86
CA GLY B 250 -14.24 -15.79 0.12
C GLY B 250 -13.59 -16.80 -0.81
N VAL B 251 -14.10 -18.03 -0.85
CA VAL B 251 -13.56 -19.02 -1.77
C VAL B 251 -14.63 -19.53 -2.72
N ASP B 252 -14.23 -19.87 -3.94
CA ASP B 252 -15.16 -20.48 -4.87
C ASP B 252 -14.38 -21.36 -5.82
N LEU B 253 -15.01 -22.42 -6.32
CA LEU B 253 -14.34 -23.32 -7.23
C LEU B 253 -14.48 -22.82 -8.68
N SER B 254 -15.46 -21.96 -8.92
CA SER B 254 -15.69 -21.45 -10.27
C SER B 254 -14.84 -20.22 -10.61
N THR B 255 -13.97 -20.35 -11.60
CA THR B 255 -13.21 -19.18 -12.04
C THR B 255 -14.11 -18.15 -12.71
N ASN B 256 -15.20 -18.60 -13.33
CA ASN B 256 -16.15 -17.66 -13.92
C ASN B 256 -16.75 -16.75 -12.86
N MET B 257 -17.15 -17.34 -11.74
CA MET B 257 -17.70 -16.59 -10.62
C MET B 257 -16.67 -15.64 -10.03
N LEU B 258 -15.50 -16.17 -9.71
CA LEU B 258 -14.53 -15.39 -8.97
C LEU B 258 -13.92 -14.27 -9.81
N ALA B 259 -13.84 -14.49 -11.13
CA ALA B 259 -13.37 -13.44 -12.03
C ALA B 259 -14.19 -12.17 -11.81
N VAL B 260 -15.50 -12.33 -11.66
CA VAL B 260 -16.39 -11.19 -11.47
C VAL B 260 -16.18 -10.55 -10.10
N ALA B 261 -16.12 -11.39 -9.07
CA ALA B 261 -15.89 -10.92 -7.71
C ALA B 261 -14.59 -10.12 -7.64
N LEU B 262 -13.57 -10.64 -8.28
CA LEU B 262 -12.24 -10.04 -8.26
C LEU B 262 -12.21 -8.72 -9.02
N GLU B 263 -12.84 -8.67 -10.19
CA GLU B 263 -12.92 -7.43 -10.97
C GLU B 263 -13.53 -6.35 -10.13
N ARG B 264 -14.64 -6.71 -9.48
CA ARG B 264 -15.43 -5.75 -8.74
C ARG B 264 -14.72 -5.23 -7.49
N VAL B 265 -14.04 -6.11 -6.75
CA VAL B 265 -13.32 -5.61 -5.58
C VAL B 265 -12.07 -4.79 -5.99
N HIS B 266 -11.42 -5.18 -7.08
CA HIS B 266 -10.27 -4.41 -7.57
C HIS B 266 -10.72 -3.00 -7.98
N LYS B 267 -11.90 -2.93 -8.57
CA LYS B 267 -12.44 -1.63 -9.01
C LYS B 267 -12.86 -0.78 -7.81
N GLU B 268 -13.58 -1.40 -6.88
CA GLU B 268 -14.23 -0.66 -5.79
C GLU B 268 -13.35 -0.47 -4.56
N LYS B 269 -12.51 -1.47 -4.30
CA LYS B 269 -11.46 -1.42 -3.29
C LYS B 269 -11.97 -1.46 -1.83
N ASP B 270 -11.82 -2.63 -1.23
CA ASP B 270 -12.14 -2.83 0.17
C ASP B 270 -11.17 -3.88 0.68
N ALA B 271 -10.17 -3.44 1.45
CA ALA B 271 -9.09 -4.33 1.91
C ALA B 271 -9.56 -5.38 2.93
N ARG B 272 -10.82 -5.31 3.36
CA ARG B 272 -11.39 -6.30 4.26
C ARG B 272 -11.68 -7.59 3.50
N VAL B 273 -11.74 -7.53 2.18
CA VAL B 273 -12.20 -8.69 1.41
C VAL B 273 -11.08 -9.24 0.52
N THR B 274 -10.84 -10.54 0.62
CA THR B 274 -9.90 -11.24 -0.26
C THR B 274 -10.58 -12.50 -0.79
N TYR B 275 -10.08 -13.04 -1.89
CA TYR B 275 -10.73 -14.17 -2.55
C TYR B 275 -9.69 -15.22 -2.95
N ALA B 276 -10.14 -16.47 -3.09
CA ALA B 276 -9.29 -17.53 -3.63
C ALA B 276 -10.13 -18.53 -4.41
N VAL B 277 -9.55 -19.05 -5.49
CA VAL B 277 -10.19 -20.12 -6.24
C VAL B 277 -9.67 -21.42 -5.66
N CYS B 278 -10.57 -22.23 -5.11
CA CYS B 278 -10.18 -23.54 -4.59
C CYS B 278 -11.45 -24.34 -4.27
N ASP B 279 -11.27 -25.63 -4.04
CA ASP B 279 -12.37 -26.49 -3.64
C ASP B 279 -12.37 -26.51 -2.11
N ALA B 280 -13.46 -26.06 -1.49
CA ALA B 280 -13.49 -25.91 -0.04
C ALA B 280 -13.32 -27.22 0.73
N CYS B 281 -13.53 -28.35 0.06
CA CYS B 281 -13.35 -29.67 0.67
C CYS B 281 -11.94 -30.24 0.59
N GLU B 282 -11.02 -29.49 0.00
CA GLU B 282 -9.66 -29.99 -0.22
C GLU B 282 -8.61 -29.00 0.31
N TYR B 283 -8.93 -27.72 0.24
CA TYR B 283 -7.98 -26.66 0.52
C TYR B 283 -7.52 -26.65 1.98
N GLU B 284 -6.27 -26.25 2.19
CA GLU B 284 -5.69 -26.22 3.52
C GLU B 284 -5.90 -24.87 4.22
N PHE B 285 -7.06 -24.70 4.84
CA PHE B 285 -7.33 -23.49 5.63
C PHE B 285 -6.52 -23.52 6.91
N GLU B 286 -6.20 -22.34 7.45
CA GLU B 286 -5.50 -22.27 8.73
C GLU B 286 -6.42 -22.80 9.81
N PRO B 287 -5.95 -23.77 10.60
CA PRO B 287 -6.80 -24.29 11.67
C PRO B 287 -7.04 -23.25 12.76
N ASN B 288 -8.21 -23.32 13.38
CA ASN B 288 -8.57 -22.48 14.52
C ASN B 288 -8.38 -21.01 14.25
N SER B 289 -8.77 -20.54 13.07
CA SER B 289 -8.43 -19.17 12.69
C SER B 289 -9.64 -18.28 12.38
N PHE B 290 -10.78 -18.88 12.07
CA PHE B 290 -11.98 -18.09 11.73
C PHE B 290 -12.98 -17.97 12.86
N ASP B 291 -13.48 -16.75 13.05
CA ASP B 291 -14.62 -16.52 13.98
C ASP B 291 -15.92 -17.07 13.41
N TYR B 292 -16.08 -16.97 12.09
CA TYR B 292 -17.31 -17.38 11.40
C TYR B 292 -16.99 -18.13 10.13
N VAL B 293 -17.81 -19.14 9.82
CA VAL B 293 -17.80 -19.73 8.49
C VAL B 293 -19.21 -19.60 7.97
N PHE B 294 -19.35 -19.03 6.78
CA PHE B 294 -20.65 -18.74 6.21
C PHE B 294 -20.73 -19.40 4.86
N SER B 295 -21.85 -20.05 4.56
CA SER B 295 -22.04 -20.58 3.23
C SER B 295 -23.48 -20.37 2.80
N ARG B 296 -23.65 -19.62 1.72
CA ARG B 296 -24.98 -19.22 1.31
C ARG B 296 -25.35 -19.92 0.00
N ASP B 297 -26.20 -20.95 0.11
CA ASP B 297 -26.78 -21.67 -1.02
C ASP B 297 -25.75 -22.26 -1.98
N CYS B 298 -24.71 -22.85 -1.39
CA CYS B 298 -23.64 -23.50 -2.10
C CYS B 298 -23.56 -25.02 -1.85
N ILE B 299 -23.82 -25.48 -0.62
CA ILE B 299 -23.39 -26.84 -0.30
C ILE B 299 -24.23 -27.97 -0.92
N GLN B 300 -25.35 -27.63 -1.55
CA GLN B 300 -26.07 -28.63 -2.35
C GLN B 300 -25.22 -29.11 -3.52
N HIS B 301 -24.15 -28.37 -3.84
CA HIS B 301 -23.22 -28.77 -4.89
C HIS B 301 -22.23 -29.83 -4.39
N ILE B 302 -22.12 -29.98 -3.07
CA ILE B 302 -21.04 -30.77 -2.50
C ILE B 302 -21.52 -32.11 -1.96
N LYS B 303 -21.00 -33.19 -2.53
CA LYS B 303 -21.44 -34.53 -2.14
C LYS B 303 -21.04 -34.93 -0.74
N ASP B 304 -19.76 -34.78 -0.42
CA ASP B 304 -19.21 -35.23 0.86
C ASP B 304 -19.41 -34.21 1.97
N THR B 305 -20.64 -34.09 2.45
CA THR B 305 -20.98 -33.17 3.53
C THR B 305 -20.14 -33.45 4.78
N ASP B 306 -19.95 -34.73 5.09
CA ASP B 306 -19.19 -35.11 6.29
C ASP B 306 -17.78 -34.51 6.27
N LYS B 307 -17.10 -34.63 5.14
CA LYS B 307 -15.76 -34.08 5.03
C LYS B 307 -15.79 -32.55 5.07
N LEU B 308 -16.76 -31.94 4.40
CA LEU B 308 -16.86 -30.48 4.43
C LEU B 308 -17.02 -30.01 5.86
N PHE B 309 -17.93 -30.65 6.60
CA PHE B 309 -18.21 -30.22 7.97
C PHE B 309 -16.99 -30.37 8.86
N SER B 310 -16.19 -31.41 8.64
CA SER B 310 -15.02 -31.62 9.46
C SER B 310 -13.94 -30.59 9.13
N ARG B 311 -13.87 -30.19 7.86
CA ARG B 311 -12.95 -29.12 7.46
C ARG B 311 -13.40 -27.77 8.01
N ILE B 312 -14.70 -27.55 8.07
CA ILE B 312 -15.22 -26.32 8.66
C ILE B 312 -14.92 -26.26 10.16
N TYR B 313 -15.17 -27.38 10.84
CA TYR B 313 -14.88 -27.47 12.27
C TYR B 313 -13.41 -27.16 12.54
N ARG B 314 -12.53 -27.74 11.73
CA ARG B 314 -11.10 -27.50 11.87
C ARG B 314 -10.70 -26.03 11.70
N ALA B 315 -11.31 -25.34 10.73
CA ALA B 315 -10.96 -23.95 10.43
C ALA B 315 -11.46 -22.95 11.46
N LEU B 316 -12.56 -23.30 12.15
CA LEU B 316 -13.12 -22.40 13.16
C LEU B 316 -12.28 -22.31 14.41
N LYS B 317 -12.21 -21.12 15.00
CA LYS B 317 -11.68 -20.95 16.34
C LYS B 317 -12.61 -21.67 17.31
N PRO B 318 -12.09 -22.16 18.45
CA PRO B 318 -13.00 -22.64 19.49
C PRO B 318 -13.99 -21.52 19.82
N GLY B 319 -15.27 -21.86 19.93
CA GLY B 319 -16.30 -20.83 20.12
C GLY B 319 -16.79 -20.18 18.84
N GLY B 320 -16.16 -20.50 17.72
CA GLY B 320 -16.56 -19.95 16.43
C GLY B 320 -17.89 -20.52 15.96
N LYS B 321 -18.51 -19.85 14.98
CA LYS B 321 -19.84 -20.23 14.55
C LYS B 321 -19.90 -20.49 13.05
N VAL B 322 -20.63 -21.52 12.66
CA VAL B 322 -20.91 -21.79 11.24
C VAL B 322 -22.38 -21.53 10.98
N LEU B 323 -22.70 -20.97 9.82
CA LEU B 323 -24.08 -20.73 9.44
C LEU B 323 -24.15 -21.01 7.96
N ILE B 324 -25.09 -21.88 7.59
CA ILE B 324 -25.21 -22.32 6.20
C ILE B 324 -26.68 -22.33 5.79
N THR B 325 -26.98 -21.81 4.61
CA THR B 325 -28.27 -22.07 4.00
C THR B 325 -28.02 -22.91 2.77
N MET B 326 -29.00 -23.72 2.38
CA MET B 326 -28.77 -24.64 1.27
C MET B 326 -30.08 -25.13 0.70
N TYR B 327 -30.05 -25.51 -0.56
CA TYR B 327 -31.13 -26.32 -1.10
C TYR B 327 -31.07 -27.68 -0.42
N GLY B 328 -32.24 -28.21 -0.05
CA GLY B 328 -32.29 -29.53 0.57
C GLY B 328 -33.49 -30.29 0.02
N VAL B 329 -33.70 -31.50 0.52
CA VAL B 329 -34.81 -32.32 0.05
C VAL B 329 -35.89 -32.43 1.14
N GLY B 330 -37.14 -32.32 0.71
CA GLY B 330 -38.28 -32.38 1.63
C GLY B 330 -38.68 -33.80 1.90
N HIS B 331 -39.91 -34.01 2.40
CA HIS B 331 -40.32 -35.36 2.73
C HIS B 331 -41.42 -35.92 1.85
N GLY B 332 -41.78 -35.21 0.79
CA GLY B 332 -42.76 -35.72 -0.15
C GLY B 332 -42.06 -36.57 -1.19
N THR B 333 -42.78 -37.55 -1.75
CA THR B 333 -42.17 -38.42 -2.76
C THR B 333 -41.67 -37.61 -3.96
N LEU B 334 -40.44 -37.89 -4.38
CA LEU B 334 -39.83 -37.09 -5.43
C LEU B 334 -40.45 -37.35 -6.80
N SER B 335 -40.85 -36.27 -7.46
CA SER B 335 -41.44 -36.38 -8.78
C SER B 335 -40.36 -36.66 -9.82
N GLU B 336 -40.78 -37.21 -10.96
CA GLU B 336 -39.84 -37.48 -12.06
C GLU B 336 -39.13 -36.18 -12.49
N SER B 337 -39.90 -35.10 -12.57
CA SER B 337 -39.35 -33.82 -12.99
C SER B 337 -38.33 -33.26 -11.99
N PHE B 338 -38.63 -33.38 -10.70
CA PHE B 338 -37.67 -32.95 -9.68
C PHE B 338 -36.37 -33.75 -9.76
N LYS B 339 -36.51 -35.06 -9.97
CA LYS B 339 -35.35 -35.93 -10.04
C LYS B 339 -34.50 -35.58 -11.25
N GLU B 340 -35.15 -35.25 -12.37
CA GLU B 340 -34.40 -34.85 -13.56
C GLU B 340 -33.63 -33.55 -13.30
N TYR B 341 -34.28 -32.61 -12.63
CA TYR B 341 -33.66 -31.34 -12.23
C TYR B 341 -32.43 -31.57 -11.34
N VAL B 342 -32.61 -32.40 -10.33
CA VAL B 342 -31.52 -32.68 -9.38
C VAL B 342 -30.32 -33.33 -10.10
N SER B 343 -30.61 -34.27 -10.98
CA SER B 343 -29.57 -34.96 -11.75
C SER B 343 -28.85 -34.04 -12.74
N GLN B 344 -29.59 -33.17 -13.41
CA GLN B 344 -28.99 -32.22 -14.36
C GLN B 344 -28.13 -31.18 -13.63
N ARG B 345 -28.55 -30.77 -12.44
CA ARG B 345 -27.77 -29.83 -11.63
C ARG B 345 -26.63 -30.52 -10.91
N GLN B 346 -26.72 -31.84 -10.79
CA GLN B 346 -25.82 -32.64 -9.93
C GLN B 346 -25.84 -32.15 -8.49
N TYR B 347 -27.03 -31.84 -7.99
CA TYR B 347 -27.17 -31.50 -6.58
C TYR B 347 -27.14 -32.76 -5.72
N TYR B 348 -26.58 -32.63 -4.52
CA TYR B 348 -26.57 -33.70 -3.54
C TYR B 348 -27.36 -33.21 -2.34
N LEU B 349 -28.65 -33.50 -2.33
CA LEU B 349 -29.56 -32.91 -1.36
C LEU B 349 -29.61 -33.74 -0.09
N LYS B 350 -29.70 -33.04 1.03
CA LYS B 350 -29.86 -33.67 2.33
C LYS B 350 -31.13 -33.11 2.98
N ASN B 351 -31.68 -33.82 3.96
CA ASN B 351 -32.74 -33.23 4.78
C ASN B 351 -32.18 -32.71 6.10
N LEU B 352 -33.00 -32.07 6.91
CA LEU B 352 -32.48 -31.43 8.11
C LEU B 352 -32.02 -32.44 9.14
N GLU B 353 -32.63 -33.62 9.15
CA GLU B 353 -32.22 -34.64 10.11
C GLU B 353 -30.82 -35.14 9.80
N GLN B 354 -30.51 -35.29 8.51
CA GLN B 354 -29.17 -35.70 8.11
C GLN B 354 -28.14 -34.65 8.45
N ILE B 355 -28.47 -33.38 8.19
CA ILE B 355 -27.55 -32.31 8.53
C ILE B 355 -27.26 -32.27 10.02
N GLU B 356 -28.31 -32.37 10.83
CA GLU B 356 -28.11 -32.28 12.26
C GLU B 356 -27.26 -33.44 12.76
N GLU B 357 -27.48 -34.64 12.23
CA GLU B 357 -26.69 -35.78 12.66
C GLU B 357 -25.23 -35.68 12.21
N ILE B 358 -25.00 -35.18 11.00
CA ILE B 358 -23.63 -34.93 10.56
C ILE B 358 -22.95 -33.89 11.46
N ALA B 359 -23.68 -32.84 11.80
CA ALA B 359 -23.10 -31.79 12.65
C ALA B 359 -22.72 -32.35 14.03
N LYS B 360 -23.58 -33.19 14.57
CA LYS B 360 -23.29 -33.80 15.87
C LYS B 360 -22.05 -34.68 15.82
N LYS B 361 -21.96 -35.51 14.78
CA LYS B 361 -20.82 -36.42 14.64
C LYS B 361 -19.51 -35.67 14.51
N THR B 362 -19.58 -34.49 13.89
CA THR B 362 -18.41 -33.64 13.71
C THR B 362 -17.95 -33.02 15.02
N GLY B 363 -18.88 -32.83 15.95
CA GLY B 363 -18.53 -32.29 17.25
C GLY B 363 -19.08 -30.91 17.53
N PHE B 364 -19.92 -30.42 16.63
CA PHE B 364 -20.60 -29.14 16.84
C PHE B 364 -21.59 -29.20 17.99
N ILE B 365 -21.78 -28.08 18.68
CA ILE B 365 -22.78 -27.95 19.72
C ILE B 365 -23.69 -26.77 19.39
N ASP B 366 -24.71 -26.53 20.21
CA ASP B 366 -25.70 -25.47 19.98
C ASP B 366 -26.25 -25.45 18.55
N ILE B 367 -26.64 -26.62 18.07
CA ILE B 367 -27.14 -26.77 16.69
C ILE B 367 -28.55 -26.21 16.53
N GLU B 368 -28.73 -25.32 15.54
CA GLU B 368 -30.06 -24.86 15.16
C GLU B 368 -30.30 -25.29 13.73
N VAL B 369 -31.47 -25.84 13.45
CA VAL B 369 -31.88 -26.09 12.07
C VAL B 369 -33.25 -25.45 11.83
N GLU B 370 -33.51 -25.00 10.62
CA GLU B 370 -34.83 -24.47 10.32
C GLU B 370 -35.18 -24.74 8.88
N ASN B 371 -36.43 -25.15 8.67
CA ASN B 371 -36.98 -25.31 7.35
C ASN B 371 -37.53 -23.95 6.90
N MET B 372 -36.81 -23.27 6.01
CA MET B 372 -37.22 -21.94 5.55
C MET B 372 -37.92 -22.00 4.22
N THR B 373 -38.46 -23.17 3.86
CA THR B 373 -39.17 -23.30 2.59
C THR B 373 -40.31 -22.29 2.37
N PRO B 374 -41.11 -21.98 3.42
CA PRO B 374 -42.14 -20.97 3.15
C PRO B 374 -41.57 -19.61 2.70
N ARG B 375 -40.47 -19.17 3.31
CA ARG B 375 -39.85 -17.92 2.86
C ARG B 375 -39.28 -18.06 1.44
N PHE B 376 -38.71 -19.23 1.14
CA PHE B 376 -38.24 -19.53 -0.21
C PHE B 376 -39.38 -19.37 -1.23
N LYS B 377 -40.57 -19.86 -0.91
CA LYS B 377 -41.71 -19.73 -1.81
C LYS B 377 -42.03 -18.26 -2.05
N GLU B 378 -42.05 -17.46 -0.98
CA GLU B 378 -42.33 -16.02 -1.10
C GLU B 378 -41.33 -15.34 -2.01
N ILE B 379 -40.05 -15.69 -1.85
CA ILE B 379 -38.99 -15.11 -2.64
C ILE B 379 -39.13 -15.46 -4.12
N LEU B 380 -39.43 -16.72 -4.41
CA LEU B 380 -39.58 -17.16 -5.80
C LEU B 380 -40.70 -16.40 -6.47
N LEU B 381 -41.81 -16.23 -5.76
CA LEU B 381 -42.97 -15.51 -6.29
C LEU B 381 -42.61 -14.06 -6.59
N GLU B 382 -41.87 -13.42 -5.69
CA GLU B 382 -41.50 -12.02 -5.87
C GLU B 382 -40.53 -11.86 -7.03
N GLU B 383 -39.52 -12.74 -7.08
CA GLU B 383 -38.51 -12.70 -8.13
C GLU B 383 -39.10 -12.94 -9.51
N ARG B 384 -40.00 -13.92 -9.62
CA ARG B 384 -40.58 -14.20 -10.93
C ARG B 384 -41.45 -13.05 -11.42
N GLU B 385 -42.22 -12.45 -10.50
CA GLU B 385 -43.05 -11.31 -10.85
C GLU B 385 -42.18 -10.14 -11.30
N ARG B 386 -41.05 -9.94 -10.62
CA ARG B 386 -40.15 -8.83 -10.93
C ARG B 386 -39.52 -8.97 -12.32
N ILE B 387 -39.12 -10.18 -12.70
CA ILE B 387 -38.48 -10.37 -14.00
C ILE B 387 -39.47 -10.25 -15.17
N GLU B 388 -40.67 -10.77 -14.98
CA GLU B 388 -41.70 -10.67 -16.00
C GLU B 388 -42.14 -9.21 -16.18
N GLN B 389 -42.14 -8.47 -15.08
CA GLN B 389 -42.50 -7.06 -15.12
C GLN B 389 -41.42 -6.22 -15.80
N ASP B 390 -40.22 -6.79 -15.91
CA ASP B 390 -39.10 -6.09 -16.53
C ASP B 390 -38.58 -6.84 -17.75
N LYS B 391 -39.48 -7.59 -18.38
CA LYS B 391 -39.14 -8.43 -19.52
C LYS B 391 -38.43 -7.69 -20.66
N GLU B 392 -38.97 -6.53 -21.03
CA GLU B 392 -38.43 -5.73 -22.12
C GLU B 392 -36.96 -5.38 -21.89
N THR B 393 -36.65 -4.99 -20.66
CA THR B 393 -35.30 -4.58 -20.31
C THR B 393 -34.33 -5.76 -20.34
N PHE B 394 -34.80 -6.93 -19.87
CA PHE B 394 -33.98 -8.14 -19.84
C PHE B 394 -33.62 -8.60 -21.25
N LEU B 395 -34.61 -8.62 -22.14
CA LEU B 395 -34.42 -9.14 -23.48
C LEU B 395 -33.55 -8.23 -24.36
N ALA B 396 -33.27 -7.03 -23.88
CA ALA B 396 -32.35 -6.14 -24.57
C ALA B 396 -30.91 -6.55 -24.31
N LYS B 397 -30.69 -7.27 -23.21
CA LYS B 397 -29.35 -7.71 -22.80
C LYS B 397 -29.14 -9.22 -22.95
N PHE B 398 -30.23 -9.99 -22.92
CA PHE B 398 -30.12 -11.44 -23.00
C PHE B 398 -31.02 -12.03 -24.09
N SER B 399 -30.87 -13.32 -24.36
CA SER B 399 -31.67 -14.01 -25.36
C SER B 399 -33.05 -14.39 -24.83
N GLN B 400 -33.95 -14.75 -25.74
CA GLN B 400 -35.28 -15.21 -25.38
C GLN B 400 -35.20 -16.55 -24.66
N ASN B 401 -34.22 -17.37 -25.04
CA ASN B 401 -34.05 -18.67 -24.42
C ASN B 401 -33.60 -18.55 -22.97
N ALA B 402 -32.77 -17.54 -22.69
CA ALA B 402 -32.33 -17.27 -21.31
C ALA B 402 -33.52 -16.79 -20.47
N TYR B 403 -34.32 -15.89 -21.03
CA TYR B 403 -35.49 -15.39 -20.32
C TYR B 403 -36.48 -16.52 -20.02
N ASP B 404 -36.78 -17.34 -21.02
CA ASP B 404 -37.71 -18.45 -20.83
C ASP B 404 -37.21 -19.46 -19.81
N GLY B 405 -35.89 -19.68 -19.79
CA GLY B 405 -35.27 -20.58 -18.84
C GLY B 405 -35.42 -20.10 -17.40
N LEU B 406 -35.37 -18.78 -17.21
CA LEU B 406 -35.56 -18.21 -15.88
C LEU B 406 -37.01 -18.39 -15.42
N VAL B 407 -37.95 -17.94 -16.25
CA VAL B 407 -39.36 -18.05 -15.89
C VAL B 407 -39.81 -19.50 -15.69
N SER B 408 -39.44 -20.39 -16.61
CA SER B 408 -39.82 -21.80 -16.46
C SER B 408 -39.13 -22.44 -15.26
N GLY B 409 -37.90 -22.04 -15.00
CA GLY B 409 -37.18 -22.55 -13.84
C GLY B 409 -37.82 -22.15 -12.54
N TRP B 410 -38.26 -20.89 -12.47
CA TRP B 410 -38.89 -20.38 -11.26
C TRP B 410 -40.29 -21.01 -11.11
N LYS B 411 -41.01 -21.18 -12.21
CA LYS B 411 -42.29 -21.92 -12.18
C LYS B 411 -42.09 -23.34 -11.65
N SER B 412 -41.06 -24.01 -12.15
CA SER B 412 -40.77 -25.38 -11.74
C SER B 412 -40.42 -25.50 -10.27
N LYS B 413 -39.63 -24.57 -9.76
CA LYS B 413 -39.27 -24.62 -8.35
C LYS B 413 -40.51 -24.46 -7.47
N LEU B 414 -41.46 -23.62 -7.89
CA LEU B 414 -42.72 -23.52 -7.14
C LEU B 414 -43.45 -24.85 -7.11
N GLN B 415 -43.44 -25.57 -8.23
CA GLN B 415 -44.04 -26.90 -8.27
C GLN B 415 -43.29 -27.88 -7.37
N TYR B 416 -41.95 -27.81 -7.37
CA TYR B 416 -41.16 -28.70 -6.54
C TYR B 416 -41.48 -28.48 -5.06
N ILE B 417 -41.77 -27.24 -4.70
CA ILE B 417 -42.11 -26.93 -3.33
C ILE B 417 -43.49 -27.48 -3.01
N ALA B 418 -44.40 -27.36 -3.97
CA ALA B 418 -45.76 -27.82 -3.75
C ALA B 418 -45.81 -29.33 -3.47
N ASP B 419 -44.87 -30.08 -4.05
CA ASP B 419 -44.79 -31.53 -3.83
C ASP B 419 -43.95 -31.88 -2.59
N ASP B 420 -43.55 -30.86 -1.85
CA ASP B 420 -42.54 -30.98 -0.77
C ASP B 420 -41.31 -31.77 -1.20
N ASN B 421 -40.83 -31.49 -2.41
CA ASN B 421 -39.58 -32.09 -2.88
C ASN B 421 -38.41 -31.17 -2.57
N HIS B 422 -38.54 -29.91 -2.97
CA HIS B 422 -37.48 -28.92 -2.83
C HIS B 422 -37.68 -28.14 -1.53
N ASN B 423 -36.66 -28.11 -0.67
CA ASN B 423 -36.74 -27.33 0.55
C ASN B 423 -35.58 -26.33 0.60
N TRP B 424 -35.73 -25.29 1.41
CA TRP B 424 -34.65 -24.32 1.61
C TRP B 424 -34.31 -24.37 3.08
N ASN B 425 -33.09 -24.80 3.39
CA ASN B 425 -32.75 -25.14 4.78
C ASN B 425 -31.73 -24.21 5.39
N PHE B 426 -31.86 -24.00 6.70
CA PHE B 426 -30.93 -23.19 7.49
C PHE B 426 -30.28 -24.10 8.54
N PHE B 427 -28.96 -23.95 8.71
CA PHE B 427 -28.21 -24.67 9.74
C PHE B 427 -27.22 -23.73 10.39
N ALA B 428 -27.14 -23.76 11.71
CA ALA B 428 -26.09 -23.02 12.40
C ALA B 428 -25.59 -23.85 13.57
N ALA B 429 -24.33 -23.67 13.94
CA ALA B 429 -23.79 -24.39 15.10
C ALA B 429 -22.52 -23.72 15.60
N VAL B 430 -22.04 -24.17 16.74
CA VAL B 430 -20.83 -23.58 17.30
C VAL B 430 -19.79 -24.64 17.62
N LYS B 431 -18.53 -24.26 17.48
CA LYS B 431 -17.43 -25.11 17.88
C LYS B 431 -17.21 -24.96 19.38
N PRO B 432 -17.15 -26.09 20.10
CA PRO B 432 -16.98 -25.98 21.56
C PRO B 432 -15.72 -25.23 22.01
N GLN B 433 -15.83 -24.59 23.19
CA GLN B 433 -14.77 -23.97 24.01
C GLN B 433 -14.68 -22.44 24.07
N ALA C 1 30.80 3.39 -34.29
CA ALA C 1 31.54 4.32 -35.15
C ALA C 1 31.46 5.74 -34.61
N SER C 2 31.97 5.94 -33.40
CA SER C 2 31.99 7.26 -32.77
C SER C 2 33.01 8.19 -33.41
N MET C 3 33.20 9.35 -32.80
CA MET C 3 34.19 10.31 -33.26
C MET C 3 34.78 11.03 -32.05
N PRO C 4 35.90 11.75 -32.25
CA PRO C 4 36.46 12.55 -31.16
C PRO C 4 35.46 13.50 -30.54
N ALA C 5 34.41 13.86 -31.28
CA ALA C 5 33.35 14.71 -30.75
C ALA C 5 32.71 14.10 -29.50
N VAL C 6 32.70 12.77 -29.42
CA VAL C 6 32.09 12.11 -28.27
C VAL C 6 32.93 12.37 -27.00
N GLU C 7 34.24 12.15 -27.09
CA GLU C 7 35.09 12.34 -25.92
C GLU C 7 35.06 13.78 -25.45
N ARG C 8 34.98 14.71 -26.38
CA ARG C 8 34.82 16.11 -25.99
C ARG C 8 33.52 16.38 -25.25
N GLN C 9 32.43 15.74 -25.66
CA GLN C 9 31.18 15.93 -24.94
C GLN C 9 31.24 15.32 -23.53
N LEU C 10 31.91 14.19 -23.38
CA LEU C 10 32.01 13.57 -22.06
C LEU C 10 32.72 14.53 -21.09
N ILE C 11 33.78 15.17 -21.58
CA ILE C 11 34.52 16.14 -20.78
C ILE C 11 33.70 17.41 -20.51
N GLU C 12 32.91 17.85 -21.49
CA GLU C 12 32.00 18.97 -21.26
C GLU C 12 31.01 18.65 -20.14
N CYS C 13 30.55 17.41 -20.07
CA CYS C 13 29.60 17.04 -19.02
C CYS C 13 30.25 17.17 -17.66
N LEU C 14 31.54 16.83 -17.58
CA LEU C 14 32.28 16.99 -16.33
C LEU C 14 32.35 18.47 -15.93
N HIS C 15 32.62 19.34 -16.89
CA HIS C 15 32.73 20.77 -16.60
C HIS C 15 31.41 21.47 -16.29
N HIS C 16 30.28 20.82 -16.57
CA HIS C 16 29.00 21.36 -16.10
C HIS C 16 29.01 21.42 -14.57
N VAL C 17 29.69 20.46 -13.95
CA VAL C 17 29.75 20.38 -12.49
C VAL C 17 30.92 21.17 -11.92
N ILE C 18 32.12 20.97 -12.46
CA ILE C 18 33.32 21.57 -11.88
C ILE C 18 33.68 22.93 -12.47
N LYS C 19 32.88 23.38 -13.44
CA LYS C 19 33.08 24.69 -14.06
C LYS C 19 34.49 24.85 -14.61
N GLY C 20 35.16 25.94 -14.23
CA GLY C 20 36.47 26.25 -14.79
C GLY C 20 37.63 25.42 -14.25
N ALA C 21 37.38 24.64 -13.20
CA ALA C 21 38.43 23.84 -12.58
C ALA C 21 38.92 22.75 -13.52
N GLU C 22 40.20 22.38 -13.40
CA GLU C 22 40.71 21.17 -14.05
C GLU C 22 40.88 20.12 -12.97
N PRO C 23 40.36 18.90 -13.23
CA PRO C 23 40.39 17.85 -12.20
C PRO C 23 41.82 17.34 -11.98
N GLN C 24 42.24 17.22 -10.73
CA GLN C 24 43.62 16.79 -10.46
C GLN C 24 43.89 15.31 -10.67
N GLN C 25 42.91 14.45 -10.34
CA GLN C 25 43.07 13.02 -10.60
C GLN C 25 41.86 12.53 -11.37
N VAL C 26 42.09 12.03 -12.58
CA VAL C 26 41.02 11.46 -13.40
C VAL C 26 41.28 9.99 -13.66
N GLY C 27 40.24 9.18 -13.54
CA GLY C 27 40.36 7.77 -13.83
C GLY C 27 39.51 7.52 -15.05
N ILE C 28 39.97 6.63 -15.91
CA ILE C 28 39.23 6.29 -17.12
C ILE C 28 39.03 4.79 -17.21
N LEU C 29 37.77 4.36 -17.33
CA LEU C 29 37.46 2.95 -17.56
C LEU C 29 36.86 2.85 -18.96
N CYS C 30 37.60 2.24 -19.88
CA CYS C 30 37.21 2.26 -21.28
C CYS C 30 37.92 1.13 -22.01
N PRO C 31 37.17 0.11 -22.41
CA PRO C 31 37.80 -1.08 -22.98
C PRO C 31 38.49 -0.87 -24.35
N GLN C 32 38.09 0.15 -25.10
CA GLN C 32 38.79 0.39 -26.36
C GLN C 32 39.84 1.50 -26.28
N ASP C 33 41.06 1.15 -26.67
CA ASP C 33 42.23 1.98 -26.47
C ASP C 33 42.24 3.33 -27.21
N ASP C 34 41.67 3.37 -28.41
CA ASP C 34 41.62 4.61 -29.19
C ASP C 34 40.79 5.67 -28.48
N GLN C 35 39.66 5.24 -27.91
CA GLN C 35 38.75 6.14 -27.21
C GLN C 35 39.35 6.58 -25.88
N ARG C 36 39.98 5.65 -25.19
CA ARG C 36 40.70 5.99 -23.96
C ARG C 36 41.81 7.01 -24.20
N LYS C 37 42.59 6.81 -25.26
CA LYS C 37 43.66 7.75 -25.59
C LYS C 37 43.08 9.11 -26.00
N ALA C 38 41.96 9.08 -26.71
CA ALA C 38 41.27 10.31 -27.09
C ALA C 38 40.85 11.10 -25.85
N LEU C 39 40.31 10.40 -24.86
CA LEU C 39 39.97 11.03 -23.59
C LEU C 39 41.20 11.60 -22.89
N THR C 40 42.26 10.80 -22.81
CA THR C 40 43.48 11.21 -22.12
C THR C 40 44.04 12.51 -22.70
N GLU C 41 44.02 12.60 -24.03
CA GLU C 41 44.56 13.77 -24.73
C GLU C 41 43.83 15.05 -24.39
N GLN C 42 42.60 14.92 -23.90
CA GLN C 42 41.77 16.08 -23.58
C GLN C 42 42.26 16.83 -22.36
N PHE C 43 43.08 16.17 -21.54
CA PHE C 43 43.53 16.80 -20.29
C PHE C 43 44.90 17.41 -20.45
N GLY C 44 45.14 18.49 -19.71
CA GLY C 44 46.44 19.15 -19.73
C GLY C 44 47.26 18.77 -18.50
N SER C 45 48.30 19.55 -18.23
CA SER C 45 49.26 19.21 -17.21
C SER C 45 48.71 19.25 -15.78
N LYS C 46 47.56 19.87 -15.57
CA LYS C 46 47.01 19.97 -14.22
C LYS C 46 46.37 18.66 -13.79
N THR C 47 46.22 17.75 -14.74
CA THR C 47 45.48 16.51 -14.52
C THR C 47 46.41 15.28 -14.59
N ALA C 48 46.31 14.40 -13.60
CA ALA C 48 46.98 13.10 -13.67
C ALA C 48 45.93 12.08 -14.04
N THR C 49 46.17 11.30 -15.08
CA THR C 49 45.17 10.32 -15.50
C THR C 49 45.63 8.88 -15.25
N SER C 50 44.67 8.04 -14.86
CA SER C 50 44.90 6.63 -14.64
C SER C 50 43.87 5.90 -15.47
N PHE C 51 44.21 4.75 -16.04
CA PHE C 51 43.20 4.02 -16.79
C PHE C 51 43.21 2.52 -16.57
N CYS C 52 42.05 1.91 -16.74
CA CYS C 52 41.93 0.46 -16.74
C CYS C 52 40.89 0.03 -17.78
N LYS C 53 40.88 -1.26 -18.12
CA LYS C 53 40.08 -1.72 -19.26
C LYS C 53 38.96 -2.65 -18.82
N GLU C 54 38.96 -2.99 -17.54
CA GLU C 54 38.01 -3.93 -17.00
C GLU C 54 37.51 -3.37 -15.66
N VAL C 55 36.25 -3.65 -15.34
CA VAL C 55 35.65 -3.12 -14.11
C VAL C 55 36.41 -3.54 -12.85
N ASP C 56 36.92 -4.77 -12.83
CA ASP C 56 37.61 -5.27 -11.65
C ASP C 56 38.91 -4.51 -11.35
N SER C 57 39.44 -3.85 -12.37
CA SER C 57 40.68 -3.10 -12.21
C SER C 57 40.47 -1.71 -11.59
N LEU C 58 39.21 -1.35 -11.35
CA LEU C 58 38.90 -0.09 -10.68
C LEU C 58 39.48 -0.01 -9.27
N LYS C 59 39.76 -1.16 -8.67
CA LYS C 59 40.34 -1.21 -7.33
C LYS C 59 41.71 -0.53 -7.28
N ASN C 60 42.37 -0.44 -8.44
CA ASN C 60 43.68 0.19 -8.52
C ASN C 60 43.60 1.70 -8.59
N LEU C 61 42.38 2.21 -8.85
CA LEU C 61 42.14 3.63 -8.98
C LEU C 61 41.55 4.17 -7.67
N SER C 62 42.04 5.33 -7.21
CA SER C 62 41.57 5.91 -5.94
C SER C 62 41.81 7.42 -5.86
N ASN C 63 41.15 8.07 -4.90
CA ASN C 63 41.28 9.51 -4.69
C ASN C 63 40.97 10.31 -5.96
N LEU C 64 40.01 9.85 -6.73
CA LEU C 64 39.71 10.47 -8.02
C LEU C 64 38.79 11.69 -7.90
N ASP C 65 39.13 12.74 -8.65
CA ASP C 65 38.22 13.88 -8.77
C ASP C 65 37.14 13.61 -9.82
N ALA C 66 37.45 12.76 -10.78
CA ALA C 66 36.48 12.36 -11.77
C ALA C 66 36.80 10.97 -12.26
N LEU C 67 35.75 10.23 -12.63
CA LEU C 67 35.87 8.90 -13.19
C LEU C 67 35.04 8.87 -14.45
N ILE C 68 35.66 8.61 -15.58
CA ILE C 68 34.91 8.55 -16.84
C ILE C 68 34.81 7.10 -17.29
N VAL C 69 33.58 6.63 -17.45
CA VAL C 69 33.33 5.23 -17.79
C VAL C 69 32.64 5.19 -19.14
N ASN C 70 33.33 4.67 -20.14
CA ASN C 70 32.88 4.80 -21.52
C ASN C 70 32.66 3.45 -22.21
N GLN C 71 31.39 3.10 -22.43
CA GLN C 71 31.01 1.86 -23.10
C GLN C 71 31.63 0.64 -22.45
N ALA C 72 31.56 0.59 -21.12
CA ALA C 72 32.27 -0.45 -20.37
C ALA C 72 31.30 -1.38 -19.64
N LEU C 73 30.00 -1.08 -19.75
CA LEU C 73 29.00 -1.76 -18.93
C LEU C 73 28.01 -2.62 -19.71
N ASP C 74 28.44 -3.18 -20.85
CA ASP C 74 27.56 -4.04 -21.66
C ASP C 74 26.98 -5.21 -20.85
N GLU C 75 27.79 -5.82 -20.00
CA GLU C 75 27.32 -6.93 -19.19
C GLU C 75 26.51 -6.44 -18.01
N GLU C 76 27.00 -5.38 -17.37
CA GLU C 76 26.41 -4.85 -16.15
C GLU C 76 24.97 -4.34 -16.28
N ILE C 77 24.63 -3.76 -17.43
CA ILE C 77 23.28 -3.21 -17.60
C ILE C 77 22.21 -4.29 -17.69
N ASN C 78 22.62 -5.54 -17.85
CA ASN C 78 21.69 -6.66 -17.84
C ASN C 78 22.03 -7.71 -16.79
N ASP C 79 22.75 -7.28 -15.75
CA ASP C 79 23.12 -8.16 -14.64
C ASP C 79 23.30 -7.33 -13.36
N SER C 80 22.28 -7.36 -12.50
CA SER C 80 22.22 -6.51 -11.31
C SER C 80 23.36 -6.73 -10.32
N GLU C 81 23.77 -7.98 -10.15
CA GLU C 81 24.88 -8.29 -9.25
C GLU C 81 26.19 -7.66 -9.74
N LYS C 82 26.39 -7.70 -11.06
CA LYS C 82 27.60 -7.14 -11.66
C LYS C 82 27.50 -5.62 -11.68
N LEU C 83 26.31 -5.10 -11.91
CA LEU C 83 26.09 -3.66 -11.83
C LEU C 83 26.43 -3.18 -10.41
N ASP C 84 25.98 -3.93 -9.40
CA ASP C 84 26.33 -3.63 -8.01
C ASP C 84 27.83 -3.57 -7.78
N LYS C 85 28.56 -4.49 -8.41
CA LYS C 85 30.01 -4.53 -8.22
C LYS C 85 30.63 -3.28 -8.82
N PHE C 86 30.08 -2.81 -9.92
CA PHE C 86 30.60 -1.59 -10.54
C PHE C 86 30.33 -0.34 -9.72
N ILE C 87 29.08 -0.17 -9.28
CA ILE C 87 28.70 1.03 -8.54
C ILE C 87 29.52 1.13 -7.27
N THR C 88 29.71 -0.01 -6.60
CA THR C 88 30.51 -0.08 -5.39
C THR C 88 31.94 0.36 -5.69
N ALA C 89 32.53 -0.19 -6.75
CA ALA C 89 33.91 0.13 -7.10
C ALA C 89 34.06 1.58 -7.54
N ALA C 90 33.06 2.08 -8.27
CA ALA C 90 33.07 3.47 -8.70
C ALA C 90 33.04 4.38 -7.48
N LEU C 91 32.15 4.08 -6.53
CA LEU C 91 32.09 4.88 -5.30
C LEU C 91 33.41 4.84 -4.53
N ARG C 92 34.01 3.66 -4.39
CA ARG C 92 35.28 3.51 -3.68
C ARG C 92 36.39 4.34 -4.31
N SER C 93 36.37 4.46 -5.63
CA SER C 93 37.48 5.09 -6.32
C SER C 93 37.42 6.62 -6.27
N LEU C 94 36.24 7.16 -5.99
CA LEU C 94 36.01 8.61 -6.06
C LEU C 94 36.22 9.28 -4.71
N ARG C 95 36.74 10.52 -4.74
CA ARG C 95 36.72 11.39 -3.58
C ARG C 95 35.28 11.80 -3.34
N THR C 96 34.97 12.23 -2.12
CA THR C 96 33.69 12.88 -1.88
C THR C 96 33.60 14.13 -2.78
N ASP C 97 32.42 14.35 -3.36
CA ASP C 97 32.18 15.38 -4.39
C ASP C 97 32.80 15.06 -5.76
N GLY C 98 33.44 13.90 -5.87
CA GLY C 98 33.96 13.45 -7.15
C GLY C 98 32.85 13.16 -8.13
N VAL C 99 33.13 13.29 -9.42
CA VAL C 99 32.12 13.17 -10.45
C VAL C 99 32.30 11.91 -11.28
N LEU C 100 31.21 11.16 -11.44
CA LEU C 100 31.18 10.04 -12.38
C LEU C 100 30.48 10.47 -13.68
N ILE C 101 31.20 10.37 -14.79
CA ILE C 101 30.58 10.53 -16.10
C ILE C 101 30.50 9.13 -16.72
N LEU C 102 29.29 8.68 -16.98
CA LEU C 102 29.10 7.31 -17.45
C LEU C 102 28.38 7.33 -18.79
N ARG C 103 29.05 6.82 -19.83
CA ARG C 103 28.43 6.76 -21.16
C ARG C 103 28.09 5.32 -21.51
N GLN C 104 26.84 5.06 -21.88
CA GLN C 104 26.45 3.73 -22.31
C GLN C 104 25.33 3.81 -23.34
N ASP C 105 25.51 3.09 -24.44
CA ASP C 105 24.51 3.08 -25.52
C ASP C 105 23.42 2.08 -25.20
N LEU C 106 22.17 2.51 -25.24
CA LEU C 106 21.04 1.63 -24.94
C LEU C 106 20.18 1.37 -26.16
N SER C 107 20.70 1.68 -27.35
CA SER C 107 19.92 1.57 -28.58
C SER C 107 19.58 0.12 -28.95
N LYS C 108 20.34 -0.83 -28.43
CA LYS C 108 20.08 -2.23 -28.75
C LYS C 108 19.40 -2.96 -27.60
N VAL C 109 19.09 -2.22 -26.54
CA VAL C 109 18.30 -2.76 -25.44
C VAL C 109 16.83 -2.68 -25.84
N LYS C 110 16.14 -3.81 -25.84
CA LYS C 110 14.74 -3.81 -26.27
C LYS C 110 13.79 -3.14 -25.26
N GLU C 111 14.13 -3.23 -23.97
CA GLU C 111 13.36 -2.52 -22.95
C GLU C 111 13.58 -1.00 -23.01
N MET C 112 12.54 -0.26 -23.36
CA MET C 112 12.65 1.18 -23.59
C MET C 112 12.71 2.04 -22.31
N LYS C 113 12.29 1.47 -21.18
CA LYS C 113 12.40 2.15 -19.89
C LYS C 113 13.77 1.93 -19.24
N LYS C 114 14.71 1.39 -19.99
CA LYS C 114 16.02 1.04 -19.44
C LYS C 114 16.77 2.26 -18.89
N MET C 115 16.74 3.37 -19.62
CA MET C 115 17.39 4.59 -19.13
C MET C 115 16.83 5.01 -17.77
N ALA C 116 15.51 5.04 -17.66
CA ALA C 116 14.86 5.43 -16.41
C ALA C 116 15.18 4.46 -15.27
N MET C 117 15.16 3.16 -15.57
CA MET C 117 15.45 2.14 -14.57
C MET C 117 16.88 2.26 -14.04
N LEU C 118 17.84 2.47 -14.95
CA LEU C 118 19.23 2.64 -14.55
C LEU C 118 19.41 3.91 -13.71
N THR C 119 18.76 5.00 -14.11
CA THR C 119 18.84 6.25 -13.33
C THR C 119 18.33 6.06 -11.91
N ASP C 120 17.21 5.37 -11.76
CA ASP C 120 16.70 5.06 -10.42
C ASP C 120 17.66 4.16 -9.66
N TYR C 121 18.24 3.18 -10.35
CA TYR C 121 19.13 2.23 -9.70
C TYR C 121 20.33 2.96 -9.10
N PHE C 122 20.87 3.93 -9.83
CA PHE C 122 22.03 4.70 -9.38
C PHE C 122 21.63 5.61 -8.22
N ASP C 123 20.40 6.09 -8.27
CA ASP C 123 19.92 7.09 -7.32
C ASP C 123 19.65 6.46 -5.96
N VAL C 124 19.42 5.15 -5.96
CA VAL C 124 19.04 4.42 -4.75
C VAL C 124 20.23 3.75 -4.06
N PHE C 125 21.25 3.39 -4.84
CA PHE C 125 22.37 2.61 -4.32
C PHE C 125 23.10 3.33 -3.19
N ARG C 126 23.44 2.57 -2.15
CA ARG C 126 24.20 3.06 -1.01
C ARG C 126 25.32 2.10 -0.64
N LEU C 127 26.48 2.65 -0.29
CA LEU C 127 27.61 1.86 0.16
C LEU C 127 28.07 2.42 1.49
N GLU C 128 28.32 1.54 2.46
CA GLU C 128 28.86 1.99 3.73
C GLU C 128 30.37 2.12 3.64
N GLU C 129 30.87 3.35 3.82
CA GLU C 129 32.30 3.59 3.87
C GLU C 129 32.74 3.96 5.28
N GLY C 130 33.99 4.38 5.42
CA GLY C 130 34.58 4.64 6.72
C GLY C 130 33.75 5.49 7.68
N ASN C 131 33.19 6.59 7.19
CA ASN C 131 32.48 7.52 8.07
C ASN C 131 31.00 7.74 7.73
N GLY C 132 30.31 6.66 7.39
CA GLY C 132 28.90 6.70 7.04
C GLY C 132 28.65 6.27 5.61
N ASN C 133 27.39 6.20 5.21
CA ASN C 133 27.04 5.78 3.86
C ASN C 133 27.32 6.81 2.77
N VAL C 134 27.70 6.31 1.60
CA VAL C 134 27.92 7.16 0.43
C VAL C 134 27.06 6.69 -0.73
N GLY C 135 26.86 7.56 -1.72
CA GLY C 135 25.98 7.26 -2.84
C GLY C 135 26.20 8.29 -3.92
N PHE C 136 25.48 8.15 -5.03
CA PHE C 136 25.53 9.15 -6.08
C PHE C 136 24.34 10.10 -6.03
N GLN C 137 24.64 11.40 -6.10
CA GLN C 137 23.63 12.42 -6.27
C GLN C 137 23.45 12.68 -7.76
N PHE C 138 22.19 12.73 -8.21
CA PHE C 138 21.90 12.90 -9.63
C PHE C 138 22.17 14.33 -10.11
N TYR C 139 22.80 14.46 -11.28
CA TYR C 139 22.93 15.76 -11.94
C TYR C 139 22.20 15.81 -13.27
N ALA C 140 22.49 14.86 -14.16
CA ALA C 140 21.85 14.87 -15.48
C ALA C 140 21.99 13.56 -16.24
N VAL C 141 21.06 13.34 -17.17
CA VAL C 141 21.26 12.38 -18.25
C VAL C 141 21.22 13.14 -19.56
N ASN C 142 22.27 13.00 -20.38
CA ASN C 142 22.30 13.66 -21.69
C ASN C 142 22.36 12.62 -22.78
N GLU C 143 22.02 13.03 -24.00
CA GLU C 143 22.25 12.18 -25.16
C GLU C 143 23.63 12.45 -25.75
N VAL C 144 24.31 11.41 -26.22
CA VAL C 144 25.52 11.59 -27.01
C VAL C 144 25.15 12.21 -28.35
N LEU C 145 25.56 13.44 -28.58
CA LEU C 145 25.07 14.20 -29.73
C LEU C 145 25.64 13.65 -31.04
N ASP C 146 26.87 13.14 -30.99
CA ASP C 146 27.47 12.56 -32.19
C ASP C 146 26.59 11.40 -32.68
N SER C 147 26.01 10.66 -31.75
CA SER C 147 25.17 9.53 -32.12
C SER C 147 23.85 9.97 -32.76
N VAL C 148 23.30 11.09 -32.30
CA VAL C 148 22.10 11.63 -32.92
C VAL C 148 22.40 12.06 -34.36
N TYR C 149 23.49 12.79 -34.56
CA TYR C 149 23.71 13.47 -35.84
C TYR C 149 24.34 12.60 -36.92
N VAL C 150 25.07 11.56 -36.50
CA VAL C 150 25.80 10.70 -37.43
C VAL C 150 25.14 9.33 -37.57
N HIS C 151 24.54 8.83 -36.49
CA HIS C 151 23.99 7.47 -36.50
C HIS C 151 22.49 7.34 -36.26
N GLN C 152 21.75 8.44 -36.28
CA GLN C 152 20.32 8.44 -35.99
C GLN C 152 19.95 7.63 -34.75
N ASN C 153 20.73 7.83 -33.70
CA ASN C 153 20.56 7.13 -32.44
C ASN C 153 20.37 8.13 -31.33
N TRP C 154 19.17 8.17 -30.77
CA TRP C 154 18.85 9.06 -29.69
C TRP C 154 18.97 8.41 -28.31
N LEU C 155 19.38 7.14 -28.28
CA LEU C 155 19.40 6.40 -27.02
C LEU C 155 20.81 6.05 -26.52
N ASP C 156 21.79 6.87 -26.90
CA ASP C 156 23.16 6.75 -26.44
C ASP C 156 23.33 7.78 -25.32
N PHE C 157 23.44 7.31 -24.08
CA PHE C 157 23.27 8.21 -22.93
C PHE C 157 24.53 8.47 -22.13
N ILE C 158 24.60 9.66 -21.54
CA ILE C 158 25.67 10.02 -20.62
C ILE C 158 25.03 10.42 -19.31
N TRP C 159 25.39 9.73 -18.23
CA TRP C 159 24.97 10.12 -16.89
C TRP C 159 26.03 10.98 -16.22
N THR C 160 25.61 12.07 -15.59
CA THR C 160 26.51 12.85 -14.75
C THR C 160 26.04 12.72 -13.31
N LEU C 161 26.89 12.15 -12.46
CA LEU C 161 26.55 11.84 -11.07
C LEU C 161 27.66 12.31 -10.15
N MET C 162 27.33 12.63 -8.91
CA MET C 162 28.33 13.14 -7.98
C MET C 162 28.32 12.29 -6.71
N LYS C 163 29.50 11.89 -6.22
CA LYS C 163 29.58 11.11 -4.97
C LYS C 163 29.28 12.02 -3.78
N LYS C 164 28.34 11.59 -2.94
CA LYS C 164 27.91 12.39 -1.79
C LYS C 164 27.76 11.52 -0.56
N PRO C 165 27.95 12.13 0.63
CA PRO C 165 27.63 11.39 1.85
C PRO C 165 26.14 11.45 2.11
N PHE C 166 25.60 10.40 2.71
CA PHE C 166 24.17 10.35 3.05
C PHE C 166 24.04 9.84 4.48
N PRO C 167 23.21 10.51 5.31
CA PRO C 167 23.07 10.41 6.77
C PRO C 167 23.99 9.41 7.46
N VAL C 174 12.58 12.53 0.46
CA VAL C 174 12.24 12.20 -0.93
C VAL C 174 12.60 13.35 -1.86
N SER C 175 13.40 13.04 -2.89
CA SER C 175 13.82 14.05 -3.85
C SER C 175 12.64 14.55 -4.69
N PHE C 176 12.82 15.74 -5.27
CA PHE C 176 11.85 16.37 -6.15
C PHE C 176 11.54 15.43 -7.30
N ARG C 177 12.59 14.86 -7.89
CA ARG C 177 12.49 13.96 -9.03
C ARG C 177 11.64 12.71 -8.75
N ASP C 178 11.82 12.13 -7.57
CA ASP C 178 11.05 10.94 -7.20
C ASP C 178 9.59 11.25 -6.95
N PHE C 179 9.32 12.40 -6.34
CA PHE C 179 7.95 12.81 -6.08
C PHE C 179 7.19 12.94 -7.39
N LEU C 180 7.87 13.46 -8.42
CA LEU C 180 7.27 13.60 -9.75
C LEU C 180 6.98 12.23 -10.35
N ASP C 181 8.01 11.38 -10.40
CA ASP C 181 7.88 10.06 -11.01
C ASP C 181 6.94 9.11 -10.25
N ARG C 182 6.80 9.31 -8.94
CA ARG C 182 6.01 8.38 -8.12
C ARG C 182 4.56 8.79 -7.83
N THR C 183 4.21 10.05 -8.09
CA THR C 183 2.84 10.51 -7.80
C THR C 183 2.08 11.00 -9.04
N GLN C 184 2.32 12.24 -9.44
CA GLN C 184 1.55 12.83 -10.54
C GLN C 184 1.92 12.24 -11.90
N TYR C 185 3.20 11.93 -12.08
CA TYR C 185 3.72 11.52 -13.38
C TYR C 185 4.29 10.11 -13.35
N THR C 186 3.52 9.20 -12.77
CA THR C 186 3.74 7.77 -12.95
C THR C 186 3.39 7.47 -14.40
N ASP C 187 3.82 6.32 -14.92
CA ASP C 187 3.49 5.95 -16.30
C ASP C 187 1.97 5.95 -16.57
N THR C 188 1.19 5.42 -15.63
CA THR C 188 -0.26 5.42 -15.81
C THR C 188 -0.85 6.83 -15.79
N GLY C 189 -0.34 7.67 -14.90
CA GLY C 189 -0.80 9.05 -14.82
C GLY C 189 -0.49 9.81 -16.10
N ILE C 190 0.72 9.62 -16.61
CA ILE C 190 1.17 10.27 -17.84
C ILE C 190 0.27 9.88 -19.03
N PHE C 191 0.05 8.58 -19.21
CA PHE C 191 -0.74 8.12 -20.35
C PHE C 191 -2.22 8.49 -20.26
N ALA C 192 -2.78 8.51 -19.04
CA ALA C 192 -4.16 8.98 -18.84
C ALA C 192 -4.26 10.45 -19.23
N TYR C 193 -3.28 11.24 -18.77
CA TYR C 193 -3.21 12.66 -19.11
C TYR C 193 -3.10 12.83 -20.62
N GLU C 194 -2.23 12.07 -21.26
CA GLU C 194 -2.09 12.18 -22.73
C GLU C 194 -3.42 11.91 -23.43
N TRP C 195 -4.22 10.98 -22.90
CA TRP C 195 -5.50 10.71 -23.53
C TRP C 195 -6.41 11.94 -23.52
N ILE C 196 -6.50 12.61 -22.38
CA ILE C 196 -7.42 13.74 -22.26
C ILE C 196 -6.90 15.02 -22.94
N PHE C 197 -5.59 15.22 -22.93
CA PHE C 197 -5.01 16.43 -23.53
C PHE C 197 -4.82 16.33 -25.04
N GLY C 198 -4.38 15.17 -25.51
CA GLY C 198 -4.13 14.94 -26.93
C GLY C 198 -2.78 14.26 -27.11
N ASN C 199 -2.62 13.52 -28.19
CA ASN C 199 -1.39 12.76 -28.40
C ASN C 199 -0.13 13.60 -28.26
N ASN C 200 0.84 13.06 -27.52
CA ASN C 200 2.12 13.71 -27.25
C ASN C 200 2.07 14.93 -26.31
N PHE C 201 0.89 15.26 -25.79
CA PHE C 201 0.75 16.44 -24.93
C PHE C 201 0.28 16.13 -23.52
N ILE C 202 0.82 16.86 -22.55
CA ILE C 202 0.36 16.79 -21.15
C ILE C 202 -0.08 18.17 -20.69
N SER C 203 -0.51 19.00 -21.64
CA SER C 203 -0.87 20.38 -21.36
C SER C 203 -2.20 20.74 -21.99
N PRO C 204 -2.93 21.68 -21.38
CA PRO C 204 -4.25 22.12 -21.82
C PRO C 204 -4.36 22.35 -23.33
N GLY C 205 -5.34 21.70 -23.97
CA GLY C 205 -5.70 22.04 -25.34
C GLY C 205 -4.91 21.33 -26.42
N GLY C 206 -3.90 20.57 -26.02
CA GLY C 206 -3.14 19.77 -26.96
C GLY C 206 -2.51 20.53 -28.12
N TRP C 207 -2.48 19.89 -29.29
CA TRP C 207 -1.74 20.39 -30.46
C TRP C 207 -2.19 21.77 -30.87
N ASN C 208 -3.50 21.96 -31.05
CA ASN C 208 -4.00 23.24 -31.51
C ASN C 208 -3.67 24.39 -30.54
N GLN C 209 -3.80 24.14 -29.25
CA GLN C 209 -3.54 25.19 -28.28
C GLN C 209 -2.06 25.51 -28.24
N ASN C 210 -1.21 24.49 -28.32
CA ASN C 210 0.21 24.76 -28.28
C ASN C 210 0.64 25.57 -29.50
N LEU C 211 0.05 25.28 -30.66
CA LEU C 211 0.40 26.02 -31.86
C LEU C 211 0.00 27.48 -31.66
N ALA C 212 -1.16 27.72 -31.05
CA ALA C 212 -1.62 29.10 -30.85
C ALA C 212 -0.66 29.83 -29.90
N ILE C 213 -0.22 29.14 -28.87
CA ILE C 213 0.75 29.71 -27.95
C ILE C 213 2.11 29.98 -28.63
N LEU C 214 2.60 29.05 -29.44
CA LEU C 214 3.89 29.25 -30.10
C LEU C 214 3.86 30.48 -31.01
N LYS C 215 2.71 30.76 -31.60
CA LYS C 215 2.59 31.91 -32.49
C LYS C 215 2.76 33.24 -31.74
N ARG C 216 2.60 33.20 -30.43
CA ARG C 216 2.75 34.42 -29.64
C ARG C 216 4.21 34.83 -29.44
N PHE C 217 5.14 33.99 -29.87
CA PHE C 217 6.55 34.40 -29.90
C PHE C 217 6.76 35.51 -30.92
N GLY C 218 5.87 35.57 -31.92
CA GLY C 218 6.10 36.45 -33.05
C GLY C 218 6.87 35.67 -34.09
N PRO C 219 7.38 36.36 -35.12
CA PRO C 219 8.11 35.67 -36.18
C PRO C 219 9.27 34.84 -35.65
N MET C 220 9.35 33.58 -36.06
CA MET C 220 10.48 32.70 -35.77
C MET C 220 11.04 32.16 -37.09
N LYS C 221 12.33 31.83 -37.10
CA LYS C 221 13.00 31.40 -38.33
C LYS C 221 13.59 30.01 -38.22
N THR C 222 13.62 29.32 -39.35
CA THR C 222 14.25 27.99 -39.41
C THR C 222 15.63 28.05 -38.80
N GLY C 223 15.92 27.06 -37.95
CA GLY C 223 17.27 26.90 -37.44
C GLY C 223 17.57 27.68 -36.18
N GLN C 224 16.66 28.55 -35.75
CA GLN C 224 16.84 29.22 -34.48
C GLN C 224 16.75 28.21 -33.34
N ARG C 225 17.34 28.52 -32.20
CA ARG C 225 17.48 27.56 -31.12
C ARG C 225 16.55 27.84 -29.97
N MET C 226 15.79 26.81 -29.58
CA MET C 226 14.83 26.95 -28.51
C MET C 226 15.16 25.99 -27.38
N LEU C 227 15.08 26.47 -26.15
CA LEU C 227 15.12 25.60 -24.96
C LEU C 227 13.71 25.40 -24.46
N ASP C 228 13.30 24.15 -24.31
CA ASP C 228 11.96 23.84 -23.80
C ASP C 228 12.11 23.29 -22.39
N ILE C 229 11.59 24.01 -21.42
CA ILE C 229 11.75 23.65 -20.02
C ILE C 229 10.50 22.92 -19.55
N GLY C 230 10.67 21.66 -19.15
CA GLY C 230 9.54 20.85 -18.73
C GLY C 230 8.82 20.26 -19.94
N VAL C 231 9.61 19.61 -20.79
CA VAL C 231 9.17 19.21 -22.12
C VAL C 231 8.22 18.00 -22.13
N GLY C 232 8.13 17.29 -21.00
CA GLY C 232 7.13 16.24 -20.87
C GLY C 232 7.37 15.08 -21.82
N ILE C 233 6.32 14.62 -22.51
CA ILE C 233 6.51 13.51 -23.45
C ILE C 233 6.86 14.01 -24.85
N GLY C 234 7.11 15.32 -24.97
CA GLY C 234 7.78 15.87 -26.14
C GLY C 234 6.95 16.48 -27.25
N GLY C 235 5.62 16.45 -27.12
CA GLY C 235 4.79 16.90 -28.21
C GLY C 235 5.04 18.33 -28.65
N GLY C 236 5.31 19.19 -27.67
CA GLY C 236 5.54 20.60 -27.93
C GLY C 236 6.86 20.83 -28.65
N ALA C 237 7.91 20.19 -28.17
CA ALA C 237 9.22 20.32 -28.78
C ALA C 237 9.18 19.80 -30.21
N ARG C 238 8.51 18.67 -30.41
CA ARG C 238 8.45 18.06 -31.74
C ARG C 238 7.65 18.94 -32.69
N GLN C 239 6.59 19.56 -32.17
CA GLN C 239 5.79 20.51 -32.95
C GLN C 239 6.56 21.78 -33.33
N ALA C 240 7.30 22.35 -32.38
CA ALA C 240 8.12 23.52 -32.69
C ALA C 240 9.14 23.20 -33.78
N ALA C 241 9.69 21.99 -33.76
CA ALA C 241 10.62 21.61 -34.81
C ALA C 241 9.90 21.38 -36.14
N SER C 242 8.81 20.63 -36.11
CA SER C 242 8.16 20.26 -37.38
C SER C 242 7.40 21.41 -38.03
N GLU C 243 6.84 22.32 -37.22
CA GLU C 243 6.07 23.42 -37.77
C GLU C 243 6.90 24.64 -38.12
N PHE C 244 7.97 24.88 -37.37
CA PHE C 244 8.74 26.11 -37.55
C PHE C 244 10.20 25.86 -37.89
N GLY C 245 10.61 24.59 -37.87
CA GLY C 245 11.98 24.27 -38.23
C GLY C 245 12.99 24.70 -37.18
N LEU C 246 12.52 24.87 -35.96
CA LEU C 246 13.41 25.24 -34.87
C LEU C 246 14.27 24.06 -34.46
N GLN C 247 15.47 24.34 -33.94
CA GLN C 247 16.27 23.33 -33.25
C GLN C 247 15.89 23.42 -31.79
N VAL C 248 15.38 22.34 -31.22
CA VAL C 248 14.78 22.41 -29.90
C VAL C 248 15.51 21.47 -28.98
N HIS C 249 15.96 21.99 -27.84
CA HIS C 249 16.50 21.12 -26.82
C HIS C 249 15.52 21.10 -25.66
N GLY C 250 15.02 19.91 -25.30
CA GLY C 250 13.97 19.82 -24.30
C GLY C 250 14.54 19.20 -23.04
N VAL C 251 14.21 19.77 -21.89
CA VAL C 251 14.68 19.20 -20.62
C VAL C 251 13.51 18.90 -19.73
N ASP C 252 13.63 17.82 -18.97
CA ASP C 252 12.60 17.49 -18.00
C ASP C 252 13.27 16.79 -16.84
N LEU C 253 12.69 16.93 -15.65
CA LEU C 253 13.25 16.28 -14.47
C LEU C 253 12.68 14.87 -14.31
N SER C 254 11.57 14.59 -14.98
CA SER C 254 10.93 13.29 -14.89
C SER C 254 11.48 12.29 -15.90
N THR C 255 12.10 11.21 -15.42
CA THR C 255 12.59 10.19 -16.35
C THR C 255 11.44 9.42 -17.00
N ASN C 256 10.30 9.31 -16.29
CA ASN C 256 9.12 8.67 -16.86
C ASN C 256 8.66 9.44 -18.10
N MET C 257 8.57 10.76 -17.97
CA MET C 257 8.21 11.62 -19.09
C MET C 257 9.19 11.48 -20.26
N LEU C 258 10.48 11.67 -19.97
CA LEU C 258 11.45 11.73 -21.05
C LEU C 258 11.68 10.37 -21.71
N ALA C 259 11.46 9.28 -20.98
CA ALA C 259 11.55 7.94 -21.56
C ALA C 259 10.63 7.84 -22.78
N VAL C 260 9.43 8.41 -22.64
CA VAL C 260 8.45 8.43 -23.72
C VAL C 260 8.90 9.34 -24.87
N ALA C 261 9.31 10.56 -24.54
CA ALA C 261 9.77 11.52 -25.55
C ALA C 261 10.95 10.94 -26.32
N LEU C 262 11.85 10.28 -25.59
CA LEU C 262 13.05 9.74 -26.22
C LEU C 262 12.72 8.56 -27.12
N GLU C 263 11.84 7.67 -26.64
CA GLU C 263 11.41 6.51 -27.42
C GLU C 263 10.81 6.98 -28.74
N ARG C 264 9.98 8.01 -28.66
CA ARG C 264 9.27 8.51 -29.83
C ARG C 264 10.17 9.19 -30.84
N VAL C 265 11.11 10.02 -30.38
CA VAL C 265 11.99 10.68 -31.33
C VAL C 265 12.99 9.69 -31.92
N HIS C 266 13.36 8.67 -31.17
CA HIS C 266 14.28 7.68 -31.68
C HIS C 266 13.62 6.85 -32.79
N LYS C 267 12.33 6.57 -32.63
CA LYS C 267 11.57 5.82 -33.64
C LYS C 267 11.21 6.70 -34.83
N GLU C 268 10.72 7.91 -34.52
CA GLU C 268 10.37 8.89 -35.53
C GLU C 268 11.48 9.90 -35.50
N LYS C 269 12.39 9.78 -36.46
CA LYS C 269 13.66 10.47 -36.36
C LYS C 269 13.58 11.93 -36.79
N ASP C 270 14.06 12.83 -35.93
CA ASP C 270 14.09 14.27 -36.23
C ASP C 270 15.27 14.88 -35.51
N ALA C 271 16.34 15.16 -36.26
CA ALA C 271 17.60 15.61 -35.67
C ALA C 271 17.55 17.04 -35.16
N ARG C 272 16.42 17.71 -35.34
CA ARG C 272 16.25 19.05 -34.76
C ARG C 272 15.97 18.98 -33.28
N VAL C 273 15.66 17.78 -32.78
CA VAL C 273 15.17 17.66 -31.40
C VAL C 273 16.09 16.79 -30.57
N THR C 274 16.54 17.33 -29.45
CA THR C 274 17.33 16.55 -28.47
C THR C 274 16.74 16.77 -27.10
N TYR C 275 17.09 15.88 -26.17
CA TYR C 275 16.49 15.92 -24.84
C TYR C 275 17.53 15.69 -23.75
N ALA C 276 17.22 16.13 -22.54
CA ALA C 276 18.08 15.81 -21.39
C ALA C 276 17.24 15.74 -20.13
N VAL C 277 17.61 14.84 -19.23
CA VAL C 277 16.99 14.78 -17.92
C VAL C 277 17.82 15.68 -17.01
N CYS C 278 17.20 16.72 -16.48
CA CYS C 278 17.85 17.60 -15.51
C CYS C 278 16.86 18.55 -14.88
N ASP C 279 17.28 19.17 -13.77
CA ASP C 279 16.48 20.18 -13.12
C ASP C 279 16.83 21.52 -13.77
N ALA C 280 15.85 22.17 -14.37
CA ALA C 280 16.10 23.41 -15.11
C ALA C 280 16.63 24.53 -14.20
N CYS C 281 16.36 24.41 -12.91
CA CYS C 281 16.89 25.35 -11.93
C CYS C 281 18.37 25.17 -11.66
N GLU C 282 18.86 23.93 -11.76
CA GLU C 282 20.25 23.64 -11.40
C GLU C 282 21.18 23.56 -12.60
N TYR C 283 20.67 23.09 -13.74
CA TYR C 283 21.51 22.69 -14.86
C TYR C 283 22.34 23.82 -15.47
N GLU C 284 23.52 23.45 -15.96
CA GLU C 284 24.46 24.40 -16.55
C GLU C 284 24.20 24.60 -18.05
N PHE C 285 23.27 25.50 -18.38
CA PHE C 285 23.02 25.79 -19.79
C PHE C 285 24.10 26.69 -20.36
N GLU C 286 24.28 26.66 -21.68
CA GLU C 286 25.27 27.53 -22.30
C GLU C 286 24.74 28.97 -22.30
N PRO C 287 25.54 29.91 -21.75
CA PRO C 287 25.07 31.29 -21.63
C PRO C 287 24.92 31.94 -22.99
N ASN C 288 23.93 32.84 -23.13
CA ASN C 288 23.76 33.62 -24.34
C ASN C 288 23.61 32.78 -25.60
N SER C 289 22.88 31.67 -25.51
CA SER C 289 22.91 30.73 -26.62
C SER C 289 21.56 30.42 -27.24
N PHE C 290 20.47 30.69 -26.54
CA PHE C 290 19.16 30.36 -27.08
C PHE C 290 18.42 31.58 -27.63
N ASP C 291 17.80 31.41 -28.79
CA ASP C 291 16.91 32.45 -29.31
C ASP C 291 15.61 32.52 -28.53
N TYR C 292 15.14 31.37 -28.08
CA TYR C 292 13.87 31.25 -27.35
C TYR C 292 14.00 30.34 -26.17
N VAL C 293 13.29 30.68 -25.10
CA VAL C 293 13.07 29.75 -24.01
C VAL C 293 11.57 29.63 -23.85
N PHE C 294 11.07 28.39 -23.89
CA PHE C 294 9.63 28.13 -23.85
C PHE C 294 9.35 27.21 -22.70
N SER C 295 8.29 27.49 -21.94
CA SER C 295 7.91 26.58 -20.87
C SER C 295 6.41 26.53 -20.82
N ARG C 296 5.87 25.33 -21.05
CA ARG C 296 4.44 25.14 -21.19
C ARG C 296 3.89 24.35 -20.00
N ASP C 297 3.29 25.07 -19.06
CA ASP C 297 2.55 24.48 -17.94
C ASP C 297 3.40 23.59 -17.04
N CYS C 298 4.61 24.08 -16.77
CA CYS C 298 5.60 23.38 -15.98
C CYS C 298 5.90 24.12 -14.68
N ILE C 299 6.02 25.44 -14.71
CA ILE C 299 6.74 26.12 -13.61
C ILE C 299 5.97 26.25 -12.30
N GLN C 300 4.69 25.89 -12.30
CA GLN C 300 3.97 25.78 -11.03
C GLN C 300 4.58 24.66 -10.16
N HIS C 301 5.40 23.81 -10.77
CA HIS C 301 6.13 22.78 -10.02
C HIS C 301 7.38 23.36 -9.34
N ILE C 302 7.77 24.56 -9.72
CA ILE C 302 9.06 25.11 -9.32
C ILE C 302 8.93 26.21 -8.26
N LYS C 303 9.54 25.97 -7.09
CA LYS C 303 9.43 26.91 -5.97
C LYS C 303 10.22 28.20 -6.17
N ASP C 304 11.49 28.09 -6.53
CA ASP C 304 12.35 29.27 -6.64
C ASP C 304 12.21 29.92 -8.02
N THR C 305 11.17 30.71 -8.20
CA THR C 305 10.91 31.38 -9.48
C THR C 305 12.03 32.36 -9.81
N ASP C 306 12.55 33.03 -8.78
CA ASP C 306 13.61 34.03 -8.94
C ASP C 306 14.82 33.43 -9.60
N LYS C 307 15.29 32.30 -9.05
CA LYS C 307 16.45 31.62 -9.60
C LYS C 307 16.19 31.12 -11.02
N LEU C 308 15.03 30.51 -11.23
CA LEU C 308 14.70 30.02 -12.58
C LEU C 308 14.78 31.16 -13.60
N PHE C 309 14.19 32.30 -13.26
CA PHE C 309 14.15 33.42 -14.21
C PHE C 309 15.55 33.95 -14.48
N SER C 310 16.42 33.97 -13.46
CA SER C 310 17.79 34.42 -13.68
C SER C 310 18.54 33.44 -14.57
N ARG C 311 18.27 32.15 -14.42
CA ARG C 311 18.93 31.16 -15.28
C ARG C 311 18.44 31.24 -16.72
N ILE C 312 17.15 31.51 -16.89
CA ILE C 312 16.59 31.70 -18.23
C ILE C 312 17.22 32.94 -18.87
N TYR C 313 17.29 34.03 -18.12
CA TYR C 313 17.91 35.27 -18.59
C TYR C 313 19.34 34.99 -19.07
N ARG C 314 20.08 34.23 -18.27
CA ARG C 314 21.45 33.90 -18.59
C ARG C 314 21.54 33.11 -19.89
N ALA C 315 20.63 32.15 -20.07
CA ALA C 315 20.70 31.24 -21.20
C ALA C 315 20.30 31.87 -22.53
N LEU C 316 19.47 32.91 -22.46
CA LEU C 316 18.99 33.60 -23.65
C LEU C 316 20.09 34.42 -24.29
N LYS C 317 20.11 34.45 -25.63
CA LYS C 317 20.94 35.41 -26.34
C LYS C 317 20.39 36.79 -26.05
N PRO C 318 21.24 37.84 -26.11
CA PRO C 318 20.67 39.21 -26.07
C PRO C 318 19.65 39.37 -27.19
N GLY C 319 18.48 39.93 -26.85
CA GLY C 319 17.40 40.08 -27.80
C GLY C 319 16.48 38.87 -27.87
N GLY C 320 16.87 37.79 -27.20
CA GLY C 320 16.06 36.57 -27.20
C GLY C 320 14.79 36.66 -26.37
N LYS C 321 13.90 35.71 -26.56
CA LYS C 321 12.55 35.83 -25.99
C LYS C 321 12.21 34.64 -25.13
N VAL C 322 11.55 34.91 -24.00
CA VAL C 322 11.03 33.86 -23.14
C VAL C 322 9.51 33.90 -23.17
N LEU C 323 8.89 32.73 -23.21
CA LEU C 323 7.43 32.63 -23.18
C LEU C 323 7.07 31.46 -22.27
N ILE C 324 6.21 31.73 -21.29
CA ILE C 324 5.84 30.74 -20.28
C ILE C 324 4.33 30.77 -20.06
N THR C 325 3.70 29.59 -20.02
CA THR C 325 2.34 29.50 -19.50
C THR C 325 2.41 28.62 -18.26
N MET C 326 1.52 28.87 -17.31
CA MET C 326 1.60 28.19 -16.04
C MET C 326 0.29 28.24 -15.29
N TYR C 327 0.07 27.27 -14.41
CA TYR C 327 -1.00 27.39 -13.43
C TYR C 327 -0.56 28.48 -12.46
N GLY C 328 -1.48 29.36 -12.09
CA GLY C 328 -1.20 30.41 -11.12
C GLY C 328 -2.34 30.49 -10.14
N VAL C 329 -2.25 31.43 -9.19
CA VAL C 329 -3.31 31.58 -8.20
C VAL C 329 -4.09 32.86 -8.50
N GLY C 330 -5.41 32.80 -8.35
CA GLY C 330 -6.25 33.95 -8.59
C GLY C 330 -6.38 34.88 -7.39
N HIS C 331 -7.37 35.77 -7.43
CA HIS C 331 -7.51 36.79 -6.38
C HIS C 331 -8.73 36.57 -5.50
N GLY C 332 -9.36 35.40 -5.62
CA GLY C 332 -10.52 35.06 -4.81
C GLY C 332 -10.12 34.35 -3.52
N THR C 333 -11.09 34.17 -2.63
CA THR C 333 -10.82 33.49 -1.37
C THR C 333 -10.61 32.00 -1.63
N LEU C 334 -9.48 31.48 -1.15
CA LEU C 334 -9.11 30.09 -1.44
C LEU C 334 -9.99 29.10 -0.68
N SER C 335 -10.62 28.19 -1.41
CA SER C 335 -11.43 27.15 -0.78
C SER C 335 -10.55 26.09 -0.14
N GLU C 336 -11.12 25.29 0.76
CA GLU C 336 -10.36 24.23 1.40
C GLU C 336 -9.95 23.16 0.40
N SER C 337 -10.83 22.88 -0.56
CA SER C 337 -10.57 21.88 -1.58
C SER C 337 -9.39 22.27 -2.46
N PHE C 338 -9.30 23.55 -2.80
CA PHE C 338 -8.21 24.06 -3.62
C PHE C 338 -6.88 23.98 -2.88
N LYS C 339 -6.86 24.37 -1.62
CA LYS C 339 -5.63 24.30 -0.83
C LYS C 339 -5.11 22.86 -0.75
N GLU C 340 -6.02 21.91 -0.63
CA GLU C 340 -5.65 20.50 -0.58
C GLU C 340 -5.08 20.04 -1.90
N TYR C 341 -5.75 20.43 -2.99
CA TYR C 341 -5.27 20.16 -4.33
C TYR C 341 -3.87 20.72 -4.51
N VAL C 342 -3.67 21.98 -4.13
CA VAL C 342 -2.35 22.61 -4.23
C VAL C 342 -1.29 21.90 -3.37
N SER C 343 -1.65 21.54 -2.14
CA SER C 343 -0.70 20.88 -1.25
C SER C 343 -0.31 19.49 -1.76
N GLN C 344 -1.30 18.75 -2.25
CA GLN C 344 -1.09 17.40 -2.77
C GLN C 344 -0.24 17.42 -4.04
N ARG C 345 -0.46 18.42 -4.88
CA ARG C 345 0.33 18.55 -6.11
C ARG C 345 1.70 19.17 -5.82
N GLN C 346 1.85 19.74 -4.62
CA GLN C 346 3.02 20.54 -4.28
C GLN C 346 3.28 21.65 -5.31
N TYR C 347 2.21 22.30 -5.75
CA TYR C 347 2.34 23.46 -6.63
C TYR C 347 2.77 24.69 -5.83
N TYR C 348 3.56 25.55 -6.45
CA TYR C 348 3.94 26.83 -5.87
C TYR C 348 3.40 27.92 -6.79
N LEU C 349 2.17 28.35 -6.51
CA LEU C 349 1.47 29.24 -7.40
C LEU C 349 1.80 30.71 -7.14
N LYS C 350 1.98 31.46 -8.22
CA LYS C 350 2.17 32.91 -8.17
C LYS C 350 1.00 33.56 -8.88
N ASN C 351 0.76 34.84 -8.60
CA ASN C 351 -0.17 35.61 -9.43
C ASN C 351 0.58 36.40 -10.50
N LEU C 352 -0.14 37.03 -11.42
CA LEU C 352 0.50 37.73 -12.53
C LEU C 352 1.40 38.87 -12.05
N GLU C 353 0.93 39.62 -11.06
CA GLU C 353 1.71 40.74 -10.50
C GLU C 353 3.08 40.29 -9.97
N GLN C 354 3.10 39.14 -9.28
CA GLN C 354 4.35 38.60 -8.77
C GLN C 354 5.30 38.20 -9.90
N ILE C 355 4.76 37.60 -10.94
CA ILE C 355 5.57 37.19 -12.08
C ILE C 355 6.17 38.42 -12.75
N GLU C 356 5.36 39.48 -12.87
CA GLU C 356 5.82 40.71 -13.49
C GLU C 356 6.96 41.35 -12.71
N GLU C 357 6.84 41.38 -11.38
CA GLU C 357 7.89 41.96 -10.55
C GLU C 357 9.18 41.15 -10.56
N ILE C 358 9.05 39.82 -10.61
CA ILE C 358 10.24 38.97 -10.70
C ILE C 358 10.96 39.18 -12.04
N ALA C 359 10.20 39.29 -13.12
CA ALA C 359 10.79 39.52 -14.45
C ALA C 359 11.51 40.86 -14.51
N LYS C 360 10.90 41.90 -13.95
CA LYS C 360 11.52 43.23 -13.96
C LYS C 360 12.84 43.19 -13.20
N LYS C 361 12.81 42.58 -12.02
CA LYS C 361 13.99 42.44 -11.17
C LYS C 361 15.11 41.67 -11.87
N THR C 362 14.74 40.73 -12.73
CA THR C 362 15.72 39.90 -13.43
C THR C 362 16.40 40.68 -14.56
N GLY C 363 15.73 41.71 -15.07
CA GLY C 363 16.29 42.53 -16.12
C GLY C 363 15.58 42.40 -17.45
N PHE C 364 14.48 41.64 -17.47
CA PHE C 364 13.71 41.48 -18.69
C PHE C 364 13.06 42.79 -19.09
N ILE C 365 12.90 43.01 -20.39
CA ILE C 365 12.11 44.13 -20.89
C ILE C 365 10.96 43.64 -21.78
N ASP C 366 10.14 44.56 -22.27
CA ASP C 366 8.97 44.22 -23.10
C ASP C 366 8.10 43.13 -22.50
N ILE C 367 7.87 43.22 -21.19
CA ILE C 367 7.14 42.19 -20.48
C ILE C 367 5.64 42.19 -20.81
N GLU C 368 5.14 41.04 -21.24
CA GLU C 368 3.71 40.87 -21.49
C GLU C 368 3.17 39.87 -20.48
N VAL C 369 2.07 40.20 -19.82
CA VAL C 369 1.38 39.23 -18.98
C VAL C 369 -0.09 39.13 -19.40
N GLU C 370 -0.67 37.93 -19.32
CA GLU C 370 -2.10 37.78 -19.62
C GLU C 370 -2.75 36.75 -18.72
N ASN C 371 -3.95 37.07 -18.26
CA ASN C 371 -4.80 36.12 -17.56
C ASN C 371 -5.64 35.37 -18.60
N MET C 372 -5.26 34.11 -18.87
CA MET C 372 -5.94 33.31 -19.89
C MET C 372 -6.91 32.32 -19.27
N THR C 373 -7.34 32.61 -18.04
CA THR C 373 -8.28 31.74 -17.37
C THR C 373 -9.57 31.48 -18.15
N PRO C 374 -10.15 32.51 -18.82
CA PRO C 374 -11.36 32.18 -19.61
C PRO C 374 -11.12 31.14 -20.71
N ARG C 375 -9.96 31.18 -21.36
CA ARG C 375 -9.62 30.16 -22.35
C ARG C 375 -9.43 28.80 -21.66
N PHE C 376 -8.77 28.81 -20.51
CA PHE C 376 -8.57 27.59 -19.73
C PHE C 376 -9.91 26.92 -19.40
N LYS C 377 -10.89 27.72 -19.01
CA LYS C 377 -12.22 27.19 -18.72
C LYS C 377 -12.82 26.54 -19.97
N GLU C 378 -12.66 27.20 -21.12
CA GLU C 378 -13.20 26.65 -22.37
C GLU C 378 -12.55 25.32 -22.70
N ILE C 379 -11.23 25.26 -22.49
CA ILE C 379 -10.48 24.05 -22.76
C ILE C 379 -10.92 22.91 -21.83
N LEU C 380 -11.06 23.21 -20.54
CA LEU C 380 -11.51 22.22 -19.57
C LEU C 380 -12.89 21.68 -19.94
N LEU C 381 -13.77 22.57 -20.37
CA LEU C 381 -15.12 22.17 -20.78
C LEU C 381 -15.08 21.26 -22.00
N GLU C 382 -14.26 21.63 -22.98
CA GLU C 382 -14.13 20.84 -24.20
C GLU C 382 -13.51 19.47 -23.89
N GLU C 383 -12.47 19.47 -23.07
CA GLU C 383 -11.81 18.21 -22.70
C GLU C 383 -12.72 17.28 -21.91
N ARG C 384 -13.46 17.85 -20.97
CA ARG C 384 -14.39 17.04 -20.18
C ARG C 384 -15.49 16.42 -21.03
N GLU C 385 -16.00 17.18 -21.98
CA GLU C 385 -17.07 16.67 -22.85
C GLU C 385 -16.51 15.57 -23.75
N ARG C 386 -15.25 15.71 -24.15
CA ARG C 386 -14.64 14.74 -25.03
C ARG C 386 -14.44 13.40 -24.33
N ILE C 387 -14.00 13.42 -23.08
CA ILE C 387 -13.76 12.16 -22.37
C ILE C 387 -15.04 11.49 -21.92
N GLU C 388 -16.00 12.28 -21.43
CA GLU C 388 -17.26 11.76 -20.92
C GLU C 388 -17.97 10.99 -22.02
N GLN C 389 -17.86 11.50 -23.24
CA GLN C 389 -18.54 10.91 -24.38
C GLN C 389 -17.91 9.59 -24.83
N ASP C 390 -16.59 9.54 -24.83
CA ASP C 390 -15.87 8.33 -25.24
C ASP C 390 -15.31 7.57 -24.03
N LYS C 391 -16.13 7.47 -22.98
CA LYS C 391 -15.69 6.82 -21.75
C LYS C 391 -15.38 5.33 -21.94
N GLU C 392 -16.08 4.70 -22.88
CA GLU C 392 -15.90 3.28 -23.16
C GLU C 392 -14.48 2.94 -23.62
N THR C 393 -13.98 3.68 -24.62
CA THR C 393 -12.64 3.46 -25.14
C THR C 393 -11.61 3.74 -24.05
N PHE C 394 -11.87 4.75 -23.23
CA PHE C 394 -10.96 5.07 -22.13
C PHE C 394 -10.91 3.94 -21.13
N LEU C 395 -12.08 3.50 -20.65
CA LEU C 395 -12.17 2.40 -19.70
C LEU C 395 -11.58 1.11 -20.28
N ALA C 396 -11.37 1.08 -21.59
CA ALA C 396 -10.80 -0.08 -22.26
C ALA C 396 -9.27 -0.11 -22.12
N LYS C 397 -8.66 1.05 -21.91
CA LYS C 397 -7.20 1.13 -21.77
C LYS C 397 -6.75 1.43 -20.35
N PHE C 398 -7.61 2.07 -19.56
CA PHE C 398 -7.22 2.50 -18.22
C PHE C 398 -8.25 2.10 -17.17
N SER C 399 -7.85 2.17 -15.90
CA SER C 399 -8.74 1.77 -14.80
C SER C 399 -9.87 2.77 -14.60
N GLN C 400 -11.00 2.28 -14.07
CA GLN C 400 -12.13 3.13 -13.72
C GLN C 400 -11.65 4.18 -12.73
N ASN C 401 -10.72 3.76 -11.89
CA ASN C 401 -10.06 4.62 -10.93
C ASN C 401 -9.38 5.82 -11.61
N ALA C 402 -8.84 5.60 -12.81
CA ALA C 402 -8.21 6.67 -13.56
C ALA C 402 -9.25 7.59 -14.20
N TYR C 403 -10.26 7.01 -14.84
CA TYR C 403 -11.32 7.77 -15.49
C TYR C 403 -12.01 8.73 -14.53
N ASP C 404 -12.39 8.21 -13.35
CA ASP C 404 -13.09 9.01 -12.37
C ASP C 404 -12.20 10.10 -11.82
N GLY C 405 -10.91 9.80 -11.70
CA GLY C 405 -9.91 10.79 -11.31
C GLY C 405 -9.85 11.95 -12.29
N LEU C 406 -10.01 11.64 -13.58
CA LEU C 406 -10.00 12.68 -14.61
C LEU C 406 -11.30 13.49 -14.60
N VAL C 407 -12.43 12.79 -14.52
CA VAL C 407 -13.72 13.47 -14.53
C VAL C 407 -13.87 14.41 -13.32
N SER C 408 -13.54 13.90 -12.14
CA SER C 408 -13.66 14.69 -10.93
C SER C 408 -12.55 15.74 -10.86
N GLY C 409 -11.38 15.40 -11.42
CA GLY C 409 -10.30 16.35 -11.49
C GLY C 409 -10.69 17.56 -12.32
N TRP C 410 -11.31 17.32 -13.46
CA TRP C 410 -11.71 18.39 -14.35
C TRP C 410 -12.90 19.16 -13.77
N LYS C 411 -13.85 18.46 -13.16
CA LYS C 411 -14.95 19.12 -12.47
C LYS C 411 -14.40 20.06 -11.40
N SER C 412 -13.40 19.57 -10.67
CA SER C 412 -12.80 20.33 -9.57
C SER C 412 -12.14 21.60 -10.06
N LYS C 413 -11.31 21.50 -11.11
CA LYS C 413 -10.68 22.68 -11.68
C LYS C 413 -11.70 23.72 -12.14
N LEU C 414 -12.81 23.27 -12.71
CA LEU C 414 -13.88 24.20 -13.11
C LEU C 414 -14.43 24.96 -11.91
N GLN C 415 -14.56 24.28 -10.77
CA GLN C 415 -14.96 24.95 -9.54
C GLN C 415 -13.88 25.90 -9.04
N TYR C 416 -12.62 25.47 -9.08
CA TYR C 416 -11.50 26.32 -8.67
C TYR C 416 -11.47 27.62 -9.48
N ILE C 417 -11.79 27.51 -10.77
CA ILE C 417 -11.85 28.69 -11.62
C ILE C 417 -13.01 29.58 -11.19
N ALA C 418 -14.15 28.95 -10.91
CA ALA C 418 -15.35 29.67 -10.53
C ALA C 418 -15.13 30.54 -9.30
N ASP C 419 -14.32 30.06 -8.37
CA ASP C 419 -14.01 30.78 -7.14
C ASP C 419 -12.84 31.75 -7.32
N ASP C 420 -12.36 31.86 -8.56
CA ASP C 420 -11.11 32.57 -8.87
C ASP C 420 -9.93 32.14 -8.01
N ASN C 421 -9.83 30.84 -7.77
CA ASN C 421 -8.66 30.28 -7.10
C ASN C 421 -7.59 29.89 -8.13
N HIS C 422 -8.00 29.06 -9.09
CA HIS C 422 -7.12 28.55 -10.13
C HIS C 422 -7.12 29.50 -11.32
N ASN C 423 -5.93 29.92 -11.76
CA ASN C 423 -5.80 30.76 -12.95
C ASN C 423 -4.82 30.14 -13.92
N TRP C 424 -4.95 30.48 -15.20
CA TRP C 424 -4.00 30.02 -16.20
C TRP C 424 -3.31 31.25 -16.76
N ASN C 425 -2.01 31.40 -16.51
CA ASN C 425 -1.33 32.66 -16.78
C ASN C 425 -0.32 32.55 -17.91
N PHE C 426 -0.19 33.65 -18.66
CA PHE C 426 0.76 33.80 -19.76
C PHE C 426 1.79 34.88 -19.42
N PHE C 427 3.06 34.60 -19.71
CA PHE C 427 4.14 35.57 -19.50
C PHE C 427 5.08 35.52 -20.69
N ALA C 428 5.46 36.68 -21.21
CA ALA C 428 6.52 36.73 -22.21
C ALA C 428 7.40 37.96 -21.96
N ALA C 429 8.68 37.84 -22.27
CA ALA C 429 9.57 38.98 -22.14
C ALA C 429 10.80 38.81 -23.04
N VAL C 430 11.60 39.87 -23.15
CA VAL C 430 12.80 39.76 -23.96
C VAL C 430 14.04 40.19 -23.17
N LYS C 431 15.18 39.61 -23.54
CA LYS C 431 16.45 39.96 -22.94
C LYS C 431 16.96 41.19 -23.69
N PRO C 432 17.39 42.22 -22.96
CA PRO C 432 17.82 43.46 -23.62
C PRO C 432 18.98 43.28 -24.59
N GLN C 433 18.99 44.14 -25.63
CA GLN C 433 20.05 44.34 -26.64
C GLN C 433 19.86 43.72 -28.04
N SAH D . 8.36 -0.87 20.63
CA SAH D . 8.86 0.38 20.02
CB SAH D . 8.80 1.55 21.08
CG SAH D . 9.72 1.47 22.29
SD SAH D . 9.50 2.85 23.44
C SAH D . 10.20 0.18 19.40
O SAH D . 10.70 -0.93 19.37
OXT SAH D . 10.68 1.08 18.74
C5' SAH D . 8.32 2.35 24.69
C4' SAH D . 6.96 2.69 24.44
O4' SAH D . 6.12 2.01 25.42
C3' SAH D . 6.73 4.13 24.65
O3' SAH D . 6.26 4.70 23.44
C2' SAH D . 5.70 4.23 25.69
O2' SAH D . 4.80 5.28 25.46
C1' SAH D . 5.05 2.88 25.62
N9 SAH D . 4.27 2.54 26.86
C8 SAH D . 4.72 2.55 28.14
N7 SAH D . 3.73 2.12 28.93
C5 SAH D . 2.66 1.82 28.17
C6 SAH D . 1.38 1.34 28.46
N6 SAH D . 0.98 1.08 29.74
N1 SAH D . 0.53 1.15 27.42
C2 SAH D . 0.89 1.40 26.16
N3 SAH D . 2.12 1.86 25.85
C4 SAH D . 3.01 2.09 26.83
O4 1SH E . 17.79 4.02 27.49
O4 1SH E . 17.80 4.01 27.53
O4 1SH E . 17.80 4.02 27.50
P1 1SH E . 16.76 5.07 27.88
P1 1SH E . 16.76 5.05 27.91
P1 1SH E . 16.75 5.05 27.88
O1 1SH E . 16.47 5.02 29.32
O1 1SH E . 16.44 5.02 29.35
O1 1SH E . 16.52 5.02 29.34
O3 1SH E . 17.29 6.50 27.49
O3 1SH E . 17.27 6.49 27.51
O3 1SH E . 17.24 6.49 27.47
O2 1SH E . 15.41 4.79 27.10
O2 1SH E . 15.42 4.71 27.13
O2 1SH E . 15.38 4.72 27.14
C1 1SH E . 15.42 4.53 25.79
C1 1SH E . 15.47 4.55 25.80
C1 1SH E . 15.37 4.52 25.82
C2 1SH E . 14.12 3.99 25.20
C2 1SH E . 14.21 4.01 25.14
C2 1SH E . 14.06 4.11 25.16
N1 1SH E . 13.79 2.61 25.45
N1 1SH E . 13.82 2.67 25.47
N1 1SH E . 13.50 2.83 25.51
C3 1SH E . 13.53 2.39 26.83
C3 1SH E . 12.55 2.44 24.89
C3 1SH E . 14.36 1.79 25.09
N SAH F . -22.79 -17.36 -1.88
CA SAH F . -23.01 -16.57 -3.12
CB SAH F . -22.95 -17.53 -4.36
CG SAH F . -23.93 -18.70 -4.38
SD SAH F . -23.77 -19.76 -5.86
C SAH F . -24.26 -15.77 -3.03
O SAH F . -24.91 -15.79 -2.00
OXT SAH F . -24.59 -15.07 -3.95
C5' SAH F . -22.87 -21.25 -5.38
C4' SAH F . -21.44 -21.15 -5.46
O4' SAH F . -20.84 -22.29 -4.79
C3' SAH F . -21.03 -21.29 -6.88
O3' SAH F . -20.31 -20.14 -7.25
C2' SAH F . -20.18 -22.49 -6.94
O2' SAH F . -19.10 -22.30 -7.81
C1' SAH F . -19.72 -22.64 -5.54
N9 SAH F . -19.18 -24.02 -5.20
C8 SAH F . -19.77 -25.20 -5.45
N7 SAH F . -18.98 -26.15 -4.95
C5 SAH F . -17.90 -25.59 -4.37
C6 SAH F . -16.78 -26.10 -3.70
N6 SAH F . -16.60 -27.45 -3.50
N1 SAH F . -15.86 -25.24 -3.23
C2 SAH F . -16.01 -23.91 -3.39
N3 SAH F . -17.08 -23.40 -4.02
C4 SAH F . -18.04 -24.20 -4.52
O4 1SH G . -31.12 -24.48 -9.41
O4 1SH G . -31.15 -24.51 -9.40
O4 1SH G . -31.22 -24.47 -9.41
P1 1SH G . -31.20 -22.99 -9.41
P1 1SH G . -31.19 -23.02 -9.38
P1 1SH G . -31.21 -23.00 -9.38
O1 1SH G . -32.30 -22.55 -8.45
O1 1SH G . -32.33 -22.58 -8.45
O1 1SH G . -32.30 -22.51 -8.45
O3 1SH G . -31.50 -22.46 -10.86
O3 1SH G . -31.45 -22.47 -10.84
O3 1SH G . -31.48 -22.45 -10.84
O2 1SH G . -29.80 -22.43 -8.91
O2 1SH G . -29.82 -22.47 -8.81
O2 1SH G . -29.79 -22.49 -8.85
C1 1SH G . -29.66 -21.14 -8.59
C1 1SH G . -29.67 -21.15 -8.65
C1 1SH G . -29.58 -21.19 -8.67
C2 1SH G . -28.35 -20.77 -7.88
C2 1SH G . -28.40 -20.71 -7.95
C2 1SH G . -28.26 -20.77 -8.01
N1 1SH G . -28.21 -21.19 -6.52
N1 1SH G . -28.17 -21.27 -6.64
N1 1SH G . -27.96 -21.34 -6.71
C3 1SH G . -28.11 -22.61 -6.43
C3 1SH G . -26.93 -20.78 -6.15
C3 1SH G . -28.90 -20.88 -5.75
N SAH H . 5.41 21.06 -21.65
CA SAH H . 4.86 19.71 -21.90
CB SAH H . 4.80 18.92 -20.54
CG SAH H . 3.97 19.55 -19.42
SD SAH H . 3.99 18.68 -17.82
C SAH H . 3.57 19.77 -22.62
O SAH H . 3.00 18.72 -22.84
OXT SAH H . 3.15 20.82 -23.07
C5' SAH H . 5.23 19.47 -16.77
C4' SAH H . 6.57 18.99 -16.86
O4' SAH H . 7.40 19.86 -16.08
C3' SAH H . 6.66 17.65 -16.21
O3' SAH H . 7.09 16.68 -17.16
C2' SAH H . 7.61 17.82 -15.12
O2' SAH H . 8.44 16.69 -14.97
C1' SAH H . 8.38 19.02 -15.54
N9 SAH H . 9.15 19.67 -14.43
C8 SAH H . 8.73 20.11 -13.22
N7 SAH H . 9.76 20.70 -12.61
C5 SAH H . 10.83 20.65 -13.42
C6 SAH H . 12.16 21.10 -13.32
N6 SAH H . 12.59 21.75 -12.19
N1 SAH H . 13.00 20.89 -14.36
C2 SAH H . 12.60 20.26 -15.47
N3 SAH H . 11.33 19.82 -15.60
C4 SAH H . 10.44 20.00 -14.60
O4 1SH I . -4.39 19.82 -13.73
O4 1SH I . -4.37 19.84 -13.79
P1 1SH I . -3.48 18.83 -13.03
P1 1SH I . -3.45 18.85 -13.09
O1 1SH I . -4.15 17.41 -12.96
O1 1SH I . -4.11 17.42 -13.05
O3 1SH I . -3.14 19.32 -11.68
O3 1SH I . -3.14 19.33 -11.73
O2 1SH I . -2.11 18.74 -13.84
O2 1SH I . -2.07 18.77 -13.89
C1 1SH I . -2.14 18.48 -15.15
C1 1SH I . -2.09 18.51 -15.20
C2 1SH I . -0.80 18.58 -15.85
C2 1SH I . -0.74 18.51 -15.90
N1 1SH I . -0.12 19.84 -15.69
N1 1SH I . -0.01 19.75 -15.87
C3 1SH I . 1.07 19.82 -16.48
C3 1SH I . -0.68 20.72 -16.65
#